data_8K5L
#
_entry.id   8K5L
#
_cell.length_a   58.955
_cell.length_b   58.980
_cell.length_c   139.690
_cell.angle_alpha   90.03
_cell.angle_beta   90.03
_cell.angle_gamma   90.05
#
_symmetry.space_group_name_H-M   'P 1'
#
loop_
_entity.id
_entity.type
_entity.pdbx_description
1 polymer 'tRNA (cmo5U34)-methyltransferase'
2 water water
#
_entity_poly.entity_id   1
_entity_poly.type   'polypeptide(L)'
_entity_poly.pdbx_seq_one_letter_code
;MKEFTINNYLEDIRKKVPAYDLMLEIIFNSILKIETDISQIKNILSIGGQSFEVKNLSKIYNNSKITIIEPSEIMLNIVK
NECKNLKNLEYIYDKFENYKDNKNFELCLCLLVLQFIEEPQSFLEKIYNSLDSNGLLIISIFSNKQLTYWKEFALSRGAK
KEQVEKTFNNQSEVMNILSPEYVEGLLKESGFSKIERICEVLSTDMWVVRK
;
_entity_poly.pdbx_strand_id   A,B,C,D,E,F,G,H
#
# COMPACT_ATOMS: atom_id res chain seq x y z
N GLU A 11 12.86 -32.17 29.88
CA GLU A 11 13.09 -33.07 28.74
C GLU A 11 14.37 -32.68 28.01
N ASP A 12 14.26 -31.63 27.18
CA ASP A 12 15.42 -31.03 26.55
C ASP A 12 16.09 -29.97 27.42
N ILE A 13 15.37 -29.42 28.40
CA ILE A 13 15.96 -28.40 29.27
C ILE A 13 16.96 -29.02 30.23
N ARG A 14 16.70 -30.25 30.69
CA ARG A 14 17.65 -30.95 31.55
C ARG A 14 18.89 -31.39 30.77
N LYS A 15 18.79 -31.52 29.44
CA LYS A 15 19.96 -31.85 28.63
C LYS A 15 20.87 -30.65 28.38
N LYS A 16 20.37 -29.44 28.63
CA LYS A 16 21.11 -28.21 28.35
C LYS A 16 21.58 -27.47 29.59
N VAL A 17 21.02 -27.75 30.76
CA VAL A 17 21.32 -27.01 31.97
C VAL A 17 21.92 -27.97 32.98
N PRO A 18 23.23 -27.91 33.21
CA PRO A 18 23.80 -28.71 34.30
C PRO A 18 23.16 -28.32 35.62
N ALA A 19 23.00 -29.32 36.48
CA ALA A 19 22.42 -29.18 37.83
C ALA A 19 20.96 -28.70 37.80
N TYR A 20 20.23 -28.87 36.69
CA TYR A 20 18.82 -28.46 36.67
C TYR A 20 18.05 -29.12 37.81
N ASP A 21 18.05 -30.46 37.84
CA ASP A 21 17.34 -31.17 38.89
C ASP A 21 17.96 -30.88 40.26
N LEU A 22 19.29 -30.82 40.30
CA LEU A 22 20.00 -30.57 41.55
C LEU A 22 19.62 -29.23 42.15
N MET A 23 19.58 -28.18 41.33
CA MET A 23 19.18 -26.86 41.83
C MET A 23 17.80 -26.92 42.48
N LEU A 24 16.85 -27.59 41.82
CA LEU A 24 15.51 -27.68 42.38
C LEU A 24 15.50 -28.45 43.69
N GLU A 25 16.24 -29.57 43.75
CA GLU A 25 16.30 -30.36 44.97
C GLU A 25 16.86 -29.53 46.12
N ILE A 26 17.87 -28.70 45.85
CA ILE A 26 18.47 -27.89 46.91
C ILE A 26 17.49 -26.85 47.42
N ILE A 27 16.74 -26.21 46.52
CA ILE A 27 15.75 -25.22 46.94
C ILE A 27 14.72 -25.85 47.87
N PHE A 28 14.11 -26.96 47.44
CA PHE A 28 12.96 -27.49 48.13
C PHE A 28 13.32 -28.42 49.28
N ASN A 29 14.52 -29.00 49.30
CA ASN A 29 14.92 -29.88 50.39
C ASN A 29 15.81 -29.19 51.42
N SER A 30 16.33 -28.01 51.12
CA SER A 30 17.25 -27.34 52.04
C SER A 30 16.96 -25.85 52.19
N ILE A 31 17.08 -25.07 51.12
CA ILE A 31 17.12 -23.61 51.26
C ILE A 31 15.85 -23.09 51.93
N LEU A 32 14.70 -23.51 51.41
CA LEU A 32 13.45 -22.97 51.90
C LEU A 32 13.18 -23.42 53.34
N LYS A 33 13.56 -24.66 53.67
CA LYS A 33 13.49 -25.14 55.05
C LYS A 33 14.26 -24.22 55.99
N ILE A 34 15.45 -23.78 55.58
CA ILE A 34 16.31 -23.00 56.46
C ILE A 34 15.90 -21.53 56.49
N GLU A 35 15.49 -20.97 55.35
CA GLU A 35 15.32 -19.53 55.21
C GLU A 35 13.90 -19.04 55.40
N THR A 36 12.91 -19.93 55.46
CA THR A 36 11.53 -19.48 55.56
C THR A 36 10.80 -20.22 56.67
N ASP A 37 9.84 -19.51 57.25
CA ASP A 37 8.91 -20.02 58.23
C ASP A 37 7.55 -20.13 57.53
N ILE A 38 7.02 -21.35 57.45
CA ILE A 38 5.78 -21.57 56.70
C ILE A 38 4.66 -20.65 57.20
N SER A 39 4.64 -20.36 58.50
CA SER A 39 3.60 -19.51 59.05
C SER A 39 3.69 -18.08 58.54
N GLN A 40 4.91 -17.58 58.31
CA GLN A 40 5.08 -16.19 57.92
C GLN A 40 5.01 -15.97 56.41
N ILE A 41 4.89 -17.03 55.63
CA ILE A 41 4.85 -16.94 54.17
C ILE A 41 3.38 -16.83 53.78
N LYS A 42 2.94 -15.61 53.47
CA LYS A 42 1.59 -15.36 52.99
C LYS A 42 1.50 -15.43 51.46
N ASN A 43 2.29 -14.61 50.78
CA ASN A 43 2.24 -14.47 49.33
C ASN A 43 3.58 -14.85 48.70
N ILE A 44 3.53 -15.70 47.68
CA ILE A 44 4.69 -16.17 46.95
C ILE A 44 4.57 -15.72 45.50
N LEU A 45 5.66 -15.17 44.96
CA LEU A 45 5.71 -14.75 43.56
C LEU A 45 6.57 -15.73 42.77
N SER A 46 5.95 -16.41 41.80
CA SER A 46 6.64 -17.31 40.89
C SER A 46 6.71 -16.64 39.51
N ILE A 47 7.92 -16.36 39.04
CA ILE A 47 8.14 -15.68 37.76
C ILE A 47 8.72 -16.68 36.78
N GLY A 48 8.01 -16.94 35.68
CA GLY A 48 8.52 -17.83 34.64
C GLY A 48 8.68 -19.27 35.10
N GLY A 49 7.95 -19.67 36.12
CA GLY A 49 8.12 -21.00 36.69
C GLY A 49 7.56 -22.10 35.82
N GLN A 50 8.17 -23.28 35.97
CA GLN A 50 7.64 -24.51 35.40
C GLN A 50 6.69 -25.18 36.39
N SER A 51 5.90 -26.13 35.89
CA SER A 51 4.90 -26.77 36.73
C SER A 51 5.51 -27.46 37.94
N PHE A 52 6.69 -28.09 37.78
CA PHE A 52 7.30 -28.78 38.92
C PHE A 52 7.53 -27.82 40.09
N GLU A 53 8.08 -26.64 39.81
CA GLU A 53 8.32 -25.71 40.90
C GLU A 53 7.03 -25.15 41.47
N VAL A 54 6.02 -24.90 40.62
CA VAL A 54 4.72 -24.46 41.12
C VAL A 54 4.12 -25.51 42.05
N LYS A 55 4.15 -26.78 41.61
CA LYS A 55 3.59 -27.87 42.41
C LYS A 55 4.31 -28.04 43.75
N ASN A 56 5.64 -27.89 43.77
CA ASN A 56 6.36 -28.03 45.04
C ASN A 56 6.10 -26.84 45.95
N LEU A 57 6.07 -25.61 45.41
CA LEU A 57 5.68 -24.46 46.22
C LEU A 57 4.29 -24.64 46.81
N SER A 58 3.37 -25.21 46.02
CA SER A 58 2.00 -25.41 46.50
C SER A 58 1.96 -26.40 47.66
N LYS A 59 2.75 -27.47 47.57
CA LYS A 59 2.72 -28.52 48.57
C LYS A 59 3.37 -28.06 49.87
N ILE A 60 4.45 -27.28 49.77
CA ILE A 60 5.16 -26.81 50.96
C ILE A 60 4.37 -25.72 51.66
N TYR A 61 3.76 -24.81 50.90
CA TYR A 61 3.09 -23.65 51.48
C TYR A 61 1.60 -23.66 51.18
N ASN A 62 0.89 -24.70 51.65
CA ASN A 62 -0.51 -24.87 51.28
C ASN A 62 -1.41 -23.72 51.72
N ASN A 63 -1.06 -23.01 52.78
CA ASN A 63 -1.85 -21.88 53.23
C ASN A 63 -1.46 -20.57 52.56
N SER A 64 -0.51 -20.59 51.63
CA SER A 64 -0.08 -19.38 50.95
C SER A 64 -0.77 -19.26 49.60
N LYS A 65 -0.85 -18.04 49.09
CA LYS A 65 -1.26 -17.80 47.72
C LYS A 65 -0.01 -17.67 46.84
N ILE A 66 0.03 -18.44 45.77
CA ILE A 66 1.12 -18.43 44.81
C ILE A 66 0.68 -17.66 43.57
N THR A 67 1.33 -16.53 43.31
CA THR A 67 1.05 -15.71 42.12
C THR A 67 1.96 -16.15 40.99
N ILE A 68 1.36 -16.54 39.87
CA ILE A 68 2.06 -17.11 38.72
C ILE A 68 2.10 -16.07 37.60
N ILE A 69 3.30 -15.70 37.16
CA ILE A 69 3.46 -14.78 36.04
C ILE A 69 4.40 -15.42 35.03
N GLU A 70 3.98 -15.45 33.77
CA GLU A 70 4.72 -16.09 32.68
C GLU A 70 4.95 -15.07 31.57
N PRO A 71 6.01 -15.25 30.78
CA PRO A 71 6.34 -14.25 29.75
C PRO A 71 5.39 -14.23 28.56
N SER A 72 4.48 -15.20 28.44
CA SER A 72 3.51 -15.18 27.34
C SER A 72 2.24 -15.89 27.77
N GLU A 73 1.14 -15.57 27.11
CA GLU A 73 -0.10 -16.32 27.34
C GLU A 73 0.07 -17.80 27.00
N ILE A 74 0.86 -18.12 25.98
CA ILE A 74 1.02 -19.53 25.61
C ILE A 74 1.67 -20.29 26.76
N MET A 75 2.74 -19.73 27.35
CA MET A 75 3.39 -20.41 28.46
C MET A 75 2.50 -20.42 29.69
N LEU A 76 1.74 -19.35 29.92
CA LEU A 76 0.79 -19.33 31.03
C LEU A 76 -0.20 -20.49 30.90
N ASN A 77 -0.69 -20.72 29.68
CA ASN A 77 -1.69 -21.77 29.49
C ASN A 77 -1.09 -23.16 29.72
N ILE A 78 0.13 -23.40 29.24
CA ILE A 78 0.76 -24.69 29.50
C ILE A 78 0.83 -24.95 31.00
N VAL A 79 1.27 -23.96 31.77
CA VAL A 79 1.45 -24.15 33.20
C VAL A 79 0.11 -24.31 33.90
N LYS A 80 -0.90 -23.58 33.45
CA LYS A 80 -2.23 -23.67 34.06
C LYS A 80 -2.84 -25.06 33.84
N ASN A 81 -2.65 -25.62 32.64
CA ASN A 81 -3.14 -26.98 32.39
C ASN A 81 -2.46 -27.99 33.29
N GLU A 82 -1.15 -27.87 33.45
CA GLU A 82 -0.41 -28.84 34.25
C GLU A 82 -0.69 -28.71 35.74
N CYS A 83 -1.28 -27.59 36.19
CA CYS A 83 -1.57 -27.38 37.61
C CYS A 83 -3.07 -27.26 37.86
N LYS A 84 -3.88 -27.90 37.02
CA LYS A 84 -5.31 -27.60 36.96
C LYS A 84 -6.03 -27.82 38.29
N ASN A 85 -5.52 -28.73 39.13
CA ASN A 85 -6.22 -29.10 40.35
C ASN A 85 -5.79 -28.32 41.58
N LEU A 86 -4.64 -27.65 41.55
CA LEU A 86 -4.14 -26.95 42.72
C LEU A 86 -5.07 -25.80 43.09
N LYS A 87 -5.15 -25.49 44.39
CA LYS A 87 -6.18 -24.60 44.90
C LYS A 87 -5.67 -23.25 45.39
N ASN A 88 -4.36 -23.03 45.45
CA ASN A 88 -3.86 -21.79 46.03
C ASN A 88 -3.09 -20.95 45.00
N LEU A 89 -3.45 -21.05 43.72
CA LEU A 89 -2.74 -20.35 42.65
C LEU A 89 -3.57 -19.17 42.16
N GLU A 90 -2.89 -18.07 41.87
CA GLU A 90 -3.49 -16.96 41.15
C GLU A 90 -2.65 -16.72 39.91
N TYR A 91 -3.31 -16.63 38.76
CA TYR A 91 -2.63 -16.38 37.49
C TYR A 91 -2.78 -14.92 37.11
N ILE A 92 -1.68 -14.30 36.67
CA ILE A 92 -1.68 -12.95 36.13
C ILE A 92 -1.66 -13.07 34.61
N TYR A 93 -2.63 -12.45 33.94
CA TYR A 93 -2.73 -12.56 32.48
C TYR A 93 -2.05 -11.37 31.80
N ASP A 94 -0.78 -11.20 32.15
CA ASP A 94 0.10 -10.21 31.54
C ASP A 94 1.53 -10.61 31.91
N LYS A 95 2.50 -9.97 31.28
CA LYS A 95 3.90 -10.24 31.63
C LYS A 95 4.31 -9.38 32.83
N PHE A 96 5.41 -9.80 33.46
CA PHE A 96 5.83 -9.19 34.73
C PHE A 96 6.13 -7.70 34.59
N GLU A 97 6.65 -7.30 33.42
CA GLU A 97 6.98 -5.89 33.19
C GLU A 97 5.75 -5.01 33.33
N ASN A 98 4.57 -5.56 33.04
CA ASN A 98 3.31 -4.81 33.09
C ASN A 98 2.51 -5.04 34.36
N TYR A 99 2.97 -5.94 35.23
CA TYR A 99 2.28 -6.27 36.46
C TYR A 99 2.49 -5.16 37.50
N LYS A 100 1.40 -4.53 37.93
CA LYS A 100 1.45 -3.37 38.83
C LYS A 100 0.44 -3.60 39.94
N ASP A 101 0.89 -4.22 41.03
CA ASP A 101 0.03 -4.57 42.15
C ASP A 101 0.80 -4.31 43.45
N ASN A 102 0.16 -3.61 44.39
CA ASN A 102 0.74 -3.30 45.70
C ASN A 102 1.07 -4.54 46.51
N LYS A 103 0.62 -5.72 46.10
CA LYS A 103 0.86 -6.94 46.87
C LYS A 103 2.35 -7.10 47.12
N ASN A 104 2.72 -7.26 48.38
CA ASN A 104 4.11 -7.51 48.69
C ASN A 104 4.25 -8.96 49.12
N PHE A 105 5.35 -9.56 48.70
CA PHE A 105 5.58 -10.99 48.79
C PHE A 105 6.70 -11.25 49.79
N GLU A 106 6.62 -12.39 50.49
CA GLU A 106 7.71 -12.81 51.37
C GLU A 106 8.73 -13.69 50.65
N LEU A 107 8.36 -14.25 49.50
CA LEU A 107 9.23 -15.17 48.77
C LEU A 107 9.02 -14.98 47.27
N CYS A 108 10.11 -15.01 46.51
CA CYS A 108 10.05 -14.97 45.05
C CYS A 108 11.01 -15.98 44.46
N LEU A 109 10.56 -16.76 43.49
CA LEU A 109 11.37 -17.72 42.76
C LEU A 109 11.47 -17.30 41.31
N CYS A 110 12.69 -17.14 40.82
CA CYS A 110 12.94 -16.69 39.45
C CYS A 110 14.07 -17.52 38.87
N LEU A 111 13.72 -18.67 38.31
CA LEU A 111 14.70 -19.71 37.95
C LEU A 111 14.90 -19.75 36.45
N LEU A 112 16.12 -19.46 36.01
CA LEU A 112 16.52 -19.56 34.59
C LEU A 112 15.66 -18.67 33.71
N VAL A 113 15.35 -17.46 34.21
CA VAL A 113 14.51 -16.50 33.51
C VAL A 113 15.32 -15.30 33.01
N LEU A 114 16.25 -14.80 33.83
CA LEU A 114 16.89 -13.51 33.58
C LEU A 114 17.60 -13.45 32.23
N GLN A 115 18.15 -14.57 31.76
CA GLN A 115 18.83 -14.55 30.47
C GLN A 115 17.85 -14.35 29.31
N PHE A 116 16.55 -14.37 29.57
CA PHE A 116 15.54 -14.15 28.54
C PHE A 116 14.78 -12.82 28.73
N ILE A 117 15.23 -11.98 29.65
CA ILE A 117 14.51 -10.75 30.02
C ILE A 117 15.09 -9.58 29.22
N GLU A 118 14.20 -8.80 28.58
CA GLU A 118 14.66 -7.70 27.73
C GLU A 118 15.45 -6.66 28.53
N GLU A 119 14.99 -6.30 29.74
CA GLU A 119 15.60 -5.22 30.53
C GLU A 119 15.86 -5.74 31.94
N PRO A 120 16.95 -6.49 32.14
CA PRO A 120 17.14 -7.16 33.44
C PRO A 120 17.20 -6.21 34.62
N GLN A 121 17.69 -4.99 34.45
CA GLN A 121 17.87 -4.12 35.60
C GLN A 121 16.53 -3.68 36.19
N SER A 122 15.60 -3.19 35.35
CA SER A 122 14.30 -2.80 35.88
C SER A 122 13.48 -4.02 36.31
N PHE A 123 13.71 -5.17 35.67
CA PHE A 123 13.08 -6.42 36.09
C PHE A 123 13.44 -6.77 37.53
N LEU A 124 14.74 -6.72 37.87
CA LEU A 124 15.15 -7.04 39.24
C LEU A 124 14.69 -5.97 40.23
N GLU A 125 14.71 -4.70 39.84
CA GLU A 125 14.20 -3.65 40.72
C GLU A 125 12.72 -3.87 41.03
N LYS A 126 11.95 -4.34 40.05
CA LYS A 126 10.54 -4.60 40.32
C LYS A 126 10.40 -5.75 41.31
N ILE A 127 11.21 -6.80 41.17
CA ILE A 127 11.20 -7.86 42.17
C ILE A 127 11.50 -7.28 43.55
N TYR A 128 12.56 -6.46 43.64
CA TYR A 128 12.94 -5.86 44.92
C TYR A 128 11.79 -5.09 45.54
N ASN A 129 11.08 -4.31 44.72
CA ASN A 129 9.98 -3.50 45.24
C ASN A 129 8.75 -4.34 45.60
N SER A 130 8.58 -5.49 44.95
CA SER A 130 7.47 -6.38 45.26
C SER A 130 7.70 -7.22 46.50
N LEU A 131 8.94 -7.30 47.00
CA LEU A 131 9.23 -8.13 48.16
C LEU A 131 8.98 -7.36 49.46
N ASP A 132 8.56 -8.10 50.47
CA ASP A 132 8.47 -7.57 51.83
C ASP A 132 9.86 -7.27 52.38
N SER A 133 9.89 -6.59 53.53
CA SER A 133 11.12 -6.02 54.06
C SER A 133 12.26 -7.04 54.14
N ASN A 134 12.00 -8.23 54.68
CA ASN A 134 13.00 -9.29 54.67
C ASN A 134 12.57 -10.44 53.76
N GLY A 135 12.01 -10.11 52.61
CA GLY A 135 11.62 -11.12 51.66
C GLY A 135 12.83 -11.83 51.07
N LEU A 136 12.58 -13.05 50.60
CA LEU A 136 13.60 -13.93 50.04
C LEU A 136 13.39 -14.10 48.54
N LEU A 137 14.47 -13.91 47.78
CA LEU A 137 14.52 -14.20 46.35
C LEU A 137 15.52 -15.31 46.09
N ILE A 138 15.10 -16.34 45.37
CA ILE A 138 16.01 -17.35 44.85
C ILE A 138 16.03 -17.19 43.34
N ILE A 139 17.21 -16.95 42.78
CA ILE A 139 17.35 -16.62 41.36
C ILE A 139 18.50 -17.41 40.77
N SER A 140 18.29 -17.92 39.56
CA SER A 140 19.31 -18.69 38.87
C SER A 140 19.38 -18.25 37.42
N ILE A 141 20.54 -18.46 36.79
CA ILE A 141 20.78 -18.03 35.42
C ILE A 141 21.57 -19.07 34.65
N PHE A 142 21.45 -18.99 33.34
CA PHE A 142 22.42 -19.56 32.42
C PHE A 142 23.34 -18.41 32.02
N SER A 143 24.66 -18.63 32.20
CA SER A 143 25.62 -17.56 32.05
C SER A 143 26.43 -17.74 30.78
N ASN A 144 27.45 -16.89 30.61
CA ASN A 144 28.39 -17.00 29.50
C ASN A 144 29.70 -17.66 29.92
N LYS A 145 29.73 -18.32 31.08
CA LYS A 145 30.96 -18.88 31.63
C LYS A 145 31.14 -20.33 31.23
N GLN A 146 32.37 -20.68 30.84
CA GLN A 146 32.77 -22.06 30.56
C GLN A 146 31.89 -22.73 29.51
N LEU A 147 31.59 -22.00 28.43
CA LEU A 147 30.70 -22.55 27.42
C LEU A 147 31.36 -23.67 26.62
N THR A 148 32.69 -23.69 26.54
CA THR A 148 33.39 -24.80 25.90
C THR A 148 33.09 -26.11 26.64
N TYR A 149 33.24 -26.12 27.97
CA TYR A 149 32.88 -27.30 28.74
C TYR A 149 31.38 -27.58 28.65
N TRP A 150 30.56 -26.53 28.78
CA TRP A 150 29.11 -26.72 28.69
C TRP A 150 28.73 -27.40 27.37
N LYS A 151 29.37 -27.00 26.26
CA LYS A 151 29.00 -27.53 24.95
C LYS A 151 29.14 -29.05 24.89
N GLU A 152 30.28 -29.57 25.37
CA GLU A 152 30.45 -31.02 25.37
C GLU A 152 29.48 -31.69 26.35
N PHE A 153 29.26 -31.07 27.52
CA PHE A 153 28.30 -31.61 28.46
C PHE A 153 26.92 -31.75 27.80
N ALA A 154 26.46 -30.69 27.13
CA ALA A 154 25.13 -30.72 26.53
C ALA A 154 25.04 -31.76 25.42
N LEU A 155 26.01 -31.77 24.51
CA LEU A 155 26.00 -32.76 23.43
C LEU A 155 26.00 -34.18 23.98
N SER A 156 26.70 -34.42 25.09
CA SER A 156 26.75 -35.76 25.66
C SER A 156 25.38 -36.18 26.20
N ARG A 157 24.57 -35.21 26.59
CA ARG A 157 23.24 -35.52 27.11
C ARG A 157 22.16 -35.61 26.03
N GLY A 158 22.53 -35.54 24.76
CA GLY A 158 21.55 -35.59 23.69
C GLY A 158 20.94 -34.28 23.27
N ALA A 159 21.48 -33.15 23.74
CA ALA A 159 20.99 -31.85 23.28
C ALA A 159 21.23 -31.71 21.78
N LYS A 160 20.30 -31.01 21.12
CA LYS A 160 20.35 -30.91 19.66
C LYS A 160 21.57 -30.11 19.22
N LYS A 161 22.40 -30.71 18.36
CA LYS A 161 23.70 -30.15 18.04
C LYS A 161 23.60 -28.74 17.47
N GLU A 162 22.62 -28.48 16.60
CA GLU A 162 22.45 -27.14 16.05
C GLU A 162 22.19 -26.12 17.14
N GLN A 163 21.34 -26.47 18.11
CA GLN A 163 21.03 -25.54 19.19
C GLN A 163 22.26 -25.25 20.04
N VAL A 164 23.05 -26.28 20.33
CA VAL A 164 24.25 -26.08 21.15
C VAL A 164 25.22 -25.16 20.43
N GLU A 165 25.43 -25.39 19.13
CA GLU A 165 26.36 -24.56 18.36
C GLU A 165 25.94 -23.10 18.34
N LYS A 166 24.63 -22.85 18.28
CA LYS A 166 24.19 -21.46 18.24
C LYS A 166 24.44 -20.78 19.57
N THR A 167 24.07 -21.42 20.68
CA THR A 167 24.38 -20.88 22.00
C THR A 167 25.88 -20.73 22.19
N PHE A 168 26.66 -21.74 21.77
CA PHE A 168 28.11 -21.70 21.96
C PHE A 168 28.75 -20.57 21.15
N ASN A 169 28.40 -20.47 19.87
CA ASN A 169 29.10 -19.55 18.97
C ASN A 169 28.49 -18.16 18.93
N ASN A 170 27.18 -18.05 19.15
CA ASN A 170 26.45 -16.80 18.99
C ASN A 170 25.40 -16.68 20.09
N GLN A 171 25.86 -16.70 21.35
CA GLN A 171 24.95 -16.75 22.49
C GLN A 171 23.96 -15.58 22.46
N SER A 172 24.40 -14.40 22.00
CA SER A 172 23.55 -13.22 22.00
C SER A 172 22.32 -13.39 21.10
N GLU A 173 22.40 -14.26 20.10
CA GLU A 173 21.23 -14.54 19.27
C GLU A 173 20.19 -15.39 20.00
N VAL A 174 20.55 -15.98 21.13
CA VAL A 174 19.70 -16.91 21.85
C VAL A 174 19.16 -16.30 23.14
N MET A 175 19.98 -15.49 23.82
CA MET A 175 19.70 -15.03 25.17
C MET A 175 20.63 -13.86 25.48
N ASN A 176 20.39 -13.23 26.62
CA ASN A 176 21.34 -12.27 27.16
C ASN A 176 22.65 -12.99 27.47
N ILE A 177 23.75 -12.30 27.20
CA ILE A 177 25.07 -12.75 27.63
C ILE A 177 25.28 -12.19 29.04
N LEU A 178 25.21 -13.07 30.06
CA LEU A 178 25.25 -12.65 31.45
C LEU A 178 26.46 -13.24 32.14
N SER A 179 27.33 -12.41 32.63
CA SER A 179 28.35 -12.94 33.52
C SER A 179 27.82 -12.98 34.95
N PRO A 180 28.26 -13.95 35.75
CA PRO A 180 27.83 -13.98 37.15
C PRO A 180 28.19 -12.72 37.89
N GLU A 181 29.33 -12.11 37.54
CA GLU A 181 29.74 -10.88 38.20
C GLU A 181 28.79 -9.74 37.91
N TYR A 182 28.42 -9.55 36.63
CA TYR A 182 27.49 -8.48 36.30
C TYR A 182 26.12 -8.74 36.91
N VAL A 183 25.72 -10.00 37.05
CA VAL A 183 24.40 -10.24 37.64
C VAL A 183 24.39 -9.91 39.11
N GLU A 184 25.49 -10.22 39.82
CA GLU A 184 25.60 -9.77 41.21
C GLU A 184 25.56 -8.24 41.29
N GLY A 185 26.16 -7.55 40.32
CA GLY A 185 26.07 -6.09 40.31
C GLY A 185 24.66 -5.59 40.06
N LEU A 186 23.93 -6.24 39.16
CA LEU A 186 22.52 -5.92 38.94
C LEU A 186 21.72 -6.08 40.22
N LEU A 187 21.93 -7.18 40.95
CA LEU A 187 21.21 -7.36 42.19
C LEU A 187 21.55 -6.27 43.20
N LYS A 188 22.84 -5.95 43.34
CA LYS A 188 23.22 -4.92 44.30
C LYS A 188 22.63 -3.56 43.91
N GLU A 189 22.64 -3.24 42.62
CA GLU A 189 22.07 -1.96 42.21
C GLU A 189 20.57 -1.91 42.43
N SER A 190 19.90 -3.07 42.35
CA SER A 190 18.47 -3.12 42.65
C SER A 190 18.16 -2.87 44.13
N GLY A 191 19.14 -3.00 45.01
CA GLY A 191 18.97 -2.70 46.42
C GLY A 191 19.18 -3.87 47.37
N PHE A 192 19.46 -5.08 46.90
CA PHE A 192 19.40 -6.24 47.79
C PHE A 192 20.55 -6.22 48.80
N SER A 193 20.23 -6.53 50.06
CA SER A 193 21.21 -6.47 51.13
C SER A 193 22.22 -7.60 51.02
N LYS A 194 21.71 -8.83 50.99
CA LYS A 194 22.52 -10.04 51.14
C LYS A 194 22.39 -10.87 49.87
N ILE A 195 23.51 -11.17 49.24
CA ILE A 195 23.59 -11.97 48.03
C ILE A 195 24.55 -13.12 48.29
N GLU A 196 24.07 -14.35 48.16
CA GLU A 196 24.90 -15.53 48.46
C GLU A 196 24.76 -16.56 47.35
N ARG A 197 25.86 -16.85 46.67
CA ARG A 197 25.84 -17.88 45.63
C ARG A 197 25.86 -19.26 46.27
N ILE A 198 24.90 -20.11 45.92
CA ILE A 198 24.84 -21.46 46.46
C ILE A 198 25.25 -22.53 45.46
N CYS A 199 25.29 -22.21 44.17
CA CYS A 199 25.54 -23.20 43.13
C CYS A 199 26.22 -22.46 41.98
N GLU A 200 27.33 -22.99 41.48
CA GLU A 200 27.86 -22.62 40.17
C GLU A 200 28.42 -23.88 39.52
N VAL A 201 27.86 -24.29 38.38
CA VAL A 201 28.27 -25.51 37.69
C VAL A 201 28.39 -25.15 36.22
N LEU A 202 29.63 -25.06 35.73
CA LEU A 202 29.90 -24.57 34.38
C LEU A 202 29.13 -23.26 34.19
N SER A 203 28.26 -23.25 33.18
CA SER A 203 27.54 -22.04 32.78
C SER A 203 26.25 -21.77 33.57
N THR A 204 26.08 -22.35 34.77
CA THR A 204 24.90 -22.04 35.56
C THR A 204 25.29 -21.47 36.92
N ASP A 205 24.43 -20.59 37.44
CA ASP A 205 24.58 -20.04 38.78
C ASP A 205 23.23 -19.97 39.47
N MET A 206 23.24 -20.07 40.80
CA MET A 206 22.04 -19.84 41.59
C MET A 206 22.41 -19.12 42.87
N TRP A 207 21.66 -18.07 43.20
CA TRP A 207 21.89 -17.29 44.40
C TRP A 207 20.66 -17.30 45.29
N VAL A 208 20.91 -17.18 46.59
CA VAL A 208 19.89 -16.87 47.58
C VAL A 208 20.07 -15.41 47.98
N VAL A 209 18.99 -14.64 47.92
CA VAL A 209 19.09 -13.18 47.99
C VAL A 209 18.05 -12.66 48.96
N ARG A 210 18.45 -11.70 49.80
CA ARG A 210 17.53 -11.13 50.79
C ARG A 210 17.42 -9.62 50.62
N LYS A 211 16.22 -9.09 50.81
CA LYS A 211 15.95 -7.68 50.57
C LYS A 211 16.60 -6.79 51.62
N ILE B 13 27.35 -42.27 50.01
CA ILE B 13 28.23 -41.15 49.69
C ILE B 13 27.53 -40.16 48.76
N ARG B 14 26.68 -40.69 47.88
CA ARG B 14 25.85 -39.82 47.05
C ARG B 14 24.80 -39.10 47.89
N LYS B 15 24.43 -39.67 49.05
CA LYS B 15 23.50 -39.00 49.95
C LYS B 15 24.15 -37.85 50.70
N LYS B 16 25.48 -37.78 50.75
CA LYS B 16 26.20 -36.79 51.52
C LYS B 16 26.93 -35.75 50.67
N VAL B 17 27.16 -36.03 49.39
CA VAL B 17 27.95 -35.13 48.55
C VAL B 17 27.09 -34.59 47.42
N PRO B 18 26.68 -33.32 47.45
CA PRO B 18 25.94 -32.77 46.31
C PRO B 18 26.80 -32.82 45.06
N ALA B 19 26.13 -33.03 43.92
CA ALA B 19 26.76 -33.12 42.61
C ALA B 19 27.79 -34.27 42.49
N TYR B 20 27.70 -35.30 43.33
CA TYR B 20 28.63 -36.43 43.21
C TYR B 20 28.58 -37.02 41.80
N ASP B 21 27.40 -37.47 41.37
CA ASP B 21 27.28 -38.02 40.03
C ASP B 21 27.54 -36.95 38.98
N LEU B 22 27.09 -35.73 39.24
CA LEU B 22 27.23 -34.64 38.28
C LEU B 22 28.70 -34.33 38.02
N MET B 23 29.53 -34.26 39.07
CA MET B 23 30.95 -34.02 38.90
C MET B 23 31.59 -35.09 38.02
N LEU B 24 31.26 -36.36 38.27
CA LEU B 24 31.81 -37.43 37.47
C LEU B 24 31.37 -37.32 36.01
N GLU B 25 30.08 -37.03 35.78
CA GLU B 25 29.58 -36.87 34.42
C GLU B 25 30.33 -35.76 33.69
N ILE B 26 30.61 -34.65 34.38
CA ILE B 26 31.30 -33.53 33.74
C ILE B 26 32.74 -33.90 33.40
N ILE B 27 33.42 -34.61 34.31
CA ILE B 27 34.79 -35.05 34.03
C ILE B 27 34.83 -35.90 32.77
N PHE B 28 34.01 -36.95 32.72
CA PHE B 28 34.16 -37.93 31.67
C PHE B 28 33.44 -37.54 30.38
N ASN B 29 32.38 -36.75 30.44
CA ASN B 29 31.66 -36.35 29.23
C ASN B 29 32.11 -35.02 28.65
N SER B 30 32.92 -34.25 29.38
CA SER B 30 33.29 -32.93 28.87
C SER B 30 34.77 -32.59 29.14
N ILE B 31 35.19 -32.54 30.40
CA ILE B 31 36.50 -31.98 30.72
C ILE B 31 37.61 -32.73 29.99
N LEU B 32 37.60 -34.07 30.09
CA LEU B 32 38.70 -34.85 29.54
C LEU B 32 38.70 -34.82 28.02
N LYS B 33 37.52 -34.75 27.41
CA LYS B 33 37.44 -34.59 25.95
C LYS B 33 38.11 -33.31 25.49
N ILE B 34 37.93 -32.23 26.23
CA ILE B 34 38.45 -30.93 25.81
C ILE B 34 39.93 -30.79 26.14
N GLU B 35 40.37 -31.30 27.30
CA GLU B 35 41.69 -30.99 27.82
C GLU B 35 42.75 -32.04 27.51
N THR B 36 42.36 -33.21 27.00
CA THR B 36 43.32 -34.27 26.72
C THR B 36 43.09 -34.83 25.33
N ASP B 37 44.18 -35.29 24.72
CA ASP B 37 44.15 -36.10 23.51
C ASP B 37 44.61 -37.50 23.89
N ILE B 38 43.78 -38.50 23.59
CA ILE B 38 44.03 -39.87 24.03
C ILE B 38 45.41 -40.35 23.61
N SER B 39 45.93 -39.87 22.48
CA SER B 39 47.22 -40.34 21.98
C SER B 39 48.36 -39.90 22.89
N GLN B 40 48.25 -38.73 23.50
CA GLN B 40 49.33 -38.21 24.33
C GLN B 40 49.27 -38.70 25.77
N ILE B 41 48.17 -39.33 26.18
CA ILE B 41 48.02 -39.77 27.56
C ILE B 41 48.61 -41.17 27.67
N LYS B 42 49.78 -41.27 28.29
CA LYS B 42 50.45 -42.55 28.49
C LYS B 42 50.24 -43.12 29.89
N ASN B 43 50.48 -42.29 30.92
CA ASN B 43 50.36 -42.71 32.31
C ASN B 43 49.33 -41.85 33.04
N ILE B 44 48.42 -42.49 33.76
CA ILE B 44 47.38 -41.84 34.53
C ILE B 44 47.52 -42.22 36.00
N LEU B 45 47.50 -41.21 36.86
CA LEU B 45 47.57 -41.43 38.31
C LEU B 45 46.18 -41.25 38.90
N SER B 46 45.67 -42.30 39.50
CA SER B 46 44.39 -42.27 40.20
C SER B 46 44.64 -42.40 41.70
N ILE B 47 44.30 -41.36 42.47
CA ILE B 47 44.55 -41.32 43.90
C ILE B 47 43.22 -41.41 44.64
N GLY B 48 43.06 -42.47 45.46
CA GLY B 48 41.84 -42.63 46.24
C GLY B 48 40.61 -42.82 45.39
N GLY B 49 40.78 -43.32 44.18
CA GLY B 49 39.66 -43.44 43.26
C GLY B 49 38.72 -44.57 43.65
N GLN B 50 37.45 -44.40 43.28
CA GLN B 50 36.48 -45.47 43.35
C GLN B 50 36.44 -46.23 42.02
N SER B 51 35.78 -47.39 42.07
CA SER B 51 35.68 -48.28 40.91
C SER B 51 35.15 -47.57 39.66
N PHE B 52 34.11 -46.72 39.83
CA PHE B 52 33.54 -46.04 38.67
C PHE B 52 34.57 -45.18 37.95
N GLU B 53 35.34 -44.38 38.70
CA GLU B 53 36.44 -43.60 38.13
C GLU B 53 37.37 -44.48 37.33
N VAL B 54 37.89 -45.54 37.97
CA VAL B 54 38.90 -46.38 37.34
C VAL B 54 38.34 -46.98 36.05
N LYS B 55 37.14 -47.54 36.13
CA LYS B 55 36.51 -48.16 34.96
C LYS B 55 36.33 -47.16 33.82
N ASN B 56 35.86 -45.94 34.13
CA ASN B 56 35.70 -44.94 33.07
C ASN B 56 37.06 -44.49 32.52
N LEU B 57 38.07 -44.32 33.39
CA LEU B 57 39.40 -44.01 32.89
C LEU B 57 39.94 -45.13 32.00
N SER B 58 39.70 -46.39 32.40
CA SER B 58 40.20 -47.51 31.62
C SER B 58 39.52 -47.57 30.25
N LYS B 59 38.24 -47.21 30.19
CA LYS B 59 37.50 -47.25 28.93
C LYS B 59 37.99 -46.16 27.98
N ILE B 60 38.13 -44.93 28.49
CA ILE B 60 38.51 -43.79 27.65
C ILE B 60 39.94 -43.94 27.15
N TYR B 61 40.85 -44.41 28.02
CA TYR B 61 42.28 -44.44 27.70
C TYR B 61 42.78 -45.87 27.70
N ASN B 62 42.23 -46.70 26.80
CA ASN B 62 42.54 -48.13 26.79
C ASN B 62 44.02 -48.41 26.60
N ASN B 63 44.73 -47.54 25.89
CA ASN B 63 46.17 -47.72 25.66
C ASN B 63 47.02 -47.06 26.72
N SER B 64 46.43 -46.61 27.82
CA SER B 64 47.16 -45.96 28.89
C SER B 64 47.33 -46.94 30.05
N LYS B 65 48.38 -46.70 30.83
CA LYS B 65 48.55 -47.41 32.11
C LYS B 65 47.97 -46.54 33.22
N ILE B 66 47.03 -47.09 33.98
CA ILE B 66 46.40 -46.39 35.10
C ILE B 66 47.03 -46.90 36.40
N THR B 67 47.71 -46.02 37.11
CA THR B 67 48.33 -46.34 38.40
C THR B 67 47.33 -46.01 39.51
N ILE B 68 46.99 -47.03 40.32
CA ILE B 68 45.97 -46.92 41.35
C ILE B 68 46.65 -46.88 42.72
N ILE B 69 46.42 -45.81 43.48
CA ILE B 69 46.96 -45.67 44.82
C ILE B 69 45.81 -45.35 45.76
N GLU B 70 45.67 -46.13 46.82
CA GLU B 70 44.60 -46.01 47.79
C GLU B 70 45.18 -45.78 49.18
N PRO B 71 44.45 -45.10 50.08
CA PRO B 71 45.02 -44.77 51.39
C PRO B 71 45.16 -45.95 52.33
N SER B 72 44.64 -47.13 51.99
CA SER B 72 44.82 -48.30 52.84
C SER B 72 44.78 -49.55 51.97
N GLU B 73 45.40 -50.61 52.49
CA GLU B 73 45.29 -51.91 51.83
C GLU B 73 43.84 -52.37 51.74
N ILE B 74 43.04 -52.09 52.78
CA ILE B 74 41.63 -52.49 52.75
C ILE B 74 40.92 -51.86 51.56
N MET B 75 41.08 -50.54 51.37
CA MET B 75 40.44 -49.88 50.24
C MET B 75 41.03 -50.35 48.92
N LEU B 76 42.36 -50.57 48.88
CA LEU B 76 42.97 -51.09 47.66
C LEU B 76 42.32 -52.40 47.24
N ASN B 77 42.05 -53.29 48.20
CA ASN B 77 41.49 -54.59 47.85
C ASN B 77 40.07 -54.48 47.33
N ILE B 78 39.25 -53.60 47.93
CA ILE B 78 37.90 -53.40 47.43
C ILE B 78 37.91 -52.98 45.96
N VAL B 79 38.77 -52.01 45.63
CA VAL B 79 38.84 -51.53 44.25
C VAL B 79 39.40 -52.60 43.32
N LYS B 80 40.36 -53.39 43.82
CA LYS B 80 40.93 -54.50 43.06
C LYS B 80 39.84 -55.50 42.65
N ASN B 81 39.02 -55.93 43.60
CA ASN B 81 37.97 -56.90 43.28
C ASN B 81 36.97 -56.33 42.28
N GLU B 82 36.61 -55.05 42.43
CA GLU B 82 35.62 -54.46 41.56
C GLU B 82 36.14 -54.20 40.14
N CYS B 83 37.47 -54.22 39.92
CA CYS B 83 38.06 -54.01 38.61
C CYS B 83 38.84 -55.22 38.11
N LYS B 84 38.41 -56.42 38.51
CA LYS B 84 39.23 -57.62 38.42
C LYS B 84 39.70 -57.92 37.00
N ASN B 85 38.89 -57.62 35.99
CA ASN B 85 39.20 -58.00 34.63
C ASN B 85 39.66 -56.83 33.75
N LEU B 86 39.91 -55.67 34.33
CA LEU B 86 40.56 -54.59 33.59
C LEU B 86 42.04 -54.91 33.46
N LYS B 87 42.62 -54.58 32.31
CA LYS B 87 43.95 -55.06 32.00
C LYS B 87 45.01 -53.97 31.88
N ASN B 88 44.66 -52.70 32.09
CA ASN B 88 45.66 -51.65 32.03
C ASN B 88 45.88 -50.98 33.39
N LEU B 89 45.64 -51.72 34.48
CA LEU B 89 45.73 -51.20 35.83
C LEU B 89 47.02 -51.65 36.50
N GLU B 90 47.67 -50.71 37.18
CA GLU B 90 48.82 -51.01 38.01
C GLU B 90 48.47 -50.58 39.43
N TYR B 91 48.59 -51.50 40.39
CA TYR B 91 48.27 -51.21 41.79
C TYR B 91 49.55 -50.98 42.58
N ILE B 92 49.56 -49.92 43.40
CA ILE B 92 50.65 -49.62 44.29
C ILE B 92 50.25 -50.08 45.69
N TYR B 93 51.07 -50.93 46.31
CA TYR B 93 50.71 -51.48 47.62
C TYR B 93 51.36 -50.68 48.75
N ASP B 94 51.00 -49.40 48.79
CA ASP B 94 51.45 -48.45 49.80
C ASP B 94 50.63 -47.19 49.60
N LYS B 95 50.67 -46.31 50.59
CA LYS B 95 49.95 -45.05 50.46
C LYS B 95 50.75 -44.04 49.64
N PHE B 96 50.06 -43.01 49.14
CA PHE B 96 50.66 -42.05 48.20
C PHE B 96 51.84 -41.33 48.83
N GLU B 97 51.77 -41.07 50.14
CA GLU B 97 52.84 -40.38 50.85
C GLU B 97 54.15 -41.13 50.72
N ASN B 98 54.10 -42.46 50.57
CA ASN B 98 55.31 -43.29 50.51
C ASN B 98 55.68 -43.70 49.09
N TYR B 99 54.84 -43.40 48.12
CA TYR B 99 55.09 -43.73 46.72
C TYR B 99 56.21 -42.86 46.15
N LYS B 100 57.31 -43.49 45.76
CA LYS B 100 58.51 -42.80 45.26
C LYS B 100 58.93 -43.45 43.94
N ASP B 101 58.37 -42.94 42.84
CA ASP B 101 58.64 -43.47 41.51
C ASP B 101 58.82 -42.30 40.55
N ASN B 102 59.85 -42.37 39.70
CA ASN B 102 60.15 -41.33 38.72
C ASN B 102 59.09 -41.19 37.64
N LYS B 103 58.08 -42.06 37.62
CA LYS B 103 57.11 -42.07 36.53
C LYS B 103 56.44 -40.70 36.42
N ASN B 104 56.39 -40.17 35.21
CA ASN B 104 55.73 -38.90 34.96
C ASN B 104 54.37 -39.16 34.36
N PHE B 105 53.36 -38.48 34.87
CA PHE B 105 51.97 -38.71 34.51
C PHE B 105 51.46 -37.53 33.71
N GLU B 106 50.62 -37.79 32.71
CA GLU B 106 50.00 -36.71 31.96
C GLU B 106 48.66 -36.30 32.56
N LEU B 107 48.08 -37.15 33.40
CA LEU B 107 46.77 -36.92 33.98
C LEU B 107 46.73 -37.49 35.39
N CYS B 108 46.11 -36.75 36.31
CA CYS B 108 45.90 -37.20 37.67
C CYS B 108 44.48 -36.86 38.09
N LEU B 109 43.78 -37.84 38.65
CA LEU B 109 42.44 -37.65 39.23
C LEU B 109 42.53 -37.83 40.73
N CYS B 110 42.02 -36.86 41.48
CA CYS B 110 42.08 -36.88 42.94
C CYS B 110 40.78 -36.29 43.46
N LEU B 111 39.75 -37.14 43.59
CA LEU B 111 38.38 -36.73 43.81
C LEU B 111 37.96 -37.04 45.24
N LEU B 112 37.62 -35.99 46.00
CA LEU B 112 37.10 -36.10 47.36
C LEU B 112 38.07 -36.83 48.28
N VAL B 113 39.35 -36.52 48.10
CA VAL B 113 40.43 -37.15 48.85
C VAL B 113 41.08 -36.18 49.83
N LEU B 114 41.29 -34.93 49.41
CA LEU B 114 42.15 -34.01 50.16
C LEU B 114 41.63 -33.73 51.56
N GLN B 115 40.31 -33.77 51.78
CA GLN B 115 39.81 -33.54 53.13
C GLN B 115 40.14 -34.69 54.07
N PHE B 116 40.70 -35.79 53.58
CA PHE B 116 41.10 -36.91 54.41
C PHE B 116 42.62 -37.08 54.48
N ILE B 117 43.37 -36.11 53.98
CA ILE B 117 44.82 -36.21 53.86
C ILE B 117 45.46 -35.52 55.06
N GLU B 118 46.38 -36.22 55.74
CA GLU B 118 46.99 -35.66 56.94
C GLU B 118 47.78 -34.39 56.64
N GLU B 119 48.55 -34.37 55.53
CA GLU B 119 49.44 -33.25 55.20
C GLU B 119 49.17 -32.78 53.78
N PRO B 120 48.11 -31.98 53.59
CA PRO B 120 47.67 -31.65 52.21
C PRO B 120 48.70 -30.91 51.38
N GLN B 121 49.57 -30.11 52.00
CA GLN B 121 50.51 -29.31 51.21
C GLN B 121 51.57 -30.19 50.55
N SER B 122 52.20 -31.09 51.31
CA SER B 122 53.18 -31.98 50.71
C SER B 122 52.52 -32.97 49.75
N PHE B 123 51.28 -33.37 50.04
CA PHE B 123 50.48 -34.20 49.13
C PHE B 123 50.35 -33.56 47.76
N LEU B 124 49.94 -32.29 47.71
CA LEU B 124 49.74 -31.64 46.41
C LEU B 124 51.07 -31.35 45.72
N GLU B 125 52.11 -31.04 46.49
CA GLU B 125 53.44 -30.88 45.90
C GLU B 125 53.89 -32.18 45.25
N LYS B 126 53.59 -33.32 45.89
CA LYS B 126 53.95 -34.60 45.28
C LYS B 126 53.19 -34.82 43.98
N ILE B 127 51.90 -34.49 43.95
CA ILE B 127 51.16 -34.58 42.69
C ILE B 127 51.82 -33.71 41.62
N TYR B 128 52.14 -32.47 41.97
CA TYR B 128 52.78 -31.55 41.04
C TYR B 128 54.06 -32.14 40.45
N ASN B 129 54.90 -32.71 41.31
CA ASN B 129 56.17 -33.26 40.85
C ASN B 129 55.99 -34.55 40.04
N SER B 130 54.91 -35.28 40.28
CA SER B 130 54.62 -36.48 39.51
C SER B 130 54.04 -36.16 38.13
N LEU B 131 53.48 -34.97 37.94
CA LEU B 131 52.86 -34.65 36.68
C LEU B 131 53.91 -34.23 35.66
N ASP B 132 53.66 -34.59 34.41
CA ASP B 132 54.45 -34.10 33.29
C ASP B 132 54.24 -32.60 33.13
N SER B 133 55.18 -31.96 32.42
CA SER B 133 54.95 -30.59 31.99
C SER B 133 53.63 -30.51 31.24
N ASN B 134 52.82 -29.51 31.58
CA ASN B 134 51.46 -29.36 31.04
C ASN B 134 50.58 -30.58 31.36
N GLY B 135 50.90 -31.35 32.40
CA GLY B 135 49.98 -32.39 32.85
C GLY B 135 48.74 -31.80 33.50
N LEU B 136 47.67 -32.60 33.53
CA LEU B 136 46.36 -32.18 34.00
C LEU B 136 46.01 -32.85 35.33
N LEU B 137 45.57 -32.06 36.31
CA LEU B 137 45.01 -32.53 37.57
C LEU B 137 43.54 -32.11 37.67
N ILE B 138 42.67 -33.07 37.97
CA ILE B 138 41.28 -32.76 38.33
C ILE B 138 41.11 -33.12 39.80
N ILE B 139 40.70 -32.15 40.60
CA ILE B 139 40.69 -32.32 42.05
C ILE B 139 39.39 -31.75 42.62
N SER B 140 38.79 -32.47 43.56
CA SER B 140 37.55 -32.04 44.16
C SER B 140 37.63 -32.26 45.67
N ILE B 141 36.86 -31.47 46.42
CA ILE B 141 36.87 -31.51 47.88
C ILE B 141 35.46 -31.39 48.43
N PHE B 142 35.30 -31.88 49.65
CA PHE B 142 34.23 -31.47 50.53
C PHE B 142 34.80 -30.36 51.40
N SER B 143 34.14 -29.19 51.41
CA SER B 143 34.68 -28.01 52.06
C SER B 143 33.96 -27.74 53.37
N ASN B 144 34.25 -26.60 53.99
CA ASN B 144 33.55 -26.13 55.19
C ASN B 144 32.50 -25.06 54.87
N LYS B 145 32.14 -24.88 53.60
CA LYS B 145 31.28 -23.78 53.17
C LYS B 145 29.82 -24.24 53.13
N GLN B 146 28.93 -23.42 53.69
CA GLN B 146 27.47 -23.61 53.57
C GLN B 146 27.03 -24.94 54.17
N LEU B 147 27.61 -25.28 55.33
CA LEU B 147 27.25 -26.57 55.93
C LEU B 147 25.83 -26.58 56.46
N THR B 148 25.25 -25.42 56.76
CA THR B 148 23.87 -25.40 57.22
C THR B 148 22.93 -25.88 56.10
N TYR B 149 23.11 -25.33 54.90
CA TYR B 149 22.35 -25.85 53.74
C TYR B 149 22.71 -27.30 53.46
N TRP B 150 24.01 -27.64 53.52
CA TRP B 150 24.42 -29.02 53.26
C TRP B 150 23.71 -29.99 54.18
N LYS B 151 23.60 -29.65 55.47
CA LYS B 151 23.02 -30.56 56.46
C LYS B 151 21.59 -30.94 56.08
N GLU B 152 20.76 -29.96 55.71
CA GLU B 152 19.40 -30.29 55.31
C GLU B 152 19.38 -31.09 54.01
N PHE B 153 20.23 -30.71 53.05
CA PHE B 153 20.34 -31.47 51.82
C PHE B 153 20.64 -32.94 52.13
N ALA B 154 21.63 -33.18 52.99
CA ALA B 154 22.05 -34.55 53.27
C ALA B 154 20.97 -35.32 54.02
N LEU B 155 20.38 -34.71 55.06
CA LEU B 155 19.32 -35.39 55.80
C LEU B 155 18.15 -35.77 54.89
N SER B 156 17.81 -34.91 53.92
CA SER B 156 16.66 -35.19 53.08
C SER B 156 16.94 -36.29 52.06
N ARG B 157 18.21 -36.59 51.79
CA ARG B 157 18.59 -37.71 50.94
C ARG B 157 18.75 -39.04 51.68
N GLY B 158 18.44 -39.10 52.97
CA GLY B 158 18.59 -40.34 53.70
C GLY B 158 19.92 -40.56 54.37
N ALA B 159 20.75 -39.51 54.48
CA ALA B 159 22.06 -39.64 55.17
C ALA B 159 21.84 -39.83 56.68
N LYS B 160 22.72 -40.59 57.33
CA LYS B 160 22.56 -40.89 58.78
C LYS B 160 22.63 -39.59 59.59
N LYS B 161 21.59 -39.30 60.36
CA LYS B 161 21.52 -38.04 61.15
C LYS B 161 22.81 -37.87 61.97
N GLU B 162 23.19 -38.89 62.75
CA GLU B 162 24.39 -38.78 63.62
C GLU B 162 25.59 -38.32 62.78
N GLN B 163 25.86 -39.01 61.67
CA GLN B 163 27.01 -38.64 60.79
C GLN B 163 26.88 -37.16 60.39
N VAL B 164 25.71 -36.78 59.87
CA VAL B 164 25.50 -35.38 59.42
C VAL B 164 25.78 -34.42 60.59
N GLU B 165 25.21 -34.69 61.76
CA GLU B 165 25.39 -33.78 62.89
C GLU B 165 26.85 -33.69 63.32
N LYS B 166 27.61 -34.77 63.19
CA LYS B 166 29.02 -34.71 63.56
C LYS B 166 29.81 -33.88 62.56
N THR B 167 29.59 -34.10 61.26
CA THR B 167 30.20 -33.25 60.26
C THR B 167 29.76 -31.79 60.45
N PHE B 168 28.48 -31.57 60.72
CA PHE B 168 27.96 -30.21 60.83
C PHE B 168 28.54 -29.49 62.05
N ASN B 169 28.55 -30.15 63.20
CA ASN B 169 28.90 -29.47 64.45
C ASN B 169 30.38 -29.57 64.79
N ASN B 170 31.06 -30.61 64.30
CA ASN B 170 32.44 -30.91 64.67
C ASN B 170 33.20 -31.47 63.47
N GLN B 171 33.26 -30.68 62.39
CA GLN B 171 33.80 -31.17 61.13
C GLN B 171 35.23 -31.68 61.28
N SER B 172 36.04 -31.01 62.13
CA SER B 172 37.44 -31.39 62.30
C SER B 172 37.59 -32.79 62.91
N GLU B 173 36.58 -33.31 63.58
CA GLU B 173 36.69 -34.69 64.05
C GLU B 173 36.42 -35.70 62.96
N VAL B 174 35.98 -35.23 61.79
CA VAL B 174 35.62 -36.07 60.66
C VAL B 174 36.63 -35.96 59.53
N MET B 175 37.16 -34.77 59.29
CA MET B 175 37.96 -34.46 58.12
C MET B 175 38.70 -33.16 58.35
N ASN B 176 39.58 -32.82 57.42
CA ASN B 176 40.16 -31.49 57.41
C ASN B 176 39.06 -30.47 57.17
N ILE B 177 39.17 -29.33 57.83
CA ILE B 177 38.31 -28.18 57.56
C ILE B 177 38.99 -27.39 56.45
N LEU B 178 38.43 -27.44 55.24
CA LEU B 178 39.05 -26.87 54.06
C LEU B 178 38.17 -25.78 53.48
N SER B 179 38.67 -24.55 53.46
CA SER B 179 37.96 -23.57 52.65
C SER B 179 38.42 -23.65 51.19
N PRO B 180 37.52 -23.37 50.25
CA PRO B 180 37.95 -23.30 48.83
C PRO B 180 39.09 -22.34 48.63
N GLU B 181 39.11 -21.23 49.37
CA GLU B 181 40.16 -20.24 49.19
C GLU B 181 41.51 -20.78 49.62
N TYR B 182 41.57 -21.43 50.78
CA TYR B 182 42.86 -21.99 51.20
C TYR B 182 43.30 -23.11 50.27
N VAL B 183 42.36 -23.86 49.69
CA VAL B 183 42.80 -24.95 48.82
C VAL B 183 43.38 -24.39 47.53
N GLU B 184 42.80 -23.32 46.98
CA GLU B 184 43.43 -22.66 45.84
C GLU B 184 44.82 -22.14 46.20
N GLY B 185 45.00 -21.66 47.44
CA GLY B 185 46.32 -21.24 47.87
C GLY B 185 47.29 -22.40 47.99
N LEU B 186 46.81 -23.54 48.50
CA LEU B 186 47.63 -24.76 48.55
C LEU B 186 48.07 -25.17 47.15
N LEU B 187 47.16 -25.13 46.18
CA LEU B 187 47.54 -25.46 44.81
C LEU B 187 48.58 -24.48 44.27
N LYS B 188 48.36 -23.17 44.48
CA LYS B 188 49.31 -22.19 44.00
C LYS B 188 50.69 -22.40 44.62
N GLU B 189 50.74 -22.63 45.94
CA GLU B 189 52.04 -22.82 46.58
C GLU B 189 52.74 -24.07 46.05
N SER B 190 51.98 -25.06 45.59
CA SER B 190 52.58 -26.27 45.03
C SER B 190 53.25 -26.04 43.67
N GLY B 191 52.90 -24.97 42.97
CA GLY B 191 53.51 -24.63 41.70
C GLY B 191 52.57 -24.54 40.51
N PHE B 192 51.29 -24.91 40.65
CA PHE B 192 50.45 -25.08 39.47
C PHE B 192 50.20 -23.76 38.75
N SER B 193 50.33 -23.79 37.42
CA SER B 193 50.26 -22.57 36.63
C SER B 193 48.83 -22.05 36.55
N LYS B 194 47.88 -22.95 36.34
CA LYS B 194 46.51 -22.59 35.96
C LYS B 194 45.54 -23.35 36.84
N ILE B 195 44.63 -22.62 37.50
CA ILE B 195 43.63 -23.19 38.41
C ILE B 195 42.26 -22.64 38.00
N GLU B 196 41.34 -23.53 37.63
CA GLU B 196 40.01 -23.10 37.20
C GLU B 196 38.93 -23.90 37.93
N ARG B 197 38.09 -23.21 38.69
CA ARG B 197 37.00 -23.89 39.37
C ARG B 197 35.86 -24.15 38.39
N ILE B 198 35.43 -25.40 38.28
CA ILE B 198 34.35 -25.76 37.36
C ILE B 198 33.04 -26.08 38.07
N CYS B 199 33.07 -26.40 39.36
CA CYS B 199 31.89 -26.80 40.11
C CYS B 199 32.04 -26.28 41.53
N GLU B 200 31.02 -25.60 42.04
CA GLU B 200 30.87 -25.36 43.48
C GLU B 200 29.39 -25.48 43.82
N VAL B 201 29.05 -26.45 44.65
CA VAL B 201 27.65 -26.70 45.00
C VAL B 201 27.60 -26.89 46.50
N LEU B 202 27.07 -25.90 47.22
CA LEU B 202 27.13 -25.91 48.67
C LEU B 202 28.57 -26.21 49.11
N SER B 203 28.76 -27.27 49.87
CA SER B 203 30.04 -27.61 50.48
C SER B 203 30.96 -28.45 49.59
N THR B 204 30.78 -28.45 48.27
CA THR B 204 31.69 -29.17 47.40
C THR B 204 32.29 -28.23 46.36
N ASP B 205 33.52 -28.55 45.94
CA ASP B 205 34.22 -27.82 44.89
C ASP B 205 35.00 -28.77 44.02
N MET B 206 35.14 -28.41 42.73
CA MET B 206 35.99 -29.18 41.83
C MET B 206 36.73 -28.21 40.92
N TRP B 207 38.04 -28.42 40.76
CA TRP B 207 38.87 -27.59 39.93
C TRP B 207 39.54 -28.43 38.84
N VAL B 208 39.79 -27.78 37.71
CA VAL B 208 40.69 -28.27 36.68
C VAL B 208 41.98 -27.49 36.80
N VAL B 209 43.11 -28.19 36.85
CA VAL B 209 44.38 -27.57 37.23
C VAL B 209 45.46 -28.04 36.27
N ARG B 210 46.33 -27.11 35.87
CA ARG B 210 47.40 -27.43 34.93
C ARG B 210 48.74 -27.06 35.52
N LYS B 211 49.74 -27.92 35.28
CA LYS B 211 51.05 -27.77 35.89
C LYS B 211 51.82 -26.61 35.26
N GLU C 11 -25.98 1.64 38.68
CA GLU C 11 -25.59 3.04 38.86
C GLU C 11 -24.09 3.12 39.13
N ASP C 12 -23.60 2.18 39.94
CA ASP C 12 -22.18 2.12 40.24
C ASP C 12 -21.35 1.71 39.04
N ILE C 13 -21.92 0.86 38.17
CA ILE C 13 -21.14 0.28 37.10
C ILE C 13 -20.81 1.31 36.04
N ARG C 14 -21.74 2.22 35.75
CA ARG C 14 -21.47 3.29 34.79
C ARG C 14 -20.45 4.29 35.32
N LYS C 15 -20.33 4.40 36.66
CA LYS C 15 -19.32 5.28 37.24
C LYS C 15 -17.91 4.70 37.16
N LYS C 16 -17.79 3.38 36.92
CA LYS C 16 -16.50 2.70 36.94
C LYS C 16 -16.04 2.21 35.57
N VAL C 17 -16.94 2.11 34.59
CA VAL C 17 -16.57 1.56 33.30
C VAL C 17 -16.73 2.61 32.22
N PRO C 18 -15.64 3.17 31.68
CA PRO C 18 -15.78 4.07 30.54
C PRO C 18 -16.43 3.37 29.36
N ALA C 19 -17.25 4.12 28.62
CA ALA C 19 -17.98 3.65 27.44
C ALA C 19 -18.96 2.51 27.78
N TYR C 20 -19.36 2.36 29.04
CA TYR C 20 -20.36 1.33 29.37
C TYR C 20 -21.60 1.48 28.48
N ASP C 21 -22.25 2.64 28.54
CA ASP C 21 -23.43 2.84 27.70
C ASP C 21 -23.05 2.81 26.23
N LEU C 22 -21.89 3.37 25.90
CA LEU C 22 -21.47 3.45 24.52
C LEU C 22 -21.28 2.07 23.90
N MET C 23 -20.64 1.15 24.64
CA MET C 23 -20.45 -0.20 24.13
C MET C 23 -21.79 -0.87 23.84
N LEU C 24 -22.76 -0.68 24.73
CA LEU C 24 -24.08 -1.29 24.52
C LEU C 24 -24.75 -0.69 23.29
N GLU C 25 -24.67 0.64 23.13
CA GLU C 25 -25.25 1.30 21.97
C GLU C 25 -24.64 0.79 20.68
N ILE C 26 -23.33 0.55 20.67
CA ILE C 26 -22.67 0.07 19.45
C ILE C 26 -23.12 -1.35 19.12
N ILE C 27 -23.28 -2.21 20.14
CA ILE C 27 -23.71 -3.58 19.88
C ILE C 27 -25.09 -3.58 19.22
N PHE C 28 -26.04 -2.89 19.83
CA PHE C 28 -27.43 -3.02 19.44
C PHE C 28 -27.81 -2.13 18.27
N ASN C 29 -27.10 -1.01 18.06
CA ASN C 29 -27.42 -0.10 16.96
C ASN C 29 -26.53 -0.30 15.75
N SER C 30 -25.47 -1.11 15.85
CA SER C 30 -24.59 -1.28 14.69
C SER C 30 -24.11 -2.72 14.51
N ILE C 31 -23.42 -3.30 15.50
CA ILE C 31 -22.71 -4.56 15.27
C ILE C 31 -23.69 -5.65 14.85
N LEU C 32 -24.76 -5.83 15.63
CA LEU C 32 -25.68 -6.95 15.39
C LEU C 32 -26.44 -6.78 14.09
N LYS C 33 -26.75 -5.54 13.70
CA LYS C 33 -27.39 -5.32 12.41
C LYS C 33 -26.49 -5.74 11.27
N ILE C 34 -25.19 -5.50 11.39
CA ILE C 34 -24.26 -5.81 10.32
C ILE C 34 -23.90 -7.30 10.31
N GLU C 35 -23.75 -7.92 11.49
CA GLU C 35 -23.16 -9.25 11.60
C GLU C 35 -24.18 -10.38 11.69
N THR C 36 -25.46 -10.07 11.91
CA THR C 36 -26.46 -11.13 12.01
C THR C 36 -27.67 -10.79 11.15
N ASP C 37 -28.35 -11.85 10.70
CA ASP C 37 -29.66 -11.75 10.08
C ASP C 37 -30.66 -12.38 11.03
N ILE C 38 -31.74 -11.65 11.33
CA ILE C 38 -32.68 -12.08 12.36
C ILE C 38 -33.23 -13.48 12.07
N SER C 39 -33.35 -13.84 10.79
CA SER C 39 -33.96 -15.12 10.45
C SER C 39 -33.08 -16.31 10.86
N GLN C 40 -31.76 -16.14 10.79
CA GLN C 40 -30.85 -17.24 11.09
C GLN C 40 -30.50 -17.35 12.57
N ILE C 41 -30.96 -16.42 13.40
CA ILE C 41 -30.63 -16.42 14.82
C ILE C 41 -31.74 -17.17 15.55
N LYS C 42 -31.49 -18.44 15.84
CA LYS C 42 -32.46 -19.24 16.58
C LYS C 42 -32.19 -19.26 18.09
N ASN C 43 -30.95 -19.51 18.51
CA ASN C 43 -30.59 -19.59 19.92
C ASN C 43 -29.50 -18.58 20.26
N ILE C 44 -29.72 -17.82 21.32
CA ILE C 44 -28.78 -16.82 21.80
C ILE C 44 -28.35 -17.19 23.21
N LEU C 45 -27.05 -17.09 23.48
CA LEU C 45 -26.49 -17.37 24.79
C LEU C 45 -26.08 -16.05 25.43
N SER C 46 -26.71 -15.71 26.55
CA SER C 46 -26.36 -14.53 27.34
C SER C 46 -25.68 -14.98 28.63
N ILE C 47 -24.42 -14.60 28.80
CA ILE C 47 -23.63 -15.03 29.95
C ILE C 47 -23.37 -13.81 30.83
N GLY C 48 -23.85 -13.86 32.08
CA GLY C 48 -23.60 -12.76 33.01
C GLY C 48 -24.27 -11.47 32.63
N GLY C 49 -25.34 -11.53 31.84
CA GLY C 49 -25.95 -10.33 31.32
C GLY C 49 -26.76 -9.57 32.36
N GLN C 50 -26.83 -8.26 32.15
CA GLN C 50 -27.76 -7.41 32.88
C GLN C 50 -29.09 -7.35 32.13
N SER C 51 -30.12 -6.87 32.83
CA SER C 51 -31.45 -6.87 32.25
C SER C 51 -31.52 -6.01 30.99
N PHE C 52 -30.73 -4.93 30.90
CA PHE C 52 -30.79 -4.09 29.71
C PHE C 52 -30.43 -4.87 28.45
N GLU C 53 -29.34 -5.67 28.49
CA GLU C 53 -28.98 -6.39 27.28
C GLU C 53 -29.94 -7.53 27.01
N VAL C 54 -30.46 -8.18 28.05
CA VAL C 54 -31.46 -9.22 27.82
C VAL C 54 -32.69 -8.62 27.16
N LYS C 55 -33.15 -7.49 27.68
CA LYS C 55 -34.31 -6.81 27.11
C LYS C 55 -34.06 -6.39 25.66
N ASN C 56 -32.86 -5.89 25.35
CA ASN C 56 -32.61 -5.49 23.96
C ASN C 56 -32.48 -6.71 23.05
N LEU C 57 -31.79 -7.77 23.49
CA LEU C 57 -31.75 -9.01 22.71
C LEU C 57 -33.15 -9.54 22.46
N SER C 58 -34.01 -9.46 23.48
CA SER C 58 -35.39 -9.95 23.33
C SER C 58 -36.14 -9.18 22.26
N LYS C 59 -35.99 -7.86 22.24
CA LYS C 59 -36.71 -7.04 21.26
C LYS C 59 -36.23 -7.35 19.85
N ILE C 60 -34.91 -7.38 19.66
CA ILE C 60 -34.34 -7.54 18.32
C ILE C 60 -34.66 -8.90 17.75
N TYR C 61 -34.55 -9.95 18.56
CA TYR C 61 -34.70 -11.33 18.10
C TYR C 61 -35.93 -11.94 18.75
N ASN C 62 -37.10 -11.41 18.37
CA ASN C 62 -38.37 -11.81 18.98
C ASN C 62 -38.61 -13.31 18.88
N ASN C 63 -38.24 -13.93 17.77
CA ASN C 63 -38.48 -15.34 17.54
C ASN C 63 -37.32 -16.22 17.91
N SER C 64 -36.36 -15.70 18.68
CA SER C 64 -35.24 -16.49 19.15
C SER C 64 -35.46 -16.87 20.60
N LYS C 65 -34.87 -17.98 21.01
CA LYS C 65 -34.79 -18.35 22.42
C LYS C 65 -33.50 -17.78 22.99
N ILE C 66 -33.59 -17.01 24.06
CA ILE C 66 -32.43 -16.46 24.75
C ILE C 66 -32.17 -17.29 26.01
N THR C 67 -30.99 -17.93 26.08
CA THR C 67 -30.60 -18.69 27.26
C THR C 67 -29.78 -17.79 28.18
N ILE C 68 -30.23 -17.66 29.43
CA ILE C 68 -29.64 -16.76 30.41
C ILE C 68 -28.86 -17.58 31.44
N ILE C 69 -27.57 -17.31 31.58
CA ILE C 69 -26.76 -17.97 32.60
C ILE C 69 -26.03 -16.90 33.42
N GLU C 70 -26.15 -16.98 34.73
CA GLU C 70 -25.56 -16.03 35.66
C GLU C 70 -24.61 -16.76 36.60
N PRO C 71 -23.63 -16.06 37.17
CA PRO C 71 -22.64 -16.73 38.04
C PRO C 71 -23.17 -17.11 39.40
N SER C 72 -24.36 -16.66 39.79
CA SER C 72 -24.94 -17.07 41.07
C SER C 72 -26.45 -17.09 40.95
N GLU C 73 -27.08 -17.85 41.85
CA GLU C 73 -28.54 -17.82 41.94
C GLU C 73 -29.04 -16.43 42.33
N ILE C 74 -28.30 -15.71 43.19
CA ILE C 74 -28.76 -14.37 43.58
C ILE C 74 -28.84 -13.46 42.37
N MET C 75 -27.79 -13.47 41.53
CA MET C 75 -27.81 -12.63 40.34
C MET C 75 -28.87 -13.09 39.35
N LEU C 76 -29.05 -14.42 39.23
CA LEU C 76 -30.09 -14.97 38.37
C LEU C 76 -31.45 -14.43 38.76
N ASN C 77 -31.75 -14.41 40.06
CA ASN C 77 -33.06 -13.96 40.49
C ASN C 77 -33.26 -12.47 40.21
N ILE C 78 -32.22 -11.65 40.39
CA ILE C 78 -32.35 -10.23 40.09
C ILE C 78 -32.75 -10.02 38.64
N VAL C 79 -32.08 -10.73 37.72
CA VAL C 79 -32.39 -10.56 36.31
C VAL C 79 -33.77 -11.12 35.97
N LYS C 80 -34.14 -12.24 36.61
CA LYS C 80 -35.45 -12.84 36.42
C LYS C 80 -36.58 -11.87 36.78
N ASN C 81 -36.44 -11.18 37.91
CA ASN C 81 -37.46 -10.22 38.32
C ASN C 81 -37.56 -9.06 37.33
N GLU C 82 -36.43 -8.57 36.85
CA GLU C 82 -36.42 -7.43 35.94
C GLU C 82 -36.92 -7.77 34.55
N CYS C 83 -36.98 -9.06 34.18
CA CYS C 83 -37.44 -9.48 32.86
C CYS C 83 -38.70 -10.35 32.92
N LYS C 84 -39.48 -10.25 34.00
CA LYS C 84 -40.54 -11.22 34.25
C LYS C 84 -41.55 -11.30 33.12
N ASN C 85 -41.72 -10.20 32.37
CA ASN C 85 -42.74 -10.15 31.33
C ASN C 85 -42.26 -10.70 29.99
N LEU C 86 -40.95 -10.85 29.78
CA LEU C 86 -40.45 -11.34 28.51
C LEU C 86 -40.78 -12.81 28.34
N LYS C 87 -41.02 -13.21 27.08
CA LYS C 87 -41.58 -14.52 26.82
C LYS C 87 -40.64 -15.47 26.08
N ASN C 88 -39.45 -15.04 25.68
CA ASN C 88 -38.57 -15.94 24.95
C ASN C 88 -37.28 -16.21 25.72
N LEU C 89 -37.36 -16.20 27.06
CA LEU C 89 -36.19 -16.39 27.92
C LEU C 89 -36.20 -17.79 28.54
N GLU C 90 -35.03 -18.40 28.54
CA GLU C 90 -34.80 -19.68 29.20
C GLU C 90 -33.73 -19.42 30.27
N TYR C 91 -34.03 -19.75 31.53
CA TYR C 91 -33.08 -19.57 32.61
C TYR C 91 -32.41 -20.89 32.98
N ILE C 92 -31.08 -20.85 33.14
CA ILE C 92 -30.31 -22.00 33.58
C ILE C 92 -30.00 -21.81 35.06
N TYR C 93 -30.38 -22.79 35.89
CA TYR C 93 -30.19 -22.66 37.34
C TYR C 93 -28.90 -23.36 37.78
N ASP C 94 -27.81 -22.89 37.20
CA ASP C 94 -26.45 -23.32 37.52
C ASP C 94 -25.52 -22.32 36.86
N LYS C 95 -24.23 -22.38 37.22
CA LYS C 95 -23.26 -21.50 36.57
C LYS C 95 -22.78 -22.12 35.25
N PHE C 96 -22.16 -21.27 34.41
CA PHE C 96 -21.81 -21.65 33.05
C PHE C 96 -20.82 -22.80 33.04
N GLU C 97 -19.92 -22.84 34.04
CA GLU C 97 -18.92 -23.90 34.13
C GLU C 97 -19.57 -25.28 34.18
N ASN C 98 -20.78 -25.37 34.74
CA ASN C 98 -21.48 -26.64 34.92
C ASN C 98 -22.56 -26.89 33.88
N TYR C 99 -22.79 -25.95 32.98
CA TYR C 99 -23.81 -26.05 31.94
C TYR C 99 -23.34 -26.99 30.83
N LYS C 100 -24.05 -28.10 30.66
CA LYS C 100 -23.65 -29.17 29.73
C LYS C 100 -24.86 -29.50 28.87
N ASP C 101 -25.05 -28.72 27.82
CA ASP C 101 -26.15 -28.88 26.88
C ASP C 101 -25.59 -28.78 25.47
N ASN C 102 -25.95 -29.74 24.61
CA ASN C 102 -25.46 -29.74 23.23
C ASN C 102 -26.12 -28.67 22.37
N LYS C 103 -26.96 -27.81 22.95
CA LYS C 103 -27.62 -26.74 22.20
C LYS C 103 -26.58 -25.92 21.44
N ASN C 104 -26.87 -25.63 20.19
CA ASN C 104 -25.97 -24.84 19.36
C ASN C 104 -26.51 -23.41 19.30
N PHE C 105 -25.60 -22.45 19.45
CA PHE C 105 -25.95 -21.05 19.53
C PHE C 105 -25.35 -20.32 18.33
N GLU C 106 -26.12 -19.39 17.76
CA GLU C 106 -25.61 -18.55 16.69
C GLU C 106 -25.00 -17.24 17.19
N LEU C 107 -25.29 -16.88 18.44
CA LEU C 107 -24.86 -15.61 19.01
C LEU C 107 -24.61 -15.77 20.50
N CYS C 108 -23.52 -15.19 20.99
CA CYS C 108 -23.21 -15.19 22.41
C CYS C 108 -22.73 -13.80 22.80
N LEU C 109 -23.27 -13.29 23.91
CA LEU C 109 -22.90 -12.00 24.46
C LEU C 109 -22.33 -12.23 25.84
N CYS C 110 -21.11 -11.71 26.07
CA CYS C 110 -20.40 -11.97 27.32
C CYS C 110 -19.69 -10.67 27.70
N LEU C 111 -20.43 -9.77 28.36
CA LEU C 111 -20.00 -8.39 28.57
C LEU C 111 -19.52 -8.19 30.00
N LEU C 112 -18.23 -7.83 30.13
CA LEU C 112 -17.64 -7.46 31.43
C LEU C 112 -17.76 -8.61 32.43
N VAL C 113 -17.52 -9.83 31.95
CA VAL C 113 -17.64 -11.04 32.75
C VAL C 113 -16.28 -11.69 33.01
N LEU C 114 -15.42 -11.71 31.99
CA LEU C 114 -14.21 -12.56 32.03
C LEU C 114 -13.27 -12.17 33.16
N GLN C 115 -13.25 -10.88 33.55
CA GLN C 115 -12.36 -10.51 34.65
C GLN C 115 -12.84 -11.08 35.99
N PHE C 116 -14.03 -11.69 36.03
CA PHE C 116 -14.56 -12.32 37.23
C PHE C 116 -14.61 -13.85 37.12
N ILE C 117 -14.04 -14.42 36.07
CA ILE C 117 -14.12 -15.86 35.83
C ILE C 117 -12.90 -16.54 36.44
N GLU C 118 -13.13 -17.63 37.18
CA GLU C 118 -12.02 -18.32 37.83
C GLU C 118 -11.03 -18.90 36.83
N GLU C 119 -11.52 -19.53 35.75
CA GLU C 119 -10.70 -20.26 34.77
C GLU C 119 -11.04 -19.78 33.37
N PRO C 120 -10.52 -18.59 32.99
CA PRO C 120 -10.93 -17.98 31.71
C PRO C 120 -10.68 -18.83 30.48
N GLN C 121 -9.63 -19.67 30.49
CA GLN C 121 -9.30 -20.41 29.28
C GLN C 121 -10.37 -21.46 28.97
N SER C 122 -10.75 -22.26 29.97
CA SER C 122 -11.78 -23.27 29.72
C SER C 122 -13.16 -22.62 29.55
N PHE C 123 -13.37 -21.46 30.19
CA PHE C 123 -14.59 -20.70 29.97
C PHE C 123 -14.77 -20.35 28.50
N LEU C 124 -13.74 -19.78 27.87
CA LEU C 124 -13.87 -19.37 26.47
C LEU C 124 -13.92 -20.57 25.53
N GLU C 125 -13.20 -21.65 25.86
CA GLU C 125 -13.33 -22.87 25.06
C GLU C 125 -14.75 -23.38 25.07
N LYS C 126 -15.43 -23.30 26.22
CA LYS C 126 -16.81 -23.75 26.30
C LYS C 126 -17.71 -22.87 25.43
N ILE C 127 -17.47 -21.55 25.43
CA ILE C 127 -18.24 -20.69 24.54
C ILE C 127 -18.01 -21.11 23.09
N TYR C 128 -16.74 -21.33 22.72
CA TYR C 128 -16.42 -21.76 21.36
C TYR C 128 -17.18 -23.02 20.98
N ASN C 129 -17.24 -23.99 21.90
CA ASN C 129 -17.92 -25.25 21.60
C ASN C 129 -19.43 -25.11 21.57
N SER C 130 -19.97 -24.13 22.31
CA SER C 130 -21.41 -23.85 22.28
C SER C 130 -21.87 -23.15 21.01
N LEU C 131 -20.98 -22.44 20.34
CA LEU C 131 -21.38 -21.68 19.17
C LEU C 131 -21.48 -22.57 17.93
N ASP C 132 -22.41 -22.22 17.06
CA ASP C 132 -22.51 -22.82 15.75
C ASP C 132 -21.29 -22.44 14.90
N SER C 133 -21.16 -23.11 13.75
CA SER C 133 -19.91 -23.04 12.97
C SER C 133 -19.56 -21.60 12.59
N ASN C 134 -20.54 -20.78 12.23
CA ASN C 134 -20.30 -19.37 11.95
C ASN C 134 -20.85 -18.46 13.05
N GLY C 135 -20.89 -18.96 14.29
CA GLY C 135 -21.51 -18.21 15.35
C GLY C 135 -20.70 -16.99 15.74
N LEU C 136 -21.40 -16.01 16.32
CA LEU C 136 -20.84 -14.71 16.68
C LEU C 136 -20.76 -14.56 18.19
N LEU C 137 -19.60 -14.12 18.68
CA LEU C 137 -19.39 -13.78 20.08
C LEU C 137 -19.02 -12.31 20.19
N ILE C 138 -19.69 -11.59 21.08
CA ILE C 138 -19.29 -10.23 21.43
C ILE C 138 -18.84 -10.26 22.88
N ILE C 139 -17.60 -9.86 23.12
CA ILE C 139 -17.02 -10.00 24.45
C ILE C 139 -16.27 -8.72 24.83
N SER C 140 -16.41 -8.31 26.09
CA SER C 140 -15.74 -7.12 26.61
C SER C 140 -15.18 -7.39 28.00
N ILE C 141 -14.15 -6.63 28.37
CA ILE C 141 -13.45 -6.83 29.63
C ILE C 141 -13.13 -5.48 30.24
N PHE C 142 -12.94 -5.52 31.56
CA PHE C 142 -12.16 -4.52 32.26
C PHE C 142 -10.73 -5.05 32.34
N SER C 143 -9.77 -4.26 31.87
CA SER C 143 -8.40 -4.72 31.74
C SER C 143 -7.51 -4.10 32.81
N ASN C 144 -6.21 -4.36 32.72
CA ASN C 144 -5.22 -3.75 33.61
C ASN C 144 -4.49 -2.57 32.95
N LYS C 145 -5.02 -2.04 31.84
CA LYS C 145 -4.33 -1.00 31.09
C LYS C 145 -4.78 0.40 31.51
N GLN C 146 -3.80 1.30 31.69
CA GLN C 146 -4.10 2.72 31.91
C GLN C 146 -4.97 2.93 33.16
N LEU C 147 -4.63 2.23 34.23
CA LEU C 147 -5.44 2.36 35.44
C LEU C 147 -5.24 3.72 36.13
N THR C 148 -4.11 4.39 35.90
CA THR C 148 -3.92 5.71 36.47
C THR C 148 -4.95 6.70 35.90
N TYR C 149 -5.10 6.72 34.57
CA TYR C 149 -6.15 7.54 33.98
C TYR C 149 -7.53 7.04 34.40
N TRP C 150 -7.72 5.71 34.43
CA TRP C 150 -9.01 5.16 34.84
C TRP C 150 -9.39 5.64 36.24
N LYS C 151 -8.43 5.68 37.15
CA LYS C 151 -8.74 6.03 38.54
C LYS C 151 -9.35 7.43 38.63
N GLU C 152 -8.71 8.41 37.96
CA GLU C 152 -9.27 9.77 37.99
C GLU C 152 -10.62 9.84 37.28
N PHE C 153 -10.76 9.11 36.18
CA PHE C 153 -12.05 9.06 35.50
C PHE C 153 -13.14 8.58 36.45
N ALA C 154 -12.88 7.48 37.17
CA ALA C 154 -13.90 6.90 38.03
C ALA C 154 -14.22 7.81 39.21
N LEU C 155 -13.19 8.35 39.85
CA LEU C 155 -13.41 9.25 41.00
C LEU C 155 -14.26 10.45 40.59
N SER C 156 -14.03 10.98 39.39
CA SER C 156 -14.74 12.19 38.99
C SER C 156 -16.20 11.90 38.62
N ARG C 157 -16.54 10.64 38.36
CA ARG C 157 -17.92 10.22 38.15
C ARG C 157 -18.62 9.83 39.45
N GLY C 158 -17.97 10.00 40.60
CA GLY C 158 -18.58 9.67 41.87
C GLY C 158 -18.46 8.22 42.30
N ALA C 159 -17.46 7.48 41.79
CA ALA C 159 -17.24 6.13 42.28
C ALA C 159 -16.62 6.16 43.66
N LYS C 160 -16.97 5.15 44.47
CA LYS C 160 -16.52 5.11 45.85
C LYS C 160 -15.01 5.07 45.93
N LYS C 161 -14.43 6.04 46.66
CA LYS C 161 -12.99 6.23 46.69
C LYS C 161 -12.26 4.96 47.11
N GLU C 162 -12.81 4.23 48.09
CA GLU C 162 -12.15 3.04 48.59
C GLU C 162 -12.13 1.94 47.54
N GLN C 163 -13.24 1.76 46.81
CA GLN C 163 -13.28 0.73 45.77
C GLN C 163 -12.30 1.05 44.64
N VAL C 164 -12.23 2.32 44.24
CA VAL C 164 -11.32 2.71 43.17
C VAL C 164 -9.87 2.41 43.57
N GLU C 165 -9.49 2.80 44.80
CA GLU C 165 -8.13 2.60 45.26
C GLU C 165 -7.77 1.11 45.35
N LYS C 166 -8.74 0.26 45.70
CA LYS C 166 -8.44 -1.16 45.79
C LYS C 166 -8.21 -1.74 44.40
N THR C 167 -9.06 -1.38 43.44
CA THR C 167 -8.82 -1.81 42.07
C THR C 167 -7.50 -1.24 41.55
N PHE C 168 -7.23 0.03 41.83
CA PHE C 168 -6.03 0.66 41.29
C PHE C 168 -4.76 0.06 41.88
N ASN C 169 -4.72 -0.14 43.20
CA ASN C 169 -3.48 -0.56 43.84
C ASN C 169 -3.33 -2.07 43.98
N ASN C 170 -4.45 -2.80 44.01
CA ASN C 170 -4.45 -4.23 44.29
C ASN C 170 -5.51 -4.91 43.43
N GLN C 171 -5.39 -4.76 42.11
CA GLN C 171 -6.45 -5.22 41.20
C GLN C 171 -6.73 -6.71 41.38
N SER C 172 -5.71 -7.52 41.63
CA SER C 172 -5.93 -8.96 41.73
C SER C 172 -6.79 -9.34 42.93
N GLU C 173 -6.91 -8.46 43.93
CA GLU C 173 -7.86 -8.69 45.02
C GLU C 173 -9.30 -8.52 44.59
N VAL C 174 -9.54 -7.90 43.43
CA VAL C 174 -10.88 -7.57 42.98
C VAL C 174 -11.32 -8.42 41.79
N MET C 175 -10.39 -8.78 40.90
CA MET C 175 -10.70 -9.40 39.62
C MET C 175 -9.42 -10.01 39.06
N ASN C 176 -9.56 -10.75 37.97
CA ASN C 176 -8.41 -11.14 37.18
C ASN C 176 -7.70 -9.91 36.64
N ILE C 177 -6.38 -9.97 36.61
CA ILE C 177 -5.57 -8.97 35.92
C ILE C 177 -5.44 -9.42 34.48
N LEU C 178 -6.14 -8.74 33.58
CA LEU C 178 -6.25 -9.16 32.18
C LEU C 178 -5.66 -8.09 31.28
N SER C 179 -4.59 -8.43 30.60
CA SER C 179 -4.18 -7.53 29.51
C SER C 179 -4.96 -7.83 28.22
N PRO C 180 -5.24 -6.81 27.39
CA PRO C 180 -5.92 -7.10 26.11
C PRO C 180 -5.17 -8.09 25.25
N GLU C 181 -3.82 -8.05 25.27
CA GLU C 181 -3.06 -8.98 24.44
C GLU C 181 -3.23 -10.43 24.93
N TYR C 182 -3.18 -10.66 26.24
CA TYR C 182 -3.38 -12.03 26.71
C TYR C 182 -4.80 -12.49 26.44
N VAL C 183 -5.78 -11.59 26.47
CA VAL C 183 -7.14 -12.04 26.21
C VAL C 183 -7.31 -12.42 24.75
N GLU C 184 -6.66 -11.68 23.83
CA GLU C 184 -6.69 -12.10 22.44
C GLU C 184 -5.99 -13.45 22.27
N GLY C 185 -4.93 -13.69 23.04
CA GLY C 185 -4.30 -15.01 23.03
C GLY C 185 -5.20 -16.11 23.55
N LEU C 186 -5.98 -15.81 24.61
CA LEU C 186 -6.95 -16.78 25.11
C LEU C 186 -8.02 -17.11 24.07
N LEU C 187 -8.50 -16.09 23.34
CA LEU C 187 -9.47 -16.34 22.28
C LEU C 187 -8.88 -17.19 21.17
N LYS C 188 -7.65 -16.87 20.73
CA LYS C 188 -7.03 -17.63 19.66
C LYS C 188 -6.83 -19.09 20.07
N GLU C 189 -6.33 -19.32 21.29
CA GLU C 189 -6.11 -20.69 21.72
C GLU C 189 -7.42 -21.46 21.90
N SER C 190 -8.55 -20.77 22.11
CA SER C 190 -9.85 -21.43 22.13
C SER C 190 -10.31 -21.87 20.75
N GLY C 191 -9.75 -21.32 19.68
CA GLY C 191 -10.07 -21.73 18.32
C GLY C 191 -10.68 -20.66 17.44
N PHE C 192 -10.98 -19.46 17.91
CA PHE C 192 -11.75 -18.52 17.11
C PHE C 192 -10.99 -18.05 15.88
N SER C 193 -11.69 -17.99 14.74
CA SER C 193 -11.07 -17.69 13.44
C SER C 193 -10.73 -16.21 13.32
N LYS C 194 -11.61 -15.34 13.79
CA LYS C 194 -11.55 -13.92 13.48
C LYS C 194 -11.83 -13.16 14.76
N ILE C 195 -10.91 -12.27 15.14
CA ILE C 195 -10.98 -11.47 16.34
C ILE C 195 -10.75 -10.01 15.94
N GLU C 196 -11.75 -9.16 16.14
CA GLU C 196 -11.64 -7.75 15.78
C GLU C 196 -11.98 -6.87 16.99
N ARG C 197 -11.02 -6.07 17.43
CA ARG C 197 -11.31 -5.14 18.51
C ARG C 197 -12.09 -3.95 17.97
N ILE C 198 -13.22 -3.62 18.60
CA ILE C 198 -14.03 -2.50 18.16
C ILE C 198 -14.03 -1.32 19.13
N CYS C 199 -13.60 -1.53 20.38
CA CYS C 199 -13.58 -0.49 21.41
C CYS C 199 -12.37 -0.73 22.30
N GLU C 200 -11.59 0.30 22.55
CA GLU C 200 -10.65 0.29 23.68
C GLU C 200 -10.64 1.71 24.24
N VAL C 201 -11.09 1.87 25.48
CA VAL C 201 -11.18 3.17 26.14
C VAL C 201 -10.56 3.01 27.52
N LEU C 202 -9.38 3.58 27.71
CA LEU C 202 -8.61 3.36 28.94
C LEU C 202 -8.61 1.87 29.26
N SER C 203 -9.13 1.49 30.42
CA SER C 203 -9.05 0.13 30.93
C SER C 203 -10.19 -0.79 30.46
N THR C 204 -10.87 -0.47 29.36
CA THR C 204 -11.90 -1.37 28.83
C THR C 204 -11.58 -1.72 27.39
N ASP C 205 -12.04 -2.91 26.98
CA ASP C 205 -11.93 -3.43 25.62
C ASP C 205 -13.19 -4.18 25.25
N MET C 206 -13.53 -4.18 23.96
CA MET C 206 -14.60 -5.01 23.43
C MET C 206 -14.24 -5.53 22.06
N TRP C 207 -14.49 -6.82 21.82
CA TRP C 207 -14.16 -7.47 20.56
C TRP C 207 -15.40 -8.11 19.95
N VAL C 208 -15.40 -8.16 18.63
CA VAL C 208 -16.32 -8.98 17.85
C VAL C 208 -15.55 -10.20 17.39
N VAL C 209 -16.09 -11.39 17.67
CA VAL C 209 -15.31 -12.61 17.50
C VAL C 209 -16.16 -13.62 16.72
N ARG C 210 -15.55 -14.27 15.73
CA ARG C 210 -16.24 -15.27 14.92
C ARG C 210 -15.57 -16.63 15.09
N LYS C 211 -16.38 -17.68 15.13
CA LYS C 211 -15.88 -19.03 15.36
C LYS C 211 -15.22 -19.60 14.12
N ILE D 13 -22.86 16.80 15.94
CA ILE D 13 -21.54 16.23 15.71
C ILE D 13 -21.31 14.98 16.58
N ARG D 14 -21.92 14.88 17.76
CA ARG D 14 -21.88 13.56 18.40
C ARG D 14 -22.80 12.58 17.70
N LYS D 15 -23.66 13.03 16.79
CA LYS D 15 -24.37 12.08 15.95
C LYS D 15 -23.42 11.32 15.03
N LYS D 16 -22.24 11.89 14.76
CA LYS D 16 -21.30 11.33 13.79
C LYS D 16 -20.01 10.82 14.41
N VAL D 17 -19.67 11.22 15.62
CA VAL D 17 -18.38 10.86 16.20
C VAL D 17 -18.60 10.02 17.45
N PRO D 18 -18.33 8.72 17.41
CA PRO D 18 -18.40 7.92 18.64
C PRO D 18 -17.48 8.50 19.70
N ALA D 19 -17.92 8.42 20.96
CA ALA D 19 -17.15 8.87 22.12
C ALA D 19 -16.81 10.37 22.08
N TYR D 20 -17.55 11.18 21.32
CA TYR D 20 -17.29 12.62 21.31
C TYR D 20 -17.31 13.18 22.73
N ASP D 21 -18.45 13.03 23.43
CA ASP D 21 -18.53 13.54 24.79
C ASP D 21 -17.58 12.81 25.71
N LEU D 22 -17.42 11.51 25.50
CA LEU D 22 -16.55 10.71 26.35
C LEU D 22 -15.10 11.15 26.24
N MET D 23 -14.62 11.40 25.02
CA MET D 23 -13.24 11.86 24.86
C MET D 23 -13.00 13.16 25.62
N LEU D 24 -13.97 14.09 25.55
CA LEU D 24 -13.83 15.35 26.29
C LEU D 24 -13.84 15.12 27.80
N GLU D 25 -14.73 14.25 28.28
CA GLU D 25 -14.78 13.98 29.72
C GLU D 25 -13.46 13.40 30.20
N ILE D 26 -12.86 12.51 29.40
CA ILE D 26 -11.60 11.88 29.80
C ILE D 26 -10.48 12.92 29.86
N ILE D 27 -10.42 13.82 28.87
CA ILE D 27 -9.40 14.86 28.88
C ILE D 27 -9.50 15.71 30.14
N PHE D 28 -10.69 16.26 30.40
CA PHE D 28 -10.79 17.27 31.43
C PHE D 28 -10.93 16.68 32.83
N ASN D 29 -11.48 15.47 32.95
CA ASN D 29 -11.63 14.86 34.27
C ASN D 29 -10.49 13.91 34.65
N SER D 30 -9.61 13.57 33.71
CA SER D 30 -8.53 12.63 34.02
C SER D 30 -7.17 13.04 33.49
N ILE D 31 -7.01 13.11 32.16
CA ILE D 31 -5.67 13.21 31.58
C ILE D 31 -4.97 14.47 32.07
N LEU D 32 -5.67 15.59 32.01
CA LEU D 32 -5.03 16.86 32.37
C LEU D 32 -4.70 16.92 33.86
N LYS D 33 -5.54 16.31 34.71
CA LYS D 33 -5.21 16.23 36.13
C LYS D 33 -3.92 15.47 36.35
N ILE D 34 -3.71 14.39 35.61
CA ILE D 34 -2.56 13.52 35.83
C ILE D 34 -1.30 14.06 35.17
N GLU D 35 -1.42 14.67 33.99
CA GLU D 35 -0.27 15.00 33.17
C GLU D 35 0.20 16.44 33.30
N THR D 36 -0.55 17.32 33.97
CA THR D 36 -0.16 18.72 34.08
C THR D 36 -0.29 19.21 35.53
N ASP D 37 0.56 20.17 35.86
CA ASP D 37 0.46 20.99 37.07
C ASP D 37 0.01 22.38 36.64
N ILE D 38 -1.10 22.87 37.20
CA ILE D 38 -1.62 24.17 36.75
C ILE D 38 -0.61 25.29 37.00
N SER D 39 0.34 25.10 37.92
CA SER D 39 1.33 26.14 38.17
C SER D 39 2.30 26.27 37.00
N GLN D 40 2.64 25.16 36.35
CA GLN D 40 3.64 25.21 35.27
C GLN D 40 3.02 25.47 33.91
N ILE D 41 1.69 25.53 33.80
CA ILE D 41 1.02 25.76 32.52
C ILE D 41 0.84 27.26 32.36
N LYS D 42 1.71 27.88 31.56
CA LYS D 42 1.62 29.29 31.24
C LYS D 42 0.82 29.55 29.97
N ASN D 43 1.18 28.89 28.87
CA ASN D 43 0.57 29.12 27.57
C ASN D 43 -0.05 27.83 27.04
N ILE D 44 -1.30 27.92 26.60
CA ILE D 44 -2.05 26.81 26.03
C ILE D 44 -2.41 27.13 24.59
N LEU D 45 -2.16 26.18 23.68
CA LEU D 45 -2.50 26.35 22.27
C LEU D 45 -3.71 25.49 21.96
N SER D 46 -4.83 26.14 21.60
CA SER D 46 -6.02 25.43 21.16
C SER D 46 -6.16 25.60 19.65
N ILE D 47 -6.11 24.49 18.91
CA ILE D 47 -6.21 24.50 17.45
C ILE D 47 -7.54 23.91 17.05
N GLY D 48 -8.37 24.70 16.35
CA GLY D 48 -9.64 24.22 15.86
C GLY D 48 -10.63 23.85 16.94
N GLY D 49 -10.49 24.41 18.13
CA GLY D 49 -11.32 23.99 19.25
C GLY D 49 -12.73 24.54 19.17
N GLN D 50 -13.66 23.79 19.73
CA GLN D 50 -15.01 24.27 19.95
C GLN D 50 -15.08 25.00 21.29
N SER D 51 -16.18 25.74 21.48
CA SER D 51 -16.30 26.57 22.67
C SER D 51 -16.28 25.77 23.96
N PHE D 52 -16.77 24.52 23.94
CA PHE D 52 -16.75 23.71 25.16
C PHE D 52 -15.31 23.45 25.62
N GLU D 53 -14.42 23.04 24.70
CA GLU D 53 -13.00 22.88 25.05
C GLU D 53 -12.42 24.17 25.60
N VAL D 54 -12.65 25.29 24.92
CA VAL D 54 -12.08 26.56 25.36
C VAL D 54 -12.57 26.89 26.77
N LYS D 55 -13.87 26.78 26.99
CA LYS D 55 -14.45 27.07 28.32
C LYS D 55 -13.81 26.19 29.39
N ASN D 56 -13.69 24.89 29.15
CA ASN D 56 -13.12 24.03 30.17
C ASN D 56 -11.63 24.32 30.39
N LEU D 57 -10.87 24.56 29.31
CA LEU D 57 -9.48 24.96 29.48
C LEU D 57 -9.37 26.25 30.29
N SER D 58 -10.30 27.18 30.05
CA SER D 58 -10.23 28.47 30.73
C SER D 58 -10.47 28.33 32.23
N LYS D 59 -11.43 27.50 32.63
CA LYS D 59 -11.74 27.34 34.05
C LYS D 59 -10.60 26.61 34.77
N ILE D 60 -10.14 25.51 34.19
CA ILE D 60 -9.07 24.72 34.80
C ILE D 60 -7.80 25.53 34.95
N TYR D 61 -7.45 26.30 33.90
CA TYR D 61 -6.21 27.06 33.88
C TYR D 61 -6.48 28.56 33.79
N ASN D 62 -7.18 29.12 34.78
CA ASN D 62 -7.56 30.53 34.73
C ASN D 62 -6.34 31.45 34.75
N ASN D 63 -5.22 31.03 35.34
CA ASN D 63 -4.01 31.84 35.30
C ASN D 63 -3.24 31.71 33.99
N SER D 64 -3.72 30.90 33.06
CA SER D 64 -3.01 30.66 31.80
C SER D 64 -3.59 31.52 30.68
N LYS D 65 -2.76 31.79 29.68
CA LYS D 65 -3.20 32.39 28.44
C LYS D 65 -3.51 31.30 27.43
N ILE D 66 -4.73 31.29 26.90
CA ILE D 66 -5.16 30.32 25.90
C ILE D 66 -5.16 31.00 24.54
N THR D 67 -4.31 30.52 23.62
CA THR D 67 -4.25 31.01 22.25
C THR D 67 -5.19 30.17 21.38
N ILE D 68 -6.11 30.83 20.70
CA ILE D 68 -7.18 30.20 19.92
C ILE D 68 -6.88 30.40 18.44
N ILE D 69 -6.68 29.30 17.69
CA ILE D 69 -6.48 29.38 16.26
C ILE D 69 -7.50 28.49 15.57
N GLU D 70 -8.22 29.04 14.61
CA GLU D 70 -9.29 28.36 13.89
C GLU D 70 -8.97 28.34 12.39
N PRO D 71 -9.53 27.37 11.65
CA PRO D 71 -9.19 27.25 10.22
C PRO D 71 -9.80 28.34 9.35
N SER D 72 -10.73 29.13 9.86
CA SER D 72 -11.30 30.20 9.07
C SER D 72 -11.75 31.33 9.98
N GLU D 73 -11.85 32.52 9.40
CA GLU D 73 -12.42 33.64 10.15
C GLU D 73 -13.86 33.36 10.57
N ILE D 74 -14.63 32.65 9.73
CA ILE D 74 -16.01 32.34 10.09
C ILE D 74 -16.06 31.52 11.37
N MET D 75 -15.23 30.47 11.44
CA MET D 75 -15.22 29.64 12.65
C MET D 75 -14.65 30.41 13.84
N LEU D 76 -13.64 31.26 13.61
CA LEU D 76 -13.09 32.06 14.70
C LEU D 76 -14.18 32.93 15.33
N ASN D 77 -15.04 33.52 14.49
CA ASN D 77 -16.05 34.42 15.03
C ASN D 77 -17.10 33.67 15.83
N ILE D 78 -17.51 32.48 15.37
CA ILE D 78 -18.47 31.68 16.13
C ILE D 78 -17.93 31.42 17.54
N VAL D 79 -16.68 30.98 17.64
CA VAL D 79 -16.11 30.65 18.94
C VAL D 79 -15.94 31.90 19.80
N LYS D 80 -15.54 33.02 19.18
CA LYS D 80 -15.43 34.28 19.91
C LYS D 80 -16.77 34.70 20.52
N ASN D 81 -17.85 34.59 19.74
CA ASN D 81 -19.16 34.94 20.28
C ASN D 81 -19.52 34.06 21.46
N GLU D 82 -19.24 32.76 21.37
CA GLU D 82 -19.59 31.84 22.45
C GLU D 82 -18.69 31.97 23.67
N CYS D 83 -17.58 32.71 23.59
CA CYS D 83 -16.66 32.84 24.72
C CYS D 83 -16.38 34.30 25.08
N LYS D 84 -17.28 35.22 24.74
CA LYS D 84 -16.97 36.65 24.90
C LYS D 84 -16.74 37.05 26.36
N ASN D 85 -17.21 36.25 27.31
CA ASN D 85 -17.05 36.59 28.73
C ASN D 85 -15.70 36.16 29.29
N LEU D 86 -15.03 35.19 28.68
CA LEU D 86 -13.75 34.70 29.20
C LEU D 86 -12.66 35.74 29.02
N LYS D 87 -11.75 35.81 29.98
CA LYS D 87 -10.80 36.91 30.03
C LYS D 87 -9.35 36.51 29.80
N ASN D 88 -9.06 35.24 29.56
CA ASN D 88 -7.68 34.82 29.34
C ASN D 88 -7.50 34.21 27.95
N LEU D 89 -8.24 34.70 26.97
CA LEU D 89 -8.19 34.18 25.61
C LEU D 89 -7.47 35.17 24.69
N GLU D 90 -6.59 34.67 23.85
CA GLU D 90 -6.01 35.46 22.78
C GLU D 90 -6.39 34.80 21.46
N TYR D 91 -6.96 35.57 20.55
CA TYR D 91 -7.35 35.06 19.24
C TYR D 91 -6.30 35.41 18.20
N ILE D 92 -5.96 34.44 17.35
CA ILE D 92 -5.11 34.66 16.19
C ILE D 92 -5.99 34.79 14.96
N TYR D 93 -5.85 35.88 14.21
CA TYR D 93 -6.68 36.13 13.03
C TYR D 93 -5.98 35.69 11.75
N ASP D 94 -5.62 34.40 11.75
CA ASP D 94 -5.04 33.71 10.61
C ASP D 94 -5.13 32.22 10.89
N LYS D 95 -4.86 31.41 9.86
CA LYS D 95 -4.84 29.96 10.05
C LYS D 95 -3.51 29.52 10.66
N PHE D 96 -3.52 28.32 11.28
CA PHE D 96 -2.34 27.81 11.98
C PHE D 96 -1.13 27.70 11.07
N GLU D 97 -1.34 27.36 9.80
CA GLU D 97 -0.25 27.22 8.84
C GLU D 97 0.52 28.52 8.65
N ASN D 98 -0.10 29.68 8.91
CA ASN D 98 0.53 30.97 8.75
C ASN D 98 0.98 31.59 10.07
N TYR D 99 0.66 30.95 11.20
CA TYR D 99 0.98 31.48 12.53
C TYR D 99 2.46 31.31 12.82
N LYS D 100 3.17 32.43 12.91
CA LYS D 100 4.64 32.41 13.14
C LYS D 100 4.97 33.25 14.38
N ASP D 101 4.88 32.63 15.55
CA ASP D 101 5.18 33.29 16.84
C ASP D 101 6.15 32.37 17.60
N ASN D 102 7.10 32.94 18.34
CA ASN D 102 8.11 32.14 19.10
C ASN D 102 7.59 31.70 20.47
N LYS D 103 6.34 32.07 20.80
CA LYS D 103 5.69 31.68 22.09
C LYS D 103 5.83 30.17 22.30
N ASN D 104 6.29 29.76 23.47
CA ASN D 104 6.44 28.32 23.80
C ASN D 104 5.19 27.90 24.58
N PHE D 105 4.57 26.78 24.19
CA PHE D 105 3.34 26.29 24.87
C PHE D 105 3.66 25.04 25.69
N GLU D 106 3.02 24.88 26.84
CA GLU D 106 3.22 23.70 27.70
C GLU D 106 2.14 22.67 27.38
N LEU D 107 1.05 23.12 26.73
CA LEU D 107 -0.08 22.21 26.40
C LEU D 107 -0.72 22.63 25.08
N CYS D 108 -1.13 21.64 24.29
CA CYS D 108 -1.81 21.89 22.98
C CYS D 108 -2.95 20.89 22.83
N LEU D 109 -4.14 21.38 22.48
CA LEU D 109 -5.32 20.52 22.25
C LEU D 109 -5.68 20.61 20.76
N CYS D 110 -5.69 19.46 20.08
CA CYS D 110 -6.02 19.40 18.63
C CYS D 110 -6.99 18.23 18.43
N LEU D 111 -8.28 18.50 18.65
CA LEU D 111 -9.31 17.43 18.62
C LEU D 111 -10.11 17.44 17.31
N LEU D 112 -10.10 16.29 16.62
CA LEU D 112 -10.84 16.07 15.34
C LEU D 112 -10.52 17.19 14.34
N VAL D 113 -9.23 17.50 14.18
CA VAL D 113 -8.81 18.60 13.25
C VAL D 113 -7.95 18.04 12.13
N LEU D 114 -7.08 17.07 12.44
CA LEU D 114 -6.09 16.48 11.48
C LEU D 114 -6.72 15.94 10.18
N GLN D 115 -7.96 15.43 10.23
CA GLN D 115 -8.62 14.89 9.00
C GLN D 115 -9.03 15.99 8.01
N PHE D 116 -9.07 17.26 8.44
CA PHE D 116 -9.43 18.40 7.57
C PHE D 116 -8.20 19.28 7.28
N ILE D 117 -7.00 18.79 7.60
CA ILE D 117 -5.75 19.58 7.39
C ILE D 117 -5.13 19.23 6.03
N GLU D 118 -4.83 20.24 5.22
CA GLU D 118 -4.25 20.03 3.87
C GLU D 118 -2.92 19.26 3.96
N GLU D 119 -1.99 19.72 4.79
CA GLU D 119 -0.66 19.07 4.93
C GLU D 119 -0.43 18.64 6.37
N PRO D 120 -0.90 17.46 6.79
CA PRO D 120 -0.77 17.00 8.18
C PRO D 120 0.68 16.89 8.70
N GLN D 121 1.63 16.54 7.82
CA GLN D 121 3.05 16.36 8.23
C GLN D 121 3.62 17.68 8.78
N SER D 122 3.59 18.75 7.98
CA SER D 122 4.14 20.06 8.43
C SER D 122 3.30 20.65 9.57
N PHE D 123 1.99 20.36 9.57
CA PHE D 123 1.07 20.84 10.63
C PHE D 123 1.53 20.29 11.98
N LEU D 124 1.80 18.98 12.04
CA LEU D 124 2.24 18.32 13.31
C LEU D 124 3.65 18.80 13.68
N GLU D 125 4.49 19.04 12.68
CA GLU D 125 5.87 19.53 12.94
C GLU D 125 5.78 20.91 13.62
N LYS D 126 4.86 21.75 13.13
CA LYS D 126 4.66 23.10 13.72
C LYS D 126 4.24 22.95 15.18
N ILE D 127 3.29 22.06 15.46
CA ILE D 127 2.83 21.86 16.88
C ILE D 127 4.04 21.46 17.72
N TYR D 128 4.84 20.52 17.25
CA TYR D 128 6.03 20.03 17.98
C TYR D 128 7.00 21.20 18.26
N ASN D 129 7.20 22.06 17.26
CA ASN D 129 8.14 23.21 17.40
C ASN D 129 7.53 24.28 18.34
N SER D 130 6.20 24.35 18.42
CA SER D 130 5.54 25.38 19.26
C SER D 130 5.49 24.92 20.74
N LEU D 131 5.62 23.63 20.99
CA LEU D 131 5.52 23.12 22.38
C LEU D 131 6.84 23.31 23.13
N ASP D 132 6.75 23.33 24.47
CA ASP D 132 7.93 23.38 25.39
C ASP D 132 8.54 21.97 25.40
N SER D 133 9.80 21.83 25.79
CA SER D 133 10.47 20.54 25.62
C SER D 133 9.75 19.41 26.35
N ASN D 134 9.04 19.69 27.44
CA ASN D 134 8.19 18.67 28.09
C ASN D 134 6.70 18.92 27.83
N GLY D 135 6.37 19.56 26.71
CA GLY D 135 5.00 19.93 26.47
C GLY D 135 4.11 18.75 26.12
N LEU D 136 2.82 18.93 26.40
CA LEU D 136 1.80 17.91 26.20
C LEU D 136 0.90 18.27 25.03
N LEU D 137 0.67 17.29 24.15
CA LEU D 137 -0.28 17.39 23.05
C LEU D 137 -1.34 16.31 23.22
N ILE D 138 -2.61 16.70 23.21
CA ILE D 138 -3.71 15.75 23.11
C ILE D 138 -4.34 15.90 21.74
N ILE D 139 -4.36 14.82 20.97
CA ILE D 139 -4.81 14.85 19.58
C ILE D 139 -5.77 13.70 19.32
N SER D 140 -6.83 13.97 18.56
CA SER D 140 -7.79 12.95 18.18
C SER D 140 -8.15 13.10 16.70
N ILE D 141 -8.63 12.01 16.11
CA ILE D 141 -8.94 11.99 14.68
C ILE D 141 -10.20 11.18 14.44
N PHE D 142 -10.82 11.46 13.30
CA PHE D 142 -11.73 10.56 12.64
C PHE D 142 -10.92 9.79 11.61
N SER D 143 -10.90 8.48 11.72
CA SER D 143 -10.03 7.62 10.93
C SER D 143 -10.83 6.95 9.80
N ASN D 144 -10.17 6.05 9.09
CA ASN D 144 -10.80 5.25 8.04
C ASN D 144 -11.10 3.83 8.51
N LYS D 145 -11.05 3.58 9.82
CA LYS D 145 -11.19 2.22 10.34
C LYS D 145 -12.64 1.93 10.73
N GLN D 146 -13.12 0.74 10.34
CA GLN D 146 -14.43 0.24 10.76
C GLN D 146 -15.56 1.19 10.36
N LEU D 147 -15.49 1.70 9.13
CA LEU D 147 -16.54 2.62 8.68
C LEU D 147 -17.87 1.91 8.46
N THR D 148 -17.87 0.60 8.23
CA THR D 148 -19.13 -0.12 8.10
C THR D 148 -19.90 -0.08 9.41
N TYR D 149 -19.22 -0.40 10.52
CA TYR D 149 -19.84 -0.27 11.82
C TYR D 149 -20.17 1.18 12.13
N TRP D 150 -19.25 2.10 11.81
CA TRP D 150 -19.52 3.52 12.05
C TRP D 150 -20.78 3.98 11.34
N LYS D 151 -20.98 3.54 10.09
CA LYS D 151 -22.13 4.02 9.32
C LYS D 151 -23.45 3.71 10.01
N GLU D 152 -23.60 2.48 10.52
CA GLU D 152 -24.83 2.15 11.24
C GLU D 152 -24.93 2.90 12.55
N PHE D 153 -23.82 3.05 13.27
CA PHE D 153 -23.83 3.86 14.49
C PHE D 153 -24.36 5.26 14.19
N ALA D 154 -23.81 5.91 13.17
CA ALA D 154 -24.18 7.29 12.88
C ALA D 154 -25.64 7.39 12.46
N LEU D 155 -26.07 6.51 11.54
CA LEU D 155 -27.46 6.52 11.08
C LEU D 155 -28.44 6.36 12.24
N SER D 156 -28.12 5.50 13.20
CA SER D 156 -29.06 5.24 14.29
C SER D 156 -29.12 6.39 15.28
N ARG D 157 -28.12 7.27 15.27
CA ARG D 157 -28.16 8.49 16.09
C ARG D 157 -28.83 9.67 15.38
N GLY D 158 -29.33 9.47 14.17
CA GLY D 158 -29.99 10.54 13.44
C GLY D 158 -29.14 11.37 12.49
N ALA D 159 -27.91 10.94 12.19
CA ALA D 159 -27.09 11.68 11.23
C ALA D 159 -27.69 11.57 9.83
N LYS D 160 -27.45 12.61 9.01
CA LYS D 160 -28.08 12.71 7.71
C LYS D 160 -27.59 11.58 6.80
N LYS D 161 -28.54 10.81 6.25
CA LYS D 161 -28.22 9.62 5.48
C LYS D 161 -27.28 9.91 4.33
N GLU D 162 -27.46 11.06 3.68
CA GLU D 162 -26.60 11.38 2.54
C GLU D 162 -25.18 11.73 2.99
N GLN D 163 -25.05 12.43 4.12
CA GLN D 163 -23.73 12.74 4.64
C GLN D 163 -22.98 11.47 5.03
N VAL D 164 -23.67 10.55 5.72
CA VAL D 164 -23.02 9.32 6.15
C VAL D 164 -22.57 8.51 4.93
N GLU D 165 -23.45 8.40 3.92
CA GLU D 165 -23.12 7.63 2.73
C GLU D 165 -21.92 8.21 1.99
N LYS D 166 -21.77 9.53 1.99
CA LYS D 166 -20.63 10.13 1.30
C LYS D 166 -19.33 9.83 2.06
N THR D 167 -19.34 10.00 3.38
CA THR D 167 -18.17 9.61 4.16
C THR D 167 -17.87 8.12 3.99
N PHE D 168 -18.91 7.27 4.03
CA PHE D 168 -18.70 5.84 3.98
C PHE D 168 -18.13 5.41 2.63
N ASN D 169 -18.70 5.91 1.54
CA ASN D 169 -18.35 5.40 0.23
C ASN D 169 -17.22 6.18 -0.43
N ASN D 170 -17.06 7.46 -0.08
CA ASN D 170 -16.13 8.36 -0.75
C ASN D 170 -15.49 9.28 0.30
N GLN D 171 -14.84 8.68 1.29
CA GLN D 171 -14.33 9.45 2.43
C GLN D 171 -13.37 10.57 1.98
N SER D 172 -12.57 10.33 0.93
CA SER D 172 -11.59 11.32 0.50
C SER D 172 -12.24 12.58 -0.05
N GLU D 173 -13.48 12.51 -0.51
CA GLU D 173 -14.21 13.72 -0.88
C GLU D 173 -14.61 14.55 0.33
N VAL D 174 -14.53 13.99 1.53
CA VAL D 174 -14.96 14.66 2.75
C VAL D 174 -13.79 15.09 3.63
N MET D 175 -12.71 14.32 3.66
CA MET D 175 -11.64 14.52 4.63
C MET D 175 -10.44 13.71 4.17
N ASN D 176 -9.32 13.90 4.87
CA ASN D 176 -8.18 12.99 4.70
C ASN D 176 -8.59 11.60 5.12
N ILE D 177 -8.08 10.61 4.38
CA ILE D 177 -8.21 9.21 4.77
C ILE D 177 -7.01 8.89 5.65
N LEU D 178 -7.24 8.73 6.95
CA LEU D 178 -6.17 8.61 7.94
C LEU D 178 -6.30 7.26 8.64
N SER D 179 -5.28 6.42 8.50
CA SER D 179 -5.26 5.27 9.39
C SER D 179 -4.59 5.64 10.71
N PRO D 180 -4.99 5.02 11.84
CA PRO D 180 -4.29 5.30 13.09
C PRO D 180 -2.81 5.01 13.00
N GLU D 181 -2.43 3.98 12.23
CA GLU D 181 -1.02 3.62 12.12
C GLU D 181 -0.22 4.72 11.43
N TYR D 182 -0.75 5.26 10.33
CA TYR D 182 -0.02 6.33 9.65
C TYR D 182 0.02 7.59 10.49
N VAL D 183 -1.02 7.83 11.30
CA VAL D 183 -0.99 9.03 12.14
C VAL D 183 0.06 8.89 13.23
N GLU D 184 0.19 7.70 13.83
CA GLU D 184 1.30 7.48 14.75
C GLU D 184 2.64 7.69 14.04
N GLY D 185 2.73 7.27 12.77
CA GLY D 185 3.97 7.50 12.02
C GLY D 185 4.24 8.98 11.78
N LEU D 186 3.19 9.74 11.46
CA LEU D 186 3.29 11.20 11.34
C LEU D 186 3.77 11.84 12.64
N LEU D 187 3.24 11.39 13.78
CA LEU D 187 3.69 11.97 15.04
C LEU D 187 5.16 11.67 15.30
N LYS D 188 5.58 10.41 15.09
CA LYS D 188 6.97 10.04 15.31
C LYS D 188 7.90 10.83 14.41
N GLU D 189 7.55 11.00 13.14
CA GLU D 189 8.40 11.76 12.23
C GLU D 189 8.50 13.22 12.64
N SER D 190 7.42 13.78 13.21
CA SER D 190 7.46 15.15 13.71
C SER D 190 8.43 15.35 14.87
N GLY D 191 8.84 14.29 15.55
CA GLY D 191 9.79 14.37 16.63
C GLY D 191 9.29 13.86 17.96
N PHE D 192 8.00 13.57 18.11
CA PHE D 192 7.46 13.26 19.43
C PHE D 192 8.01 11.93 19.95
N SER D 193 8.46 11.94 21.20
CA SER D 193 9.12 10.76 21.77
C SER D 193 8.13 9.77 22.35
N LYS D 194 7.06 10.27 22.99
CA LYS D 194 6.14 9.45 23.75
C LYS D 194 4.74 9.62 23.19
N ILE D 195 4.17 8.53 22.68
CA ILE D 195 2.88 8.52 22.01
C ILE D 195 2.04 7.40 22.63
N GLU D 196 0.90 7.75 23.20
CA GLU D 196 0.07 6.76 23.91
C GLU D 196 -1.38 6.89 23.50
N ARG D 197 -1.92 5.85 22.88
CA ARG D 197 -3.34 5.87 22.50
C ARG D 197 -4.19 5.61 23.74
N ILE D 198 -5.14 6.51 24.00
CA ILE D 198 -6.01 6.34 25.16
C ILE D 198 -7.44 5.96 24.79
N CYS D 199 -7.85 6.11 23.53
CA CYS D 199 -9.21 5.86 23.13
C CYS D 199 -9.16 5.39 21.67
N GLU D 200 -9.82 4.28 21.35
CA GLU D 200 -10.13 3.96 19.96
C GLU D 200 -11.51 3.33 19.95
N VAL D 201 -12.45 3.99 19.28
CA VAL D 201 -13.85 3.54 19.25
C VAL D 201 -14.31 3.60 17.80
N LEU D 202 -14.46 2.44 17.18
CA LEU D 202 -14.72 2.37 15.74
C LEU D 202 -13.75 3.29 15.01
N SER D 203 -14.28 4.28 14.30
CA SER D 203 -13.48 5.13 13.43
C SER D 203 -12.85 6.35 14.15
N THR D 204 -12.75 6.35 15.47
CA THR D 204 -12.12 7.45 16.19
C THR D 204 -10.93 6.98 17.01
N ASP D 205 -9.95 7.88 17.16
CA ASP D 205 -8.78 7.63 17.99
C ASP D 205 -8.40 8.91 18.73
N MET D 206 -7.84 8.75 19.93
CA MET D 206 -7.26 9.87 20.67
C MET D 206 -5.96 9.43 21.31
N TRP D 207 -4.92 10.27 21.19
CA TRP D 207 -3.61 10.00 21.78
C TRP D 207 -3.23 11.11 22.73
N VAL D 208 -2.47 10.72 23.75
CA VAL D 208 -1.69 11.65 24.58
C VAL D 208 -0.25 11.57 24.13
N VAL D 209 0.36 12.72 23.86
CA VAL D 209 1.64 12.79 23.18
C VAL D 209 2.54 13.75 23.93
N ARG D 210 3.81 13.36 24.12
CA ARG D 210 4.79 14.20 24.80
C ARG D 210 5.96 14.51 23.89
N LYS D 211 6.45 15.74 23.96
CA LYS D 211 7.49 16.19 23.05
C LYS D 211 8.83 15.54 23.36
N ARG E 14 18.15 2.38 -10.31
CA ARG E 14 18.50 2.39 -11.72
C ARG E 14 19.73 1.52 -12.01
N LYS E 15 20.57 1.30 -10.98
CA LYS E 15 21.69 0.38 -11.11
C LYS E 15 21.24 -1.08 -11.11
N LYS E 16 20.00 -1.35 -10.67
CA LYS E 16 19.51 -2.72 -10.49
C LYS E 16 18.41 -3.11 -11.46
N VAL E 17 17.77 -2.13 -12.10
CA VAL E 17 16.60 -2.38 -12.93
C VAL E 17 16.93 -1.99 -14.37
N PRO E 18 17.22 -2.95 -15.25
CA PRO E 18 17.40 -2.60 -16.66
C PRO E 18 16.17 -1.89 -17.19
N ALA E 19 16.41 -0.92 -18.08
CA ALA E 19 15.37 -0.13 -18.73
C ALA E 19 14.53 0.70 -17.73
N TYR E 20 15.05 0.98 -16.54
CA TYR E 20 14.29 1.81 -15.61
C TYR E 20 13.91 3.14 -16.26
N ASP E 21 14.91 3.91 -16.71
CA ASP E 21 14.60 5.19 -17.34
C ASP E 21 13.84 4.97 -18.65
N LEU E 22 14.18 3.92 -19.38
CA LEU E 22 13.54 3.64 -20.66
C LEU E 22 12.04 3.41 -20.49
N MET E 23 11.65 2.61 -19.49
CA MET E 23 10.23 2.32 -19.28
C MET E 23 9.45 3.61 -19.00
N LEU E 24 10.02 4.50 -18.18
CA LEU E 24 9.35 5.76 -17.88
C LEU E 24 9.21 6.63 -19.14
N GLU E 25 10.30 6.70 -19.93
CA GLU E 25 10.26 7.48 -21.16
C GLU E 25 9.17 6.97 -22.09
N ILE E 26 9.03 5.65 -22.22
CA ILE E 26 8.03 5.08 -23.11
C ILE E 26 6.62 5.38 -22.60
N ILE E 27 6.41 5.32 -21.29
CA ILE E 27 5.09 5.63 -20.73
C ILE E 27 4.69 7.05 -21.07
N PHE E 28 5.57 8.01 -20.75
CA PHE E 28 5.18 9.41 -20.82
C PHE E 28 5.37 10.00 -22.21
N ASN E 29 6.27 9.47 -23.03
CA ASN E 29 6.44 9.99 -24.37
C ASN E 29 5.64 9.23 -25.43
N SER E 30 5.07 8.07 -25.10
CA SER E 30 4.36 7.33 -26.11
C SER E 30 3.04 6.73 -25.62
N ILE E 31 3.07 5.86 -24.60
CA ILE E 31 1.88 5.07 -24.27
C ILE E 31 0.72 5.96 -23.93
N LEU E 32 0.93 6.91 -23.01
CA LEU E 32 -0.18 7.73 -22.53
C LEU E 32 -0.72 8.64 -23.64
N LYS E 33 0.15 9.12 -24.54
CA LYS E 33 -0.33 9.88 -25.69
C LYS E 33 -1.31 9.07 -26.52
N ILE E 34 -0.93 7.83 -26.84
CA ILE E 34 -1.76 7.01 -27.72
C ILE E 34 -3.03 6.53 -27.00
N GLU E 35 -2.92 6.17 -25.72
CA GLU E 35 -3.99 5.42 -25.06
C GLU E 35 -4.96 6.28 -24.24
N THR E 36 -4.67 7.56 -24.03
CA THR E 36 -5.58 8.39 -23.25
C THR E 36 -5.81 9.73 -23.94
N ASP E 37 -7.00 10.29 -23.69
CA ASP E 37 -7.37 11.64 -24.05
C ASP E 37 -7.38 12.46 -22.77
N ILE E 38 -6.58 13.53 -22.73
CA ILE E 38 -6.46 14.35 -21.52
C ILE E 38 -7.81 14.77 -20.99
N SER E 39 -8.78 15.03 -21.89
CA SER E 39 -10.08 15.51 -21.47
C SER E 39 -10.85 14.46 -20.67
N GLN E 40 -10.66 13.19 -20.97
CA GLN E 40 -11.45 12.14 -20.34
C GLN E 40 -10.82 11.59 -19.06
N ILE E 41 -9.59 12.01 -18.74
CA ILE E 41 -8.90 11.54 -17.55
C ILE E 41 -9.25 12.51 -16.42
N LYS E 42 -10.15 12.08 -15.53
CA LYS E 42 -10.50 12.87 -14.36
C LYS E 42 -9.71 12.45 -13.11
N ASN E 43 -9.63 11.14 -12.82
CA ASN E 43 -8.95 10.63 -11.64
C ASN E 43 -7.85 9.64 -12.04
N ILE E 44 -6.67 9.81 -11.47
CA ILE E 44 -5.50 8.97 -11.69
C ILE E 44 -5.07 8.34 -10.37
N LEU E 45 -4.76 7.04 -10.40
CA LEU E 45 -4.33 6.31 -9.22
C LEU E 45 -2.85 5.95 -9.39
N SER E 46 -2.00 6.50 -8.54
CA SER E 46 -0.58 6.18 -8.51
C SER E 46 -0.30 5.31 -7.29
N ILE E 47 0.16 4.08 -7.51
CA ILE E 47 0.42 3.13 -6.43
C ILE E 47 1.92 2.92 -6.33
N GLY E 48 2.50 3.24 -5.16
CA GLY E 48 3.93 3.05 -4.97
C GLY E 48 4.79 3.91 -5.86
N GLY E 49 4.26 5.02 -6.34
CA GLY E 49 5.00 5.85 -7.28
C GLY E 49 6.17 6.57 -6.65
N GLN E 50 7.16 6.86 -7.49
CA GLN E 50 8.23 7.77 -7.11
C GLN E 50 7.89 9.18 -7.58
N SER E 51 8.64 10.16 -7.08
CA SER E 51 8.32 11.56 -7.37
C SER E 51 8.35 11.85 -8.86
N PHE E 52 9.25 11.22 -9.62
CA PHE E 52 9.33 11.49 -11.05
C PHE E 52 8.03 11.12 -11.76
N GLU E 53 7.47 9.93 -11.45
CA GLU E 53 6.17 9.56 -12.03
C GLU E 53 5.09 10.55 -11.65
N VAL E 54 5.02 10.92 -10.36
CA VAL E 54 3.97 11.82 -9.91
C VAL E 54 4.11 13.16 -10.63
N LYS E 55 5.34 13.68 -10.70
CA LYS E 55 5.59 14.96 -11.37
C LYS E 55 5.22 14.91 -12.85
N ASN E 56 5.53 13.81 -13.54
CA ASN E 56 5.17 13.75 -14.96
C ASN E 56 3.67 13.57 -15.14
N LEU E 57 3.03 12.76 -14.30
CA LEU E 57 1.57 12.67 -14.36
C LEU E 57 0.91 14.02 -14.09
N SER E 58 1.42 14.76 -13.12
CA SER E 58 0.84 16.06 -12.78
C SER E 58 0.98 17.04 -13.95
N LYS E 59 2.12 16.98 -14.64
CA LYS E 59 2.35 17.88 -15.77
C LYS E 59 1.40 17.56 -16.93
N ILE E 60 1.26 16.27 -17.24
CA ILE E 60 0.49 15.86 -18.42
C ILE E 60 -1.00 16.09 -18.20
N TYR E 61 -1.50 15.80 -17.00
CA TYR E 61 -2.93 15.84 -16.70
C TYR E 61 -3.19 16.91 -15.65
N ASN E 62 -2.95 18.17 -16.02
CA ASN E 62 -3.02 19.26 -15.05
C ASN E 62 -4.39 19.41 -14.42
N ASN E 63 -5.45 19.04 -15.13
CA ASN E 63 -6.81 19.17 -14.60
C ASN E 63 -7.33 17.88 -13.98
N SER E 64 -6.48 16.88 -13.81
CA SER E 64 -6.87 15.65 -13.13
C SER E 64 -6.44 15.69 -11.67
N LYS E 65 -7.13 14.89 -10.86
CA LYS E 65 -6.75 14.63 -9.49
C LYS E 65 -5.93 13.35 -9.45
N ILE E 66 -4.70 13.44 -8.93
CA ILE E 66 -3.81 12.29 -8.80
C ILE E 66 -3.86 11.80 -7.35
N THR E 67 -4.33 10.57 -7.14
CA THR E 67 -4.39 9.95 -5.82
C THR E 67 -3.11 9.13 -5.60
N ILE E 68 -2.38 9.43 -4.53
CA ILE E 68 -1.07 8.87 -4.24
C ILE E 68 -1.19 7.91 -3.05
N ILE E 69 -0.84 6.65 -3.27
CA ILE E 69 -0.87 5.63 -2.22
C ILE E 69 0.49 4.96 -2.16
N GLU E 70 1.09 4.95 -0.97
CA GLU E 70 2.41 4.37 -0.76
C GLU E 70 2.31 3.25 0.28
N PRO E 71 3.24 2.28 0.24
CA PRO E 71 3.14 1.14 1.17
C PRO E 71 3.51 1.48 2.61
N SER E 72 4.00 2.69 2.88
CA SER E 72 4.32 3.07 4.26
C SER E 72 4.21 4.58 4.42
N GLU E 73 3.98 5.01 5.65
CA GLU E 73 4.00 6.44 5.93
C GLU E 73 5.39 7.03 5.64
N ILE E 74 6.45 6.27 5.85
CA ILE E 74 7.79 6.78 5.58
C ILE E 74 7.95 7.11 4.10
N MET E 75 7.53 6.19 3.23
CA MET E 75 7.62 6.46 1.81
C MET E 75 6.66 7.56 1.38
N LEU E 76 5.45 7.57 1.96
CA LEU E 76 4.50 8.64 1.66
C LEU E 76 5.10 10.00 1.94
N ASN E 77 5.80 10.14 3.08
CA ASN E 77 6.35 11.44 3.43
C ASN E 77 7.49 11.84 2.49
N ILE E 78 8.34 10.90 2.10
CA ILE E 78 9.42 11.22 1.16
C ILE E 78 8.82 11.79 -0.13
N VAL E 79 7.77 11.15 -0.65
CA VAL E 79 7.19 11.62 -1.91
C VAL E 79 6.48 12.95 -1.72
N LYS E 80 5.84 13.15 -0.58
CA LYS E 80 5.17 14.42 -0.28
C LYS E 80 6.17 15.57 -0.29
N ASN E 81 7.33 15.38 0.35
CA ASN E 81 8.35 16.43 0.37
C ASN E 81 8.79 16.80 -1.03
N GLU E 82 9.02 15.78 -1.87
CA GLU E 82 9.54 16.01 -3.21
C GLU E 82 8.52 16.63 -4.16
N CYS E 83 7.20 16.59 -3.83
CA CYS E 83 6.15 17.15 -4.67
C CYS E 83 5.36 18.25 -3.98
N LYS E 84 6.00 19.00 -3.06
CA LYS E 84 5.26 19.93 -2.20
C LYS E 84 4.52 21.00 -3.00
N ASN E 85 5.06 21.43 -4.13
CA ASN E 85 4.49 22.53 -4.89
C ASN E 85 3.42 22.09 -5.89
N LEU E 86 3.17 20.79 -6.03
CA LEU E 86 2.16 20.33 -6.98
C LEU E 86 0.76 20.57 -6.41
N LYS E 87 -0.18 20.86 -7.31
CA LYS E 87 -1.48 21.35 -6.90
C LYS E 87 -2.59 20.32 -6.99
N ASN E 88 -2.41 19.24 -7.75
CA ASN E 88 -3.52 18.33 -8.01
C ASN E 88 -3.30 16.96 -7.37
N LEU E 89 -2.62 16.92 -6.23
CA LEU E 89 -2.31 15.65 -5.56
C LEU E 89 -3.22 15.43 -4.37
N GLU E 90 -3.62 14.18 -4.19
CA GLU E 90 -4.36 13.74 -3.02
C GLU E 90 -3.55 12.60 -2.41
N TYR E 91 -3.23 12.71 -1.13
CA TYR E 91 -2.48 11.65 -0.44
C TYR E 91 -3.43 10.82 0.41
N ILE E 92 -3.30 9.49 0.33
CA ILE E 92 -4.00 8.56 1.19
C ILE E 92 -3.04 8.12 2.30
N TYR E 93 -3.46 8.29 3.55
CA TYR E 93 -2.59 7.95 4.69
C TYR E 93 -2.90 6.55 5.21
N ASP E 94 -2.75 5.58 4.31
CA ASP E 94 -2.90 4.15 4.60
C ASP E 94 -2.35 3.41 3.38
N LYS E 95 -2.18 2.09 3.52
CA LYS E 95 -1.72 1.31 2.39
C LYS E 95 -2.89 0.91 1.48
N PHE E 96 -2.56 0.50 0.25
CA PHE E 96 -3.59 0.27 -0.76
C PHE E 96 -4.56 -0.83 -0.33
N GLU E 97 -4.06 -1.84 0.40
CA GLU E 97 -4.88 -2.93 0.88
C GLU E 97 -6.04 -2.45 1.75
N ASN E 98 -5.84 -1.34 2.47
CA ASN E 98 -6.89 -0.80 3.34
C ASN E 98 -7.67 0.33 2.70
N TYR E 99 -7.28 0.77 1.51
CA TYR E 99 -7.97 1.86 0.83
C TYR E 99 -9.33 1.42 0.30
N LYS E 100 -10.41 2.06 0.78
CA LYS E 100 -11.77 1.68 0.44
C LYS E 100 -12.54 2.93 0.07
N ASP E 101 -12.44 3.30 -1.21
CA ASP E 101 -13.13 4.47 -1.75
C ASP E 101 -13.75 4.07 -3.08
N ASN E 102 -15.03 4.42 -3.28
CA ASN E 102 -15.74 4.15 -4.53
C ASN E 102 -15.30 5.05 -5.67
N LYS E 103 -14.29 5.89 -5.48
CA LYS E 103 -13.76 6.72 -6.55
C LYS E 103 -13.38 5.84 -7.74
N ASN E 104 -13.79 6.25 -8.92
CA ASN E 104 -13.46 5.50 -10.12
C ASN E 104 -12.32 6.19 -10.83
N PHE E 105 -11.36 5.40 -11.30
CA PHE E 105 -10.15 5.92 -11.92
C PHE E 105 -10.12 5.54 -13.40
N GLU E 106 -9.66 6.46 -14.23
CA GLU E 106 -9.49 6.16 -15.65
C GLU E 106 -8.10 5.62 -15.95
N LEU E 107 -7.14 5.87 -15.07
CA LEU E 107 -5.74 5.52 -15.27
C LEU E 107 -5.12 5.11 -13.95
N CYS E 108 -4.32 4.04 -13.98
CA CYS E 108 -3.59 3.61 -12.80
C CYS E 108 -2.18 3.24 -13.21
N LEU E 109 -1.19 3.76 -12.50
CA LEU E 109 0.23 3.42 -12.71
C LEU E 109 0.73 2.64 -11.51
N CYS E 110 1.38 1.51 -11.77
CA CYS E 110 1.83 0.62 -10.70
C CYS E 110 3.16 0.02 -11.17
N LEU E 111 4.25 0.75 -10.92
CA LEU E 111 5.56 0.45 -11.49
C LEU E 111 6.47 -0.15 -10.45
N LEU E 112 6.89 -1.40 -10.70
CA LEU E 112 7.88 -2.10 -9.88
C LEU E 112 7.41 -2.22 -8.43
N VAL E 113 6.11 -2.46 -8.27
CA VAL E 113 5.48 -2.60 -6.97
C VAL E 113 5.13 -4.04 -6.65
N LEU E 114 4.64 -4.79 -7.64
CA LEU E 114 3.99 -6.09 -7.38
C LEU E 114 4.94 -7.10 -6.74
N GLN E 115 6.22 -7.04 -7.05
CA GLN E 115 7.15 -7.99 -6.43
C GLN E 115 7.33 -7.70 -4.94
N PHE E 116 6.77 -6.62 -4.41
CA PHE E 116 6.84 -6.34 -2.98
C PHE E 116 5.49 -6.45 -2.28
N ILE E 117 4.46 -6.96 -2.95
CA ILE E 117 3.10 -7.00 -2.43
C ILE E 117 2.86 -8.35 -1.77
N GLU E 118 2.29 -8.31 -0.55
CA GLU E 118 2.05 -9.54 0.19
C GLU E 118 1.12 -10.48 -0.58
N GLU E 119 -0.01 -9.96 -1.06
CA GLU E 119 -1.08 -10.76 -1.66
C GLU E 119 -1.38 -10.21 -3.04
N PRO E 120 -0.57 -10.55 -4.04
CA PRO E 120 -0.68 -9.92 -5.36
C PRO E 120 -2.02 -10.11 -6.04
N GLN E 121 -2.73 -11.22 -5.78
CA GLN E 121 -3.97 -11.45 -6.52
C GLN E 121 -5.08 -10.50 -6.08
N SER E 122 -5.30 -10.37 -4.77
CA SER E 122 -6.34 -9.44 -4.33
C SER E 122 -5.93 -7.99 -4.60
N PHE E 123 -4.63 -7.71 -4.57
CA PHE E 123 -4.11 -6.40 -4.95
C PHE E 123 -4.54 -6.02 -6.37
N LEU E 124 -4.34 -6.91 -7.33
CA LEU E 124 -4.70 -6.60 -8.70
C LEU E 124 -6.22 -6.57 -8.89
N GLU E 125 -6.95 -7.44 -8.19
CA GLU E 125 -8.41 -7.36 -8.23
C GLU E 125 -8.89 -6.01 -7.71
N LYS E 126 -8.23 -5.49 -6.68
CA LYS E 126 -8.64 -4.17 -6.19
C LYS E 126 -8.38 -3.09 -7.23
N ILE E 127 -7.23 -3.17 -7.92
CA ILE E 127 -6.99 -2.24 -9.02
C ILE E 127 -8.08 -2.35 -10.06
N TYR E 128 -8.41 -3.59 -10.46
CA TYR E 128 -9.46 -3.81 -11.45
C TYR E 128 -10.77 -3.14 -11.02
N ASN E 129 -11.15 -3.29 -9.75
CA ASN E 129 -12.42 -2.72 -9.27
C ASN E 129 -12.36 -1.20 -9.14
N SER E 130 -11.16 -0.64 -8.96
CA SER E 130 -11.00 0.81 -8.85
C SER E 130 -11.07 1.50 -10.21
N LEU E 131 -10.74 0.80 -11.29
CA LEU E 131 -10.77 1.39 -12.61
C LEU E 131 -12.21 1.45 -13.13
N ASP E 132 -12.50 2.48 -13.92
CA ASP E 132 -13.80 2.50 -14.54
C ASP E 132 -13.76 1.69 -15.84
N SER E 133 -14.89 1.70 -16.57
CA SER E 133 -15.15 0.76 -17.66
C SER E 133 -13.94 0.55 -18.57
N ASN E 134 -13.50 1.60 -19.25
CA ASN E 134 -12.38 1.48 -20.17
C ASN E 134 -11.07 1.99 -19.57
N GLY E 135 -10.87 1.80 -18.26
CA GLY E 135 -9.70 2.34 -17.62
C GLY E 135 -8.42 1.63 -18.01
N LEU E 136 -7.31 2.35 -17.88
CA LEU E 136 -5.99 1.88 -18.28
C LEU E 136 -5.10 1.66 -17.07
N LEU E 137 -4.42 0.51 -17.05
CA LEU E 137 -3.40 0.19 -16.07
C LEU E 137 -2.07 -0.03 -16.79
N ILE E 138 -1.02 0.65 -16.33
CA ILE E 138 0.34 0.35 -16.76
C ILE E 138 1.06 -0.26 -15.57
N ILE E 139 1.62 -1.45 -15.76
CA ILE E 139 2.18 -2.19 -14.64
C ILE E 139 3.51 -2.84 -15.05
N SER E 140 4.49 -2.77 -14.16
CA SER E 140 5.80 -3.36 -14.44
C SER E 140 6.28 -4.12 -13.21
N ILE E 141 7.17 -5.10 -13.45
CA ILE E 141 7.66 -5.97 -12.39
C ILE E 141 9.14 -6.22 -12.59
N PHE E 142 9.80 -6.54 -11.48
CA PHE E 142 11.06 -7.26 -11.50
C PHE E 142 10.71 -8.75 -11.38
N SER E 143 11.11 -9.54 -12.36
CA SER E 143 10.71 -10.93 -12.47
C SER E 143 11.84 -11.85 -11.98
N ASN E 144 11.64 -13.17 -12.12
CA ASN E 144 12.67 -14.16 -11.80
C ASN E 144 13.39 -14.67 -13.06
N LYS E 145 13.24 -13.99 -14.19
CA LYS E 145 13.76 -14.47 -15.48
C LYS E 145 15.14 -13.90 -15.75
N GLN E 146 16.07 -14.78 -16.18
CA GLN E 146 17.39 -14.34 -16.65
C GLN E 146 18.18 -13.61 -15.56
N LEU E 147 18.12 -14.14 -14.34
CA LEU E 147 18.81 -13.47 -13.25
C LEU E 147 20.33 -13.60 -13.38
N THR E 148 20.83 -14.62 -14.10
CA THR E 148 22.27 -14.73 -14.33
C THR E 148 22.79 -13.55 -15.15
N TYR E 149 22.11 -13.23 -16.26
CA TYR E 149 22.47 -12.05 -17.03
C TYR E 149 22.21 -10.78 -16.22
N TRP E 150 21.09 -10.73 -15.49
CA TRP E 150 20.79 -9.56 -14.68
C TRP E 150 21.90 -9.29 -13.68
N LYS E 151 22.43 -10.35 -13.04
CA LYS E 151 23.42 -10.17 -12.00
C LYS E 151 24.66 -9.45 -12.53
N GLU E 152 25.15 -9.86 -13.71
CA GLU E 152 26.33 -9.18 -14.26
C GLU E 152 25.98 -7.76 -14.69
N PHE E 153 24.80 -7.56 -15.29
CA PHE E 153 24.36 -6.22 -15.62
C PHE E 153 24.39 -5.32 -14.40
N ALA E 154 23.81 -5.79 -13.28
CA ALA E 154 23.75 -4.95 -12.09
C ALA E 154 25.13 -4.70 -11.49
N LEU E 155 25.96 -5.74 -11.40
CA LEU E 155 27.30 -5.56 -10.85
C LEU E 155 28.07 -4.51 -11.65
N SER E 156 27.94 -4.53 -12.98
CA SER E 156 28.74 -3.61 -13.80
C SER E 156 28.23 -2.18 -13.74
N ARG E 157 26.99 -1.96 -13.30
CA ARG E 157 26.46 -0.64 -13.05
C ARG E 157 26.78 -0.09 -11.67
N GLY E 158 27.49 -0.85 -10.84
CA GLY E 158 27.85 -0.41 -9.50
C GLY E 158 26.91 -0.82 -8.38
N ALA E 159 25.97 -1.73 -8.64
CA ALA E 159 25.12 -2.22 -7.56
C ALA E 159 25.95 -2.99 -6.53
N LYS E 160 25.56 -2.86 -5.26
CA LYS E 160 26.35 -3.46 -4.19
C LYS E 160 26.34 -4.98 -4.28
N LYS E 161 27.53 -5.57 -4.29
CA LYS E 161 27.72 -6.99 -4.59
C LYS E 161 26.90 -7.89 -3.66
N GLU E 162 26.71 -7.48 -2.41
CA GLU E 162 25.96 -8.31 -1.47
C GLU E 162 24.47 -8.32 -1.78
N GLN E 163 23.92 -7.16 -2.18
CA GLN E 163 22.49 -7.11 -2.50
C GLN E 163 22.19 -7.90 -3.78
N VAL E 164 23.06 -7.77 -4.79
CA VAL E 164 22.87 -8.53 -6.02
C VAL E 164 22.94 -10.03 -5.74
N GLU E 165 23.89 -10.45 -4.90
CA GLU E 165 24.05 -11.86 -4.60
C GLU E 165 22.83 -12.42 -3.87
N LYS E 166 22.21 -11.63 -3.01
CA LYS E 166 21.04 -12.11 -2.28
C LYS E 166 19.82 -12.21 -3.20
N THR E 167 19.62 -11.21 -4.05
CA THR E 167 18.58 -11.32 -5.06
C THR E 167 18.84 -12.50 -5.99
N PHE E 168 20.09 -12.67 -6.40
CA PHE E 168 20.41 -13.72 -7.36
C PHE E 168 20.20 -15.12 -6.77
N ASN E 169 20.66 -15.34 -5.54
CA ASN E 169 20.67 -16.69 -4.98
C ASN E 169 19.46 -17.00 -4.10
N ASN E 170 18.86 -16.00 -3.47
CA ASN E 170 17.75 -16.20 -2.56
C ASN E 170 16.69 -15.12 -2.80
N GLN E 171 16.13 -15.09 -4.02
CA GLN E 171 15.26 -13.98 -4.40
C GLN E 171 14.05 -13.86 -3.47
N SER E 172 13.52 -14.99 -3.01
CA SER E 172 12.35 -14.98 -2.15
C SER E 172 12.62 -14.28 -0.82
N GLU E 173 13.88 -14.19 -0.41
CA GLU E 173 14.21 -13.40 0.78
C GLU E 173 14.08 -11.91 0.54
N VAL E 174 14.07 -11.49 -0.73
CA VAL E 174 14.07 -10.09 -1.10
C VAL E 174 12.70 -9.63 -1.58
N MET E 175 11.99 -10.49 -2.30
CA MET E 175 10.77 -10.10 -3.01
C MET E 175 10.01 -11.36 -3.37
N ASN E 176 8.79 -11.18 -3.86
CA ASN E 176 8.07 -12.26 -4.54
C ASN E 176 8.88 -12.74 -5.73
N ILE E 177 8.88 -14.06 -5.94
CA ILE E 177 9.42 -14.67 -7.16
C ILE E 177 8.28 -14.71 -8.18
N LEU E 178 8.38 -13.86 -9.20
CA LEU E 178 7.29 -13.63 -10.14
C LEU E 178 7.75 -13.99 -11.54
N SER E 179 7.15 -15.00 -12.14
CA SER E 179 7.38 -15.15 -13.58
C SER E 179 6.43 -14.27 -14.38
N PRO E 180 6.85 -13.78 -15.55
CA PRO E 180 5.93 -13.00 -16.38
C PRO E 180 4.68 -13.76 -16.74
N GLU E 181 4.78 -15.08 -16.92
CA GLU E 181 3.61 -15.88 -17.27
C GLU E 181 2.61 -15.93 -16.12
N TYR E 182 3.07 -16.13 -14.90
CA TYR E 182 2.13 -16.14 -13.78
C TYR E 182 1.53 -14.76 -13.56
N VAL E 183 2.28 -13.69 -13.85
CA VAL E 183 1.69 -12.37 -13.64
C VAL E 183 0.60 -12.10 -14.67
N GLU E 184 0.82 -12.53 -15.92
CA GLU E 184 -0.27 -12.41 -16.89
C GLU E 184 -1.48 -13.23 -16.45
N GLY E 185 -1.24 -14.39 -15.83
CA GLY E 185 -2.35 -15.17 -15.29
C GLY E 185 -3.07 -14.47 -14.17
N LEU E 186 -2.31 -13.81 -13.27
CA LEU E 186 -2.92 -13.00 -12.22
C LEU E 186 -3.78 -11.88 -12.81
N LEU E 187 -3.28 -11.20 -13.85
CA LEU E 187 -4.08 -10.15 -14.47
C LEU E 187 -5.35 -10.69 -15.09
N LYS E 188 -5.25 -11.81 -15.81
CA LYS E 188 -6.45 -12.41 -16.39
C LYS E 188 -7.44 -12.83 -15.31
N GLU E 189 -6.96 -13.44 -14.23
CA GLU E 189 -7.86 -13.86 -13.17
C GLU E 189 -8.56 -12.67 -12.53
N SER E 190 -7.86 -11.54 -12.42
CA SER E 190 -8.46 -10.33 -11.86
C SER E 190 -9.60 -9.77 -12.72
N GLY E 191 -9.66 -10.11 -14.00
CA GLY E 191 -10.73 -9.68 -14.88
C GLY E 191 -10.30 -8.91 -16.10
N PHE E 192 -9.03 -8.55 -16.24
CA PHE E 192 -8.61 -7.68 -17.34
C PHE E 192 -8.75 -8.38 -18.68
N SER E 193 -9.33 -7.69 -19.65
CA SER E 193 -9.66 -8.26 -20.95
C SER E 193 -8.56 -8.10 -21.98
N LYS E 194 -7.73 -7.06 -21.87
CA LYS E 194 -6.67 -6.81 -22.82
C LYS E 194 -5.37 -6.59 -22.06
N ILE E 195 -4.39 -7.44 -22.35
CA ILE E 195 -3.08 -7.41 -21.71
C ILE E 195 -2.03 -7.43 -22.82
N GLU E 196 -1.16 -6.42 -22.84
CA GLU E 196 -0.15 -6.33 -23.89
C GLU E 196 1.22 -5.99 -23.31
N ARG E 197 2.17 -6.91 -23.45
CA ARG E 197 3.52 -6.64 -23.00
C ARG E 197 4.22 -5.66 -23.95
N ILE E 198 4.77 -4.58 -23.41
CA ILE E 198 5.48 -3.60 -24.24
C ILE E 198 6.97 -3.59 -24.01
N CYS E 199 7.47 -4.21 -22.94
CA CYS E 199 8.87 -4.19 -22.56
C CYS E 199 9.19 -5.51 -21.84
N GLU E 200 10.25 -6.19 -22.27
CA GLU E 200 10.88 -7.23 -21.46
C GLU E 200 12.37 -7.15 -21.70
N VAL E 201 13.13 -6.84 -20.65
CA VAL E 201 14.58 -6.69 -20.74
C VAL E 201 15.16 -7.46 -19.55
N LEU E 202 15.79 -8.60 -19.84
CA LEU E 202 16.26 -9.50 -18.80
C LEU E 202 15.13 -9.72 -17.79
N SER E 203 15.34 -9.36 -16.53
CA SER E 203 14.42 -9.66 -15.45
C SER E 203 13.35 -8.57 -15.23
N THR E 204 13.04 -7.75 -16.23
CA THR E 204 11.98 -6.76 -16.09
C THR E 204 10.93 -6.95 -17.17
N ASP E 205 9.68 -6.59 -16.84
CA ASP E 205 8.56 -6.63 -17.77
C ASP E 205 7.66 -5.43 -17.50
N MET E 206 7.03 -4.93 -18.57
CA MET E 206 6.01 -3.90 -18.43
C MET E 206 4.86 -4.19 -19.38
N TRP E 207 3.64 -4.09 -18.87
CA TRP E 207 2.43 -4.33 -19.65
C TRP E 207 1.55 -3.09 -19.67
N VAL E 208 0.80 -2.96 -20.76
CA VAL E 208 -0.32 -2.04 -20.87
C VAL E 208 -1.57 -2.88 -20.80
N VAL E 209 -2.49 -2.53 -19.90
CA VAL E 209 -3.61 -3.40 -19.52
C VAL E 209 -4.90 -2.59 -19.54
N ARG E 210 -5.96 -3.18 -20.10
CA ARG E 210 -7.25 -2.52 -20.19
C ARG E 210 -8.31 -3.36 -19.48
N LYS E 211 -9.23 -2.68 -18.78
CA LYS E 211 -10.24 -3.36 -17.99
C LYS E 211 -11.29 -4.01 -18.88
N GLU F 11 23.65 9.51 -33.81
CA GLU F 11 22.78 10.53 -33.23
C GLU F 11 21.33 10.31 -33.64
N ASP F 12 21.13 9.85 -34.88
CA ASP F 12 19.80 9.61 -35.41
C ASP F 12 19.33 8.17 -35.21
N ILE F 13 20.26 7.23 -35.00
CA ILE F 13 19.86 5.83 -34.86
C ILE F 13 19.37 5.56 -33.44
N ARG F 14 19.95 6.22 -32.45
CA ARG F 14 19.40 6.15 -31.10
C ARG F 14 18.09 6.93 -30.97
N LYS F 15 17.79 7.81 -31.93
CA LYS F 15 16.50 8.49 -31.93
C LYS F 15 15.38 7.57 -32.42
N LYS F 16 15.73 6.48 -33.11
CA LYS F 16 14.77 5.62 -33.77
C LYS F 16 14.68 4.22 -33.19
N VAL F 17 15.68 3.79 -32.42
CA VAL F 17 15.76 2.41 -31.94
C VAL F 17 15.69 2.43 -30.42
N PRO F 18 14.57 2.06 -29.82
CA PRO F 18 14.53 1.95 -28.36
C PRO F 18 15.54 0.92 -27.89
N ALA F 19 16.12 1.18 -26.72
CA ALA F 19 17.12 0.31 -26.09
C ALA F 19 18.39 0.14 -26.93
N TYR F 20 18.67 1.05 -27.86
CA TYR F 20 19.91 0.96 -28.64
C TYR F 20 21.14 0.88 -27.72
N ASP F 21 21.34 1.91 -26.90
CA ASP F 21 22.49 1.87 -26.00
C ASP F 21 22.35 0.74 -24.98
N LEU F 22 21.11 0.48 -24.56
CA LEU F 22 20.86 -0.56 -23.56
C LEU F 22 21.26 -1.94 -24.07
N MET F 23 20.89 -2.28 -25.32
CA MET F 23 21.25 -3.57 -25.87
C MET F 23 22.77 -3.74 -25.90
N LEU F 24 23.49 -2.69 -26.29
CA LEU F 24 24.94 -2.76 -26.33
C LEU F 24 25.52 -2.96 -24.94
N GLU F 25 25.01 -2.21 -23.96
CA GLU F 25 25.50 -2.34 -22.59
C GLU F 25 25.29 -3.76 -22.08
N ILE F 26 24.17 -4.38 -22.43
CA ILE F 26 23.90 -5.73 -21.93
C ILE F 26 24.84 -6.75 -22.57
N ILE F 27 25.15 -6.59 -23.86
CA ILE F 27 26.07 -7.49 -24.54
C ILE F 27 27.44 -7.46 -23.88
N PHE F 28 27.99 -6.27 -23.73
CA PHE F 28 29.39 -6.14 -23.33
C PHE F 28 29.58 -6.19 -21.82
N ASN F 29 28.57 -5.84 -21.03
CA ASN F 29 28.70 -5.90 -19.58
C ASN F 29 28.13 -7.18 -18.96
N SER F 30 27.33 -7.94 -19.72
CA SER F 30 26.74 -9.14 -19.15
C SER F 30 26.89 -10.38 -20.03
N ILE F 31 26.33 -10.36 -21.25
CA ILE F 31 26.16 -11.60 -21.99
C ILE F 31 27.50 -12.23 -22.33
N LEU F 32 28.41 -11.44 -22.91
CA LEU F 32 29.69 -12.01 -23.31
C LEU F 32 30.49 -12.50 -22.10
N LYS F 33 30.38 -11.81 -20.96
CA LYS F 33 31.01 -12.30 -19.75
C LYS F 33 30.53 -13.69 -19.39
N ILE F 34 29.22 -13.91 -19.42
CA ILE F 34 28.67 -15.19 -18.99
C ILE F 34 28.89 -16.27 -20.04
N GLU F 35 28.78 -15.93 -21.33
CA GLU F 35 28.68 -16.93 -22.39
C GLU F 35 30.00 -17.27 -23.07
N THR F 36 31.08 -16.53 -22.81
CA THR F 36 32.35 -16.81 -23.47
C THR F 36 33.48 -16.74 -22.46
N ASP F 37 34.54 -17.49 -22.74
CA ASP F 37 35.83 -17.38 -22.07
C ASP F 37 36.81 -16.79 -23.07
N ILE F 38 37.50 -15.71 -22.67
CA ILE F 38 38.40 -15.00 -23.57
C ILE F 38 39.41 -15.95 -24.19
N SER F 39 39.84 -16.97 -23.45
CA SER F 39 40.88 -17.87 -23.93
C SER F 39 40.42 -18.65 -25.15
N GLN F 40 39.14 -19.03 -25.20
CA GLN F 40 38.65 -19.89 -26.26
C GLN F 40 38.20 -19.11 -27.49
N ILE F 41 38.10 -17.79 -27.41
CA ILE F 41 37.61 -16.98 -28.52
C ILE F 41 38.82 -16.60 -29.37
N LYS F 42 38.96 -17.26 -30.52
CA LYS F 42 40.03 -16.99 -31.45
C LYS F 42 39.60 -16.06 -32.59
N ASN F 43 38.45 -16.36 -33.22
CA ASN F 43 37.94 -15.60 -34.37
C ASN F 43 36.55 -15.07 -34.07
N ILE F 44 36.35 -13.78 -34.35
CA ILE F 44 35.08 -13.09 -34.14
C ILE F 44 34.60 -12.53 -35.48
N LEU F 45 33.32 -12.76 -35.80
CA LEU F 45 32.72 -12.25 -37.02
C LEU F 45 31.79 -11.09 -36.66
N SER F 46 32.11 -9.90 -37.14
CA SER F 46 31.26 -8.73 -36.97
C SER F 46 30.60 -8.40 -38.31
N ILE F 47 29.26 -8.47 -38.36
CA ILE F 47 28.51 -8.24 -39.60
C ILE F 47 27.74 -6.93 -39.45
N GLY F 48 28.04 -5.96 -40.31
CA GLY F 48 27.32 -4.70 -40.31
C GLY F 48 27.50 -3.88 -39.05
N GLY F 49 28.59 -4.11 -38.33
CA GLY F 49 28.80 -3.43 -37.07
C GLY F 49 29.18 -1.97 -37.22
N GLN F 50 28.91 -1.22 -36.16
CA GLN F 50 29.39 0.15 -36.03
C GLN F 50 30.68 0.16 -35.20
N SER F 51 31.36 1.31 -35.23
CA SER F 51 32.68 1.39 -34.59
C SER F 51 32.61 1.06 -33.10
N PHE F 52 31.52 1.44 -32.42
CA PHE F 52 31.42 1.16 -30.99
C PHE F 52 31.50 -0.34 -30.71
N GLU F 53 30.73 -1.14 -31.47
CA GLU F 53 30.80 -2.60 -31.29
C GLU F 53 32.20 -3.12 -31.56
N VAL F 54 32.81 -2.68 -32.67
CA VAL F 54 34.14 -3.16 -33.02
C VAL F 54 35.14 -2.80 -31.92
N LYS F 55 35.10 -1.54 -31.47
CA LYS F 55 36.03 -1.10 -30.43
C LYS F 55 35.86 -1.89 -29.14
N ASN F 56 34.62 -2.16 -28.73
CA ASN F 56 34.40 -2.93 -27.51
C ASN F 56 34.82 -4.39 -27.71
N LEU F 57 34.50 -4.98 -28.87
CA LEU F 57 34.99 -6.32 -29.15
C LEU F 57 36.51 -6.37 -29.13
N SER F 58 37.16 -5.34 -29.70
CA SER F 58 38.61 -5.32 -29.74
C SER F 58 39.21 -5.27 -28.34
N LYS F 59 38.60 -4.48 -27.45
CA LYS F 59 39.15 -4.32 -26.11
C LYS F 59 38.97 -5.59 -25.28
N ILE F 60 37.79 -6.21 -25.36
CA ILE F 60 37.52 -7.40 -24.57
C ILE F 60 38.36 -8.58 -25.05
N TYR F 61 38.54 -8.71 -26.36
CA TYR F 61 39.18 -9.88 -26.96
C TYR F 61 40.46 -9.43 -27.67
N ASN F 62 41.44 -9.00 -26.87
CA ASN F 62 42.67 -8.41 -27.42
C ASN F 62 43.42 -9.38 -28.33
N ASN F 63 43.49 -10.65 -27.95
CA ASN F 63 44.21 -11.64 -28.74
C ASN F 63 43.33 -12.35 -29.74
N SER F 64 42.13 -11.84 -29.99
CA SER F 64 41.27 -12.38 -31.03
C SER F 64 41.46 -11.58 -32.31
N LYS F 65 41.21 -12.24 -33.44
CA LYS F 65 41.10 -11.56 -34.72
C LYS F 65 39.62 -11.29 -35.00
N ILE F 66 39.30 -10.02 -35.23
CA ILE F 66 37.93 -9.59 -35.52
C ILE F 66 37.80 -9.38 -37.02
N THR F 67 36.95 -10.18 -37.68
CA THR F 67 36.65 -10.04 -39.09
C THR F 67 35.45 -9.11 -39.27
N ILE F 68 35.64 -8.05 -40.05
CA ILE F 68 34.65 -6.99 -40.23
C ILE F 68 34.08 -7.08 -41.64
N ILE F 69 32.76 -7.28 -41.74
CA ILE F 69 32.11 -7.32 -43.05
C ILE F 69 30.95 -6.33 -43.03
N GLU F 70 30.92 -5.43 -44.02
CA GLU F 70 29.92 -4.39 -44.13
C GLU F 70 29.16 -4.54 -45.45
N PRO F 71 27.91 -4.06 -45.50
CA PRO F 71 27.10 -4.25 -46.72
C PRO F 71 27.55 -3.42 -47.89
N SER F 72 28.44 -2.45 -47.70
CA SER F 72 28.91 -1.63 -48.81
C SER F 72 30.32 -1.17 -48.53
N GLU F 73 31.05 -0.88 -49.61
CA GLU F 73 32.37 -0.28 -49.48
C GLU F 73 32.30 1.06 -48.74
N ILE F 74 31.22 1.83 -48.95
CA ILE F 74 31.10 3.12 -48.26
C ILE F 74 31.08 2.92 -46.76
N MET F 75 30.25 1.98 -46.28
CA MET F 75 30.17 1.77 -44.85
C MET F 75 31.45 1.15 -44.30
N LEU F 76 32.07 0.25 -45.08
CA LEU F 76 33.36 -0.32 -44.68
C LEU F 76 34.38 0.78 -44.43
N ASN F 77 34.41 1.78 -45.31
CA ASN F 77 35.41 2.84 -45.15
C ASN F 77 35.15 3.66 -43.89
N ILE F 78 33.88 4.00 -43.64
CA ILE F 78 33.56 4.78 -42.44
C ILE F 78 34.05 4.07 -41.19
N VAL F 79 33.79 2.77 -41.09
CA VAL F 79 34.22 2.02 -39.91
C VAL F 79 35.73 1.90 -39.85
N LYS F 80 36.37 1.75 -41.02
CA LYS F 80 37.83 1.71 -41.11
C LYS F 80 38.45 2.98 -40.53
N ASN F 81 37.90 4.14 -40.91
CA ASN F 81 38.47 5.40 -40.43
C ASN F 81 38.28 5.55 -38.93
N GLU F 82 37.13 5.11 -38.41
CA GLU F 82 36.86 5.23 -36.98
C GLU F 82 37.67 4.27 -36.14
N CYS F 83 38.26 3.21 -36.73
CA CYS F 83 39.00 2.20 -35.98
C CYS F 83 40.46 2.09 -36.42
N LYS F 84 41.05 3.20 -36.87
CA LYS F 84 42.39 3.13 -37.45
C LYS F 84 43.43 2.60 -36.45
N ASN F 85 43.26 2.89 -35.17
CA ASN F 85 44.28 2.53 -34.19
C ASN F 85 44.29 1.05 -33.87
N LEU F 86 43.15 0.36 -34.03
CA LEU F 86 43.03 -1.01 -33.55
C LEU F 86 43.89 -1.96 -34.35
N LYS F 87 44.42 -2.99 -33.69
CA LYS F 87 45.46 -3.84 -34.29
C LYS F 87 44.97 -5.22 -34.69
N ASN F 88 43.82 -5.68 -34.20
CA ASN F 88 43.41 -7.06 -34.43
C ASN F 88 42.22 -7.14 -35.37
N LEU F 89 42.10 -6.19 -36.30
CA LEU F 89 40.98 -6.12 -37.22
C LEU F 89 41.35 -6.69 -38.58
N GLU F 90 40.40 -7.37 -39.18
CA GLU F 90 40.53 -7.88 -40.53
C GLU F 90 39.32 -7.38 -41.31
N TYR F 91 39.55 -6.64 -42.39
CA TYR F 91 38.45 -6.12 -43.21
C TYR F 91 38.26 -6.99 -44.45
N ILE F 92 37.00 -7.36 -44.73
CA ILE F 92 36.63 -8.07 -45.95
C ILE F 92 36.08 -7.05 -46.93
N TYR F 93 36.63 -7.01 -48.14
CA TYR F 93 36.22 -6.00 -49.12
C TYR F 93 35.20 -6.59 -50.09
N ASP F 94 34.09 -7.05 -49.51
CA ASP F 94 32.95 -7.60 -50.24
C ASP F 94 31.83 -7.73 -49.22
N LYS F 95 30.62 -7.98 -49.72
CA LYS F 95 29.51 -8.18 -48.79
C LYS F 95 29.46 -9.63 -48.30
N PHE F 96 28.73 -9.85 -47.20
CA PHE F 96 28.71 -11.14 -46.54
C PHE F 96 28.20 -12.24 -47.46
N GLU F 97 27.23 -11.91 -48.31
CA GLU F 97 26.67 -12.88 -49.26
C GLU F 97 27.74 -13.49 -50.16
N ASN F 98 28.82 -12.74 -50.43
CA ASN F 98 29.89 -13.24 -51.28
C ASN F 98 31.09 -13.74 -50.52
N TYR F 99 31.11 -13.59 -49.20
CA TYR F 99 32.23 -14.03 -48.36
C TYR F 99 32.28 -15.55 -48.29
N LYS F 100 33.33 -16.15 -48.85
CA LYS F 100 33.49 -17.60 -48.92
C LYS F 100 34.86 -17.97 -48.34
N ASP F 101 34.93 -18.03 -47.01
CA ASP F 101 36.14 -18.40 -46.30
C ASP F 101 35.74 -19.37 -45.21
N ASN F 102 36.37 -20.55 -45.18
CA ASN F 102 35.94 -21.57 -44.22
C ASN F 102 36.58 -21.39 -42.84
N LYS F 103 37.11 -20.19 -42.56
CA LYS F 103 37.41 -19.80 -41.20
C LYS F 103 36.21 -20.06 -40.29
N ASN F 104 36.46 -20.66 -39.14
CA ASN F 104 35.40 -20.95 -38.19
C ASN F 104 35.47 -19.96 -37.04
N PHE F 105 34.33 -19.40 -36.68
CA PHE F 105 34.24 -18.35 -35.68
C PHE F 105 33.61 -18.89 -34.41
N GLU F 106 34.08 -18.40 -33.27
CA GLU F 106 33.46 -18.77 -32.00
C GLU F 106 32.39 -17.78 -31.58
N LEU F 107 32.34 -16.61 -32.22
CA LEU F 107 31.42 -15.55 -31.83
C LEU F 107 31.04 -14.73 -33.06
N CYS F 108 29.76 -14.41 -33.20
CA CYS F 108 29.29 -13.56 -34.27
C CYS F 108 28.31 -12.54 -33.69
N LEU F 109 28.50 -11.29 -34.04
CA LEU F 109 27.60 -10.20 -33.65
C LEU F 109 26.93 -9.62 -34.89
N CYS F 110 25.59 -9.56 -34.87
CA CYS F 110 24.82 -9.15 -36.04
C CYS F 110 23.67 -8.28 -35.53
N LEU F 111 23.96 -6.99 -35.36
CA LEU F 111 23.06 -6.07 -34.64
C LEU F 111 22.35 -5.15 -35.61
N LEU F 112 21.02 -5.27 -35.67
CA LEU F 112 20.15 -4.37 -36.44
C LEU F 112 20.51 -4.42 -37.93
N VAL F 113 20.83 -5.63 -38.40
CA VAL F 113 21.26 -5.86 -39.76
C VAL F 113 20.18 -6.57 -40.58
N LEU F 114 19.51 -7.56 -39.98
CA LEU F 114 18.67 -8.49 -40.74
C LEU F 114 17.51 -7.81 -41.43
N GLN F 115 16.99 -6.72 -40.87
CA GLN F 115 15.88 -6.04 -41.55
C GLN F 115 16.34 -5.35 -42.83
N PHE F 116 17.65 -5.31 -43.10
CA PHE F 116 18.16 -4.72 -44.33
C PHE F 116 18.75 -5.77 -45.28
N ILE F 117 18.57 -7.04 -45.00
CA ILE F 117 19.18 -8.11 -45.77
C ILE F 117 18.19 -8.60 -46.83
N GLU F 118 18.66 -8.69 -48.08
CA GLU F 118 17.77 -9.10 -49.17
C GLU F 118 17.21 -10.50 -48.95
N GLU F 119 18.06 -11.46 -48.54
CA GLU F 119 17.68 -12.87 -48.41
C GLU F 119 18.03 -13.36 -47.01
N PRO F 120 17.17 -13.06 -46.03
CA PRO F 120 17.51 -13.37 -44.63
C PRO F 120 17.77 -14.84 -44.34
N GLN F 121 17.10 -15.75 -45.06
CA GLN F 121 17.22 -17.16 -44.76
C GLN F 121 18.62 -17.68 -45.06
N SER F 122 19.13 -17.43 -46.27
CA SER F 122 20.46 -17.92 -46.59
C SER F 122 21.54 -17.15 -45.83
N PHE F 123 21.26 -15.90 -45.47
CA PHE F 123 22.15 -15.11 -44.64
C PHE F 123 22.40 -15.79 -43.29
N LEU F 124 21.31 -16.21 -42.62
CA LEU F 124 21.48 -16.85 -41.32
C LEU F 124 22.11 -18.23 -41.46
N GLU F 125 21.75 -18.98 -42.51
CA GLU F 125 22.41 -20.26 -42.75
C GLU F 125 23.91 -20.09 -42.90
N LYS F 126 24.34 -19.02 -43.58
CA LYS F 126 25.77 -18.79 -43.74
C LYS F 126 26.42 -18.47 -42.40
N ILE F 127 25.75 -17.67 -41.57
CA ILE F 127 26.26 -17.44 -40.21
C ILE F 127 26.37 -18.77 -39.47
N TYR F 128 25.33 -19.61 -39.56
CA TYR F 128 25.36 -20.92 -38.92
C TYR F 128 26.57 -21.73 -39.37
N ASN F 129 26.85 -21.75 -40.68
CA ASN F 129 27.96 -22.55 -41.20
C ASN F 129 29.31 -21.94 -40.85
N SER F 130 29.37 -20.63 -40.65
CA SER F 130 30.61 -19.96 -40.28
C SER F 130 30.98 -20.17 -38.82
N LEU F 131 30.02 -20.45 -37.95
CA LEU F 131 30.30 -20.66 -36.54
C LEU F 131 30.86 -22.06 -36.30
N ASP F 132 31.75 -22.16 -35.32
CA ASP F 132 32.21 -23.47 -34.91
C ASP F 132 31.15 -24.12 -34.03
N SER F 133 31.45 -25.34 -33.55
CA SER F 133 30.42 -26.23 -33.03
C SER F 133 29.59 -25.58 -31.92
N ASN F 134 30.24 -24.97 -30.93
CA ASN F 134 29.50 -24.34 -29.84
C ASN F 134 29.52 -22.81 -29.95
N GLY F 135 29.57 -22.29 -31.16
CA GLY F 135 29.71 -20.86 -31.34
C GLY F 135 28.47 -20.08 -30.95
N LEU F 136 28.68 -18.82 -30.61
CA LEU F 136 27.65 -17.92 -30.11
C LEU F 136 27.35 -16.82 -31.14
N LEU F 137 26.06 -16.61 -31.39
CA LEU F 137 25.55 -15.50 -32.20
C LEU F 137 24.67 -14.61 -31.33
N ILE F 138 24.92 -13.32 -31.35
CA ILE F 138 24.02 -12.32 -30.78
C ILE F 138 23.43 -11.53 -31.93
N ILE F 139 22.10 -11.51 -32.01
CA ILE F 139 21.41 -10.94 -33.16
C ILE F 139 20.24 -10.09 -32.67
N SER F 140 20.07 -8.93 -33.29
CA SER F 140 18.98 -8.02 -32.95
C SER F 140 18.32 -7.51 -34.22
N ILE F 141 17.04 -7.12 -34.10
CA ILE F 141 16.29 -6.64 -35.25
C ILE F 141 15.43 -5.45 -34.85
N PHE F 142 15.06 -4.69 -35.87
CA PHE F 142 13.91 -3.79 -35.80
C PHE F 142 12.76 -4.57 -36.42
N SER F 143 11.69 -4.78 -35.64
CA SER F 143 10.59 -5.63 -36.04
C SER F 143 9.40 -4.80 -36.57
N ASN F 144 8.29 -5.47 -36.89
CA ASN F 144 7.05 -4.83 -37.26
C ASN F 144 6.07 -4.74 -36.10
N LYS F 145 6.54 -4.94 -34.86
CA LYS F 145 5.65 -5.01 -33.70
C LYS F 145 5.52 -3.65 -33.00
N GLN F 146 4.27 -3.27 -32.69
CA GLN F 146 4.01 -2.09 -31.86
C GLN F 146 4.57 -0.82 -32.48
N LEU F 147 4.37 -0.68 -33.78
CA LEU F 147 4.90 0.49 -34.47
C LEU F 147 4.15 1.77 -34.09
N THR F 148 2.89 1.64 -33.63
CA THR F 148 2.16 2.83 -33.20
C THR F 148 2.82 3.46 -31.97
N TYR F 149 3.15 2.64 -30.96
CA TYR F 149 3.91 3.15 -29.83
C TYR F 149 5.30 3.60 -30.26
N TRP F 150 5.95 2.82 -31.14
CA TRP F 150 7.28 3.18 -31.60
C TRP F 150 7.27 4.56 -32.26
N LYS F 151 6.22 4.86 -33.03
CA LYS F 151 6.18 6.13 -33.76
C LYS F 151 6.23 7.31 -32.81
N GLU F 152 5.43 7.28 -31.73
CA GLU F 152 5.47 8.38 -30.75
C GLU F 152 6.81 8.42 -30.03
N PHE F 153 7.35 7.25 -29.68
CA PHE F 153 8.67 7.19 -29.05
C PHE F 153 9.71 7.89 -29.91
N ALA F 154 9.72 7.59 -31.21
CA ALA F 154 10.74 8.15 -32.10
C ALA F 154 10.55 9.65 -32.29
N LEU F 155 9.30 10.09 -32.51
CA LEU F 155 9.07 11.52 -32.67
C LEU F 155 9.51 12.30 -31.43
N SER F 156 9.24 11.76 -30.23
CA SER F 156 9.60 12.46 -29.01
C SER F 156 11.10 12.61 -28.85
N ARG F 157 11.87 11.69 -29.41
CA ARG F 157 13.32 11.82 -29.38
C ARG F 157 13.86 12.74 -30.46
N GLY F 158 13.00 13.32 -31.29
CA GLY F 158 13.43 14.22 -32.35
C GLY F 158 13.71 13.57 -33.70
N ALA F 159 13.33 12.30 -33.89
CA ALA F 159 13.50 11.67 -35.21
C ALA F 159 12.71 12.42 -36.27
N LYS F 160 13.24 12.42 -37.49
CA LYS F 160 12.63 13.19 -38.57
C LYS F 160 11.24 12.66 -38.90
N LYS F 161 10.25 13.55 -38.82
CA LYS F 161 8.85 13.17 -38.90
C LYS F 161 8.53 12.38 -40.17
N GLU F 162 9.12 12.77 -41.30
CA GLU F 162 8.82 12.10 -42.56
C GLU F 162 9.44 10.71 -42.61
N GLN F 163 10.61 10.51 -42.00
CA GLN F 163 11.19 9.17 -41.93
C GLN F 163 10.32 8.26 -41.05
N VAL F 164 9.92 8.74 -39.88
CA VAL F 164 9.08 7.96 -38.99
C VAL F 164 7.80 7.54 -39.69
N GLU F 165 7.17 8.48 -40.40
CA GLU F 165 5.90 8.18 -41.06
C GLU F 165 6.06 7.17 -42.18
N LYS F 166 7.20 7.16 -42.87
CA LYS F 166 7.41 6.18 -43.91
C LYS F 166 7.57 4.78 -43.31
N THR F 167 8.40 4.68 -42.27
CA THR F 167 8.52 3.40 -41.58
C THR F 167 7.17 2.96 -41.00
N PHE F 168 6.43 3.90 -40.41
CA PHE F 168 5.17 3.54 -39.76
C PHE F 168 4.11 3.11 -40.78
N ASN F 169 3.99 3.84 -41.89
CA ASN F 169 2.89 3.60 -42.82
C ASN F 169 3.26 2.66 -43.95
N ASN F 170 4.54 2.57 -44.30
CA ASN F 170 5.00 1.82 -45.46
C ASN F 170 6.34 1.16 -45.14
N GLN F 171 6.36 0.33 -44.09
CA GLN F 171 7.63 -0.21 -43.60
C GLN F 171 8.38 -0.99 -44.69
N SER F 172 7.65 -1.69 -45.57
CA SER F 172 8.29 -2.51 -46.60
C SER F 172 9.11 -1.66 -47.56
N GLU F 173 8.80 -0.37 -47.69
CA GLU F 173 9.61 0.53 -48.50
C GLU F 173 10.95 0.85 -47.85
N VAL F 174 11.08 0.59 -46.55
CA VAL F 174 12.24 0.99 -45.77
C VAL F 174 13.14 -0.20 -45.44
N MET F 175 12.53 -1.35 -45.17
CA MET F 175 13.22 -2.51 -44.64
C MET F 175 12.32 -3.72 -44.84
N ASN F 176 12.87 -4.90 -44.52
CA ASN F 176 12.05 -6.09 -44.37
C ASN F 176 11.06 -5.90 -43.24
N ILE F 177 9.86 -6.45 -43.43
CA ILE F 177 8.86 -6.53 -42.38
C ILE F 177 9.08 -7.84 -41.65
N LEU F 178 9.59 -7.76 -40.42
CA LEU F 178 10.06 -8.93 -39.70
C LEU F 178 9.27 -9.05 -38.40
N SER F 179 8.48 -10.12 -38.28
CA SER F 179 7.95 -10.40 -36.95
C SER F 179 8.98 -11.18 -36.13
N PRO F 180 9.01 -10.99 -34.80
CA PRO F 180 9.93 -11.79 -33.98
C PRO F 180 9.68 -13.28 -34.12
N GLU F 181 8.43 -13.67 -34.35
CA GLU F 181 8.11 -15.08 -34.49
C GLU F 181 8.72 -15.66 -35.76
N TYR F 182 8.60 -14.95 -36.89
CA TYR F 182 9.21 -15.48 -38.10
C TYR F 182 10.72 -15.49 -38.01
N VAL F 183 11.30 -14.55 -37.26
CA VAL F 183 12.76 -14.54 -37.18
C VAL F 183 13.24 -15.72 -36.35
N GLU F 184 12.52 -16.06 -35.28
CA GLU F 184 12.88 -17.26 -34.53
C GLU F 184 12.73 -18.50 -35.41
N GLY F 185 11.72 -18.52 -36.28
CA GLY F 185 11.60 -19.63 -37.23
C GLY F 185 12.73 -19.67 -38.24
N LEU F 186 13.12 -18.50 -38.75
CA LEU F 186 14.31 -18.43 -39.61
C LEU F 186 15.54 -19.00 -38.89
N LEU F 187 15.74 -18.63 -37.62
CA LEU F 187 16.90 -19.15 -36.90
C LEU F 187 16.82 -20.66 -36.75
N LYS F 188 15.66 -21.17 -36.33
CA LYS F 188 15.50 -22.61 -36.17
C LYS F 188 15.74 -23.34 -37.50
N GLU F 189 15.20 -22.82 -38.59
CA GLU F 189 15.40 -23.44 -39.90
C GLU F 189 16.88 -23.50 -40.25
N SER F 190 17.64 -22.46 -39.90
CA SER F 190 19.07 -22.42 -40.20
C SER F 190 19.87 -23.48 -39.44
N GLY F 191 19.32 -24.03 -38.36
CA GLY F 191 19.96 -25.09 -37.63
C GLY F 191 20.23 -24.80 -36.17
N PHE F 192 20.06 -23.57 -35.71
CA PHE F 192 20.43 -23.23 -34.34
C PHE F 192 19.55 -23.95 -33.34
N SER F 193 20.18 -24.57 -32.35
CA SER F 193 19.43 -25.35 -31.36
C SER F 193 18.87 -24.46 -30.26
N LYS F 194 19.71 -23.61 -29.68
CA LYS F 194 19.35 -22.81 -28.52
C LYS F 194 19.14 -21.36 -28.95
N ILE F 195 17.91 -20.87 -28.76
CA ILE F 195 17.51 -19.51 -29.09
C ILE F 195 16.86 -18.91 -27.85
N GLU F 196 17.41 -17.81 -27.34
CA GLU F 196 16.87 -17.18 -26.13
C GLU F 196 16.73 -15.67 -26.34
N ARG F 197 15.50 -15.17 -26.29
CA ARG F 197 15.27 -13.73 -26.39
C ARG F 197 15.65 -13.04 -25.09
N ILE F 198 16.51 -12.03 -25.16
CA ILE F 198 16.94 -11.32 -23.95
C ILE F 198 16.38 -9.92 -23.85
N CYS F 199 15.87 -9.34 -24.94
CA CYS F 199 15.37 -7.97 -24.97
C CYS F 199 14.22 -7.94 -25.95
N GLU F 200 13.09 -7.35 -25.57
CA GLU F 200 12.08 -6.91 -26.54
C GLU F 200 11.51 -5.61 -26.00
N VAL F 201 11.67 -4.53 -26.74
CA VAL F 201 11.20 -3.20 -26.33
C VAL F 201 10.49 -2.60 -27.54
N LEU F 202 9.16 -2.55 -27.48
CA LEU F 202 8.36 -2.10 -28.62
C LEU F 202 8.81 -2.86 -29.86
N SER F 203 9.29 -2.14 -30.87
CA SER F 203 9.64 -2.71 -32.16
C SER F 203 11.07 -3.32 -32.23
N THR F 204 11.75 -3.59 -31.12
CA THR F 204 13.09 -4.16 -31.19
C THR F 204 13.15 -5.47 -30.44
N ASP F 205 14.05 -6.36 -30.91
CA ASP F 205 14.29 -7.66 -30.29
C ASP F 205 15.77 -7.97 -30.35
N MET F 206 16.26 -8.71 -29.34
CA MET F 206 17.62 -9.21 -29.36
C MET F 206 17.65 -10.61 -28.78
N TRP F 207 18.33 -11.53 -29.46
CA TRP F 207 18.44 -12.92 -29.00
C TRP F 207 19.90 -13.29 -28.81
N VAL F 208 20.12 -14.21 -27.89
CA VAL F 208 21.37 -14.96 -27.76
C VAL F 208 21.11 -16.34 -28.35
N VAL F 209 21.97 -16.77 -29.25
CA VAL F 209 21.72 -17.95 -30.08
C VAL F 209 22.96 -18.83 -30.08
N ARG F 210 22.77 -20.13 -29.96
CA ARG F 210 23.87 -21.07 -29.95
C ARG F 210 23.69 -22.13 -31.03
N LYS F 211 24.79 -22.55 -31.63
CA LYS F 211 24.76 -23.44 -32.78
C LYS F 211 24.40 -24.86 -32.37
N ARG G 14 -15.04 22.05 -34.39
CA ARG G 14 -15.89 21.82 -35.57
C ARG G 14 -16.66 20.50 -35.43
N LYS G 15 -16.26 19.64 -34.51
CA LYS G 15 -17.00 18.42 -34.24
C LYS G 15 -18.27 18.68 -33.42
N LYS G 16 -18.34 19.82 -32.72
CA LYS G 16 -19.44 20.13 -31.82
C LYS G 16 -20.33 21.28 -32.29
N VAL G 17 -19.86 22.08 -33.24
CA VAL G 17 -20.58 23.28 -33.65
C VAL G 17 -20.96 23.16 -35.12
N PRO G 18 -22.22 22.89 -35.47
CA PRO G 18 -22.59 22.87 -36.89
C PRO G 18 -22.33 24.24 -37.50
N ALA G 19 -21.97 24.23 -38.78
CA ALA G 19 -21.66 25.44 -39.55
C ALA G 19 -20.49 26.24 -38.97
N TYR G 20 -19.63 25.62 -38.16
CA TYR G 20 -18.45 26.32 -37.67
C TYR G 20 -17.65 26.92 -38.83
N ASP G 21 -17.18 26.06 -39.75
CA ASP G 21 -16.42 26.56 -40.89
C ASP G 21 -17.27 27.46 -41.76
N LEU G 22 -18.55 27.12 -41.90
CA LEU G 22 -19.44 27.85 -42.79
C LEU G 22 -19.67 29.27 -42.30
N MET G 23 -19.87 29.45 -40.99
CA MET G 23 -20.06 30.79 -40.44
C MET G 23 -18.84 31.67 -40.74
N LEU G 24 -17.63 31.12 -40.57
CA LEU G 24 -16.43 31.89 -40.85
C LEU G 24 -16.33 32.23 -42.33
N GLU G 25 -16.67 31.29 -43.21
CA GLU G 25 -16.59 31.55 -44.63
C GLU G 25 -17.55 32.67 -45.02
N ILE G 26 -18.75 32.68 -44.44
CA ILE G 26 -19.72 33.73 -44.77
C ILE G 26 -19.22 35.09 -44.28
N ILE G 27 -18.63 35.14 -43.08
CA ILE G 27 -18.12 36.40 -42.57
C ILE G 27 -17.07 36.99 -43.51
N PHE G 28 -16.04 36.20 -43.80
CA PHE G 28 -14.90 36.76 -44.52
C PHE G 28 -15.14 36.83 -46.02
N ASN G 29 -15.99 35.96 -46.57
CA ASN G 29 -16.22 35.99 -48.01
C ASN G 29 -17.44 36.82 -48.41
N SER G 30 -18.28 37.22 -47.45
CA SER G 30 -19.48 37.96 -47.87
C SER G 30 -19.77 39.15 -46.96
N ILE G 31 -20.03 38.90 -45.67
CA ILE G 31 -20.59 39.94 -44.80
C ILE G 31 -19.67 41.15 -44.77
N LEU G 32 -18.38 40.92 -44.53
CA LEU G 32 -17.46 42.04 -44.34
C LEU G 32 -17.25 42.81 -45.63
N LYS G 33 -17.29 42.13 -46.78
CA LYS G 33 -17.20 42.83 -48.06
C LYS G 33 -18.36 43.78 -48.23
N ILE G 34 -19.56 43.35 -47.86
CA ILE G 34 -20.77 44.14 -48.09
C ILE G 34 -20.92 45.25 -47.06
N GLU G 35 -20.56 44.99 -45.80
CA GLU G 35 -20.91 45.88 -44.71
C GLU G 35 -19.80 46.84 -44.31
N THR G 36 -18.57 46.65 -44.80
CA THR G 36 -17.46 47.51 -44.43
C THR G 36 -16.69 47.94 -45.67
N ASP G 37 -16.08 49.11 -45.57
CA ASP G 37 -15.10 49.61 -46.53
C ASP G 37 -13.76 49.70 -45.84
N ILE G 38 -12.74 49.05 -46.43
CA ILE G 38 -11.46 48.86 -45.76
C ILE G 38 -10.83 50.19 -45.35
N SER G 39 -11.08 51.26 -46.12
CA SER G 39 -10.48 52.54 -45.79
C SER G 39 -11.01 53.12 -44.49
N GLN G 40 -12.25 52.80 -44.11
CA GLN G 40 -12.85 53.40 -42.92
C GLN G 40 -12.65 52.55 -41.68
N ILE G 41 -12.09 51.35 -41.79
CA ILE G 41 -11.91 50.47 -40.66
C ILE G 41 -10.55 50.78 -40.04
N LYS G 42 -10.54 51.55 -38.95
CA LYS G 42 -9.30 51.87 -38.26
C LYS G 42 -8.97 50.88 -37.15
N ASN G 43 -9.93 50.62 -36.25
CA ASN G 43 -9.72 49.78 -35.08
C ASN G 43 -10.70 48.62 -35.11
N ILE G 44 -10.19 47.40 -34.96
CA ILE G 44 -11.00 46.19 -34.91
C ILE G 44 -10.86 45.54 -33.55
N LEU G 45 -12.00 45.20 -32.93
CA LEU G 45 -12.02 44.53 -31.64
C LEU G 45 -12.33 43.05 -31.85
N SER G 46 -11.38 42.19 -31.52
CA SER G 46 -11.56 40.75 -31.55
C SER G 46 -11.68 40.24 -30.13
N ILE G 47 -12.85 39.67 -29.78
CA ILE G 47 -13.10 39.18 -28.42
C ILE G 47 -13.17 37.65 -28.47
N GLY G 48 -12.28 37.00 -27.71
CA GLY G 48 -12.26 35.54 -27.66
C GLY G 48 -11.99 34.87 -28.99
N GLY G 49 -11.27 35.55 -29.89
CA GLY G 49 -11.08 35.01 -31.23
C GLY G 49 -10.05 33.90 -31.26
N GLN G 50 -10.24 32.98 -32.21
CA GLN G 50 -9.23 31.98 -32.53
C GLN G 50 -8.27 32.55 -33.57
N SER G 51 -7.16 31.83 -33.77
CA SER G 51 -6.12 32.36 -34.66
C SER G 51 -6.61 32.50 -36.11
N PHE G 52 -7.52 31.63 -36.56
CA PHE G 52 -8.04 31.76 -37.93
C PHE G 52 -8.73 33.11 -38.13
N GLU G 53 -9.61 33.50 -37.20
CA GLU G 53 -10.26 34.81 -37.29
C GLU G 53 -9.22 35.93 -37.33
N VAL G 54 -8.25 35.90 -36.41
CA VAL G 54 -7.26 36.97 -36.35
C VAL G 54 -6.51 37.07 -37.66
N LYS G 55 -6.03 35.94 -38.18
CA LYS G 55 -5.29 35.95 -39.43
C LYS G 55 -6.12 36.49 -40.59
N ASN G 56 -7.39 36.11 -40.68
CA ASN G 56 -8.21 36.63 -41.77
C ASN G 56 -8.51 38.11 -41.60
N LEU G 57 -8.80 38.56 -40.38
CA LEU G 57 -8.97 40.00 -40.15
C LEU G 57 -7.69 40.76 -40.49
N SER G 58 -6.53 40.18 -40.15
CA SER G 58 -5.26 40.85 -40.42
C SER G 58 -5.01 40.99 -41.92
N LYS G 59 -5.33 39.95 -42.70
CA LYS G 59 -5.06 39.99 -44.12
C LYS G 59 -6.03 40.92 -44.84
N ILE G 60 -7.31 40.93 -44.43
CA ILE G 60 -8.31 41.78 -45.07
C ILE G 60 -8.06 43.24 -44.74
N TYR G 61 -7.80 43.55 -43.47
CA TYR G 61 -7.65 44.93 -43.01
C TYR G 61 -6.20 45.22 -42.64
N ASN G 62 -5.31 45.16 -43.63
CA ASN G 62 -3.86 45.19 -43.37
C ASN G 62 -3.43 46.50 -42.72
N ASN G 63 -4.11 47.61 -43.01
CA ASN G 63 -3.76 48.88 -42.38
C ASN G 63 -4.62 49.16 -41.16
N SER G 64 -5.24 48.15 -40.59
CA SER G 64 -6.04 48.31 -39.39
C SER G 64 -5.28 47.79 -38.17
N LYS G 65 -5.57 48.37 -37.01
CA LYS G 65 -5.10 47.82 -35.75
C LYS G 65 -6.16 46.87 -35.18
N ILE G 66 -5.78 45.62 -34.95
CA ILE G 66 -6.67 44.61 -34.39
C ILE G 66 -6.33 44.43 -32.91
N THR G 67 -7.30 44.72 -32.03
CA THR G 67 -7.14 44.57 -30.59
C THR G 67 -7.66 43.20 -30.18
N ILE G 68 -6.82 42.41 -29.55
CA ILE G 68 -7.09 41.01 -29.21
C ILE G 68 -7.34 40.90 -27.70
N ILE G 69 -8.53 40.46 -27.31
CA ILE G 69 -8.85 40.26 -25.90
C ILE G 69 -9.36 38.84 -25.72
N GLU G 70 -8.76 38.11 -24.78
CA GLU G 70 -9.08 36.71 -24.52
C GLU G 70 -9.50 36.54 -23.06
N PRO G 71 -10.31 35.53 -22.75
CA PRO G 71 -10.83 35.39 -21.37
C PRO G 71 -9.80 34.92 -20.36
N SER G 72 -8.59 34.56 -20.79
CA SER G 72 -7.55 34.15 -19.85
C SER G 72 -6.19 34.38 -20.48
N GLU G 73 -5.17 34.54 -19.63
CA GLU G 73 -3.81 34.63 -20.13
C GLU G 73 -3.42 33.37 -20.89
N ILE G 74 -3.88 32.20 -20.44
CA ILE G 74 -3.54 30.95 -21.13
C ILE G 74 -4.02 30.99 -22.57
N MET G 75 -5.28 31.39 -22.79
CA MET G 75 -5.78 31.48 -24.16
C MET G 75 -5.09 32.59 -24.93
N LEU G 76 -4.81 33.71 -24.28
CA LEU G 76 -4.08 34.79 -24.95
C LEU G 76 -2.74 34.29 -25.48
N ASN G 77 -2.04 33.48 -24.69
CA ASN G 77 -0.71 33.02 -25.11
C ASN G 77 -0.81 32.08 -26.30
N ILE G 78 -1.81 31.20 -26.33
CA ILE G 78 -1.98 30.31 -27.46
C ILE G 78 -2.14 31.10 -28.74
N VAL G 79 -2.98 32.14 -28.71
CA VAL G 79 -3.26 32.92 -29.91
C VAL G 79 -2.04 33.72 -30.32
N LYS G 80 -1.30 34.27 -29.35
CA LYS G 80 -0.09 35.04 -29.66
C LYS G 80 0.95 34.17 -30.35
N ASN G 81 1.14 32.94 -29.88
CA ASN G 81 2.07 32.02 -30.55
C ASN G 81 1.65 31.79 -32.00
N GLU G 82 0.36 31.58 -32.23
CA GLU G 82 -0.11 31.26 -33.57
C GLU G 82 -0.10 32.45 -34.51
N CYS G 83 0.00 33.68 -34.00
CA CYS G 83 -0.01 34.88 -34.82
C CYS G 83 1.28 35.69 -34.70
N LYS G 84 2.41 35.02 -34.45
CA LYS G 84 3.64 35.73 -34.10
C LYS G 84 4.11 36.67 -35.20
N ASN G 85 3.86 36.33 -36.47
CA ASN G 85 4.39 37.10 -37.58
C ASN G 85 3.54 38.32 -37.93
N LEU G 86 2.27 38.36 -37.49
CA LEU G 86 1.41 39.47 -37.85
C LEU G 86 1.85 40.74 -37.17
N LYS G 87 1.75 41.87 -37.88
CA LYS G 87 2.34 43.11 -37.42
C LYS G 87 1.34 44.18 -37.01
N ASN G 88 0.03 43.93 -37.16
CA ASN G 88 -0.96 44.93 -36.78
C ASN G 88 -1.82 44.47 -35.61
N LEU G 89 -1.25 43.68 -34.70
CA LEU G 89 -1.97 43.12 -33.58
C LEU G 89 -1.61 43.84 -32.29
N GLU G 90 -2.61 44.08 -31.46
CA GLU G 90 -2.43 44.66 -30.14
C GLU G 90 -3.10 43.71 -29.16
N TYR G 91 -2.34 43.22 -28.19
CA TYR G 91 -2.86 42.29 -27.19
C TYR G 91 -3.18 43.03 -25.90
N ILE G 92 -4.35 42.75 -25.33
CA ILE G 92 -4.72 43.25 -24.01
C ILE G 92 -4.48 42.15 -22.99
N TYR G 93 -3.70 42.43 -21.95
CA TYR G 93 -3.38 41.42 -20.94
C TYR G 93 -4.32 41.53 -19.75
N ASP G 94 -5.60 41.39 -20.06
CA ASP G 94 -6.68 41.33 -19.08
C ASP G 94 -7.91 40.83 -19.81
N LYS G 95 -8.95 40.49 -19.04
CA LYS G 95 -10.20 40.07 -19.68
C LYS G 95 -11.05 41.28 -20.08
N PHE G 96 -12.02 41.04 -20.94
CA PHE G 96 -12.79 42.13 -21.55
C PHE G 96 -13.56 42.93 -20.50
N GLU G 97 -14.04 42.26 -19.45
CA GLU G 97 -14.79 42.92 -18.39
C GLU G 97 -13.96 43.99 -17.69
N ASN G 98 -12.63 43.86 -17.70
CA ASN G 98 -11.75 44.82 -17.06
C ASN G 98 -11.12 45.81 -18.02
N TYR G 99 -11.36 45.66 -19.32
CA TYR G 99 -10.77 46.53 -20.34
C TYR G 99 -11.47 47.88 -20.35
N LYS G 100 -10.74 48.95 -20.03
CA LYS G 100 -11.29 50.30 -19.90
C LYS G 100 -10.44 51.25 -20.73
N ASP G 101 -10.81 51.43 -21.98
CA ASP G 101 -10.03 52.23 -22.93
C ASP G 101 -11.01 52.88 -23.90
N ASN G 102 -10.92 54.21 -24.05
CA ASN G 102 -11.82 55.02 -24.88
C ASN G 102 -11.68 54.75 -26.37
N LYS G 103 -10.84 53.81 -26.78
CA LYS G 103 -10.66 53.51 -28.19
C LYS G 103 -12.00 53.24 -28.85
N ASN G 104 -12.23 53.87 -30.01
CA ASN G 104 -13.43 53.65 -30.79
C ASN G 104 -13.14 52.57 -31.83
N PHE G 105 -14.05 51.61 -31.95
CA PHE G 105 -13.90 50.51 -32.91
C PHE G 105 -14.97 50.62 -33.99
N GLU G 106 -14.58 50.37 -35.24
CA GLU G 106 -15.54 50.32 -36.33
C GLU G 106 -16.11 48.92 -36.52
N LEU G 107 -15.44 47.90 -35.99
CA LEU G 107 -15.80 46.50 -36.21
C LEU G 107 -15.46 45.68 -34.97
N CYS G 108 -16.37 44.80 -34.58
CA CYS G 108 -16.13 43.85 -33.49
C CYS G 108 -16.59 42.47 -33.91
N LEU G 109 -15.76 41.46 -33.65
CA LEU G 109 -16.09 40.07 -33.87
C LEU G 109 -16.13 39.35 -32.54
N CYS G 110 -17.21 38.62 -32.29
CA CYS G 110 -17.40 37.98 -31.00
C CYS G 110 -18.12 36.66 -31.28
N LEU G 111 -17.33 35.65 -31.62
CA LEU G 111 -17.83 34.39 -32.16
C LEU G 111 -17.78 33.29 -31.11
N LEU G 112 -18.95 32.75 -30.76
CA LEU G 112 -19.08 31.60 -29.89
C LEU G 112 -18.46 31.88 -28.52
N VAL G 113 -18.68 33.11 -28.05
CA VAL G 113 -18.14 33.58 -26.77
C VAL G 113 -19.22 33.73 -25.72
N LEU G 114 -20.37 34.29 -26.09
CA LEU G 114 -21.37 34.75 -25.12
C LEU G 114 -21.86 33.62 -24.22
N GLN G 115 -21.90 32.39 -24.72
CA GLN G 115 -22.36 31.29 -23.87
C GLN G 115 -21.37 30.98 -22.75
N PHE G 116 -20.18 31.58 -22.76
CA PHE G 116 -19.19 31.39 -21.70
C PHE G 116 -18.97 32.65 -20.87
N ILE G 117 -19.81 33.67 -21.03
CA ILE G 117 -19.63 34.95 -20.35
C ILE G 117 -20.46 34.97 -19.07
N GLU G 118 -19.81 35.34 -17.96
CA GLU G 118 -20.50 35.33 -16.68
C GLU G 118 -21.70 36.27 -16.68
N GLU G 119 -21.56 37.46 -17.27
CA GLU G 119 -22.55 38.53 -17.16
C GLU G 119 -22.82 39.09 -18.56
N PRO G 120 -23.63 38.38 -19.35
CA PRO G 120 -23.75 38.72 -20.77
C PRO G 120 -24.34 40.08 -21.05
N GLN G 121 -25.20 40.61 -20.16
CA GLN G 121 -25.86 41.88 -20.44
C GLN G 121 -24.86 43.03 -20.43
N SER G 122 -24.07 43.14 -19.38
CA SER G 122 -23.08 44.22 -19.32
C SER G 122 -21.93 43.98 -20.30
N PHE G 123 -21.63 42.72 -20.62
CA PHE G 123 -20.68 42.39 -21.68
C PHE G 123 -21.12 43.03 -23.00
N LEU G 124 -22.40 42.88 -23.37
CA LEU G 124 -22.84 43.43 -24.64
C LEU G 124 -22.95 44.94 -24.59
N GLU G 125 -23.35 45.52 -23.45
CA GLU G 125 -23.32 46.97 -23.32
C GLU G 125 -21.92 47.52 -23.50
N LYS G 126 -20.91 46.82 -22.98
CA LYS G 126 -19.53 47.27 -23.17
C LYS G 126 -19.15 47.26 -24.65
N ILE G 127 -19.52 46.20 -25.38
CA ILE G 127 -19.26 46.19 -26.81
C ILE G 127 -19.94 47.38 -27.49
N TYR G 128 -21.23 47.60 -27.17
CA TYR G 128 -21.97 48.72 -27.73
C TYR G 128 -21.24 50.03 -27.50
N ASN G 129 -20.79 50.26 -26.27
CA ASN G 129 -20.10 51.51 -25.94
C ASN G 129 -18.72 51.59 -26.59
N SER G 130 -18.10 50.45 -26.93
CA SER G 130 -16.80 50.46 -27.60
C SER G 130 -16.89 50.76 -29.09
N LEU G 131 -18.03 50.48 -29.73
CA LEU G 131 -18.17 50.75 -31.15
C LEU G 131 -18.47 52.22 -31.39
N ASP G 132 -17.99 52.73 -32.52
CA ASP G 132 -18.38 54.07 -32.92
C ASP G 132 -19.79 54.04 -33.50
N SER G 133 -20.29 55.23 -33.86
CA SER G 133 -21.70 55.42 -34.21
C SER G 133 -22.22 54.38 -35.20
N ASN G 134 -21.51 54.14 -36.30
CA ASN G 134 -21.99 53.20 -37.30
C ASN G 134 -21.27 51.84 -37.24
N GLY G 135 -20.75 51.48 -36.07
CA GLY G 135 -19.92 50.30 -35.98
C GLY G 135 -20.70 49.00 -36.17
N LEU G 136 -19.97 47.97 -36.59
CA LEU G 136 -20.53 46.66 -36.89
C LEU G 136 -20.05 45.62 -35.88
N LEU G 137 -21.00 44.82 -35.39
CA LEU G 137 -20.73 43.65 -34.55
C LEU G 137 -21.21 42.40 -35.27
N ILE G 138 -20.36 41.40 -35.36
CA ILE G 138 -20.78 40.07 -35.79
C ILE G 138 -20.65 39.15 -34.58
N ILE G 139 -21.75 38.50 -34.22
CA ILE G 139 -21.82 37.75 -32.97
C ILE G 139 -22.53 36.43 -33.21
N SER G 140 -22.00 35.36 -32.62
CA SER G 140 -22.60 34.05 -32.76
C SER G 140 -22.60 33.34 -31.42
N ILE G 141 -23.51 32.37 -31.28
CA ILE G 141 -23.68 31.66 -30.01
C ILE G 141 -23.92 30.19 -30.29
N PHE G 142 -23.64 29.40 -29.26
CA PHE G 142 -24.22 28.08 -29.12
C PHE G 142 -25.44 28.25 -28.23
N SER G 143 -26.59 27.77 -28.70
CA SER G 143 -27.86 28.04 -28.06
C SER G 143 -28.34 26.80 -27.31
N ASN G 144 -29.56 26.87 -26.78
CA ASN G 144 -30.21 25.74 -26.16
C ASN G 144 -31.26 25.11 -27.07
N LYS G 145 -31.25 25.45 -28.36
CA LYS G 145 -32.29 25.01 -29.27
C LYS G 145 -31.90 23.72 -29.99
N GLN G 146 -32.86 22.79 -30.08
CA GLN G 146 -32.70 21.58 -30.89
C GLN G 146 -31.47 20.76 -30.46
N LEU G 147 -31.29 20.64 -29.14
CA LEU G 147 -30.15 19.88 -28.67
C LEU G 147 -30.27 18.38 -28.96
N THR G 148 -31.50 17.86 -29.12
CA THR G 148 -31.64 16.45 -29.46
C THR G 148 -31.04 16.17 -30.84
N TYR G 149 -31.41 16.98 -31.84
CA TYR G 149 -30.76 16.88 -33.14
C TYR G 149 -29.26 17.18 -33.03
N TRP G 150 -28.89 18.22 -32.28
CA TRP G 150 -27.46 18.56 -32.14
C TRP G 150 -26.68 17.36 -31.61
N LYS G 151 -27.24 16.66 -30.62
CA LYS G 151 -26.50 15.58 -29.97
C LYS G 151 -26.10 14.50 -30.97
N GLU G 152 -27.03 14.09 -31.84
CA GLU G 152 -26.69 13.07 -32.84
C GLU G 152 -25.70 13.62 -33.86
N PHE G 153 -25.89 14.86 -34.30
CA PHE G 153 -24.93 15.50 -35.20
C PHE G 153 -23.52 15.43 -34.61
N ALA G 154 -23.37 15.82 -33.34
CA ALA G 154 -22.04 15.87 -32.74
C ALA G 154 -21.44 14.48 -32.58
N LEU G 155 -22.22 13.52 -32.08
CA LEU G 155 -21.71 12.17 -31.89
C LEU G 155 -21.22 11.58 -33.22
N SER G 156 -21.90 11.91 -34.32
CA SER G 156 -21.53 11.29 -35.60
C SER G 156 -20.31 11.96 -36.22
N ARG G 157 -19.94 13.15 -35.77
CA ARG G 157 -18.70 13.78 -36.20
C ARG G 157 -17.49 13.37 -35.37
N GLY G 158 -17.67 12.47 -34.40
CA GLY G 158 -16.57 12.06 -33.53
C GLY G 158 -16.41 12.83 -32.25
N ALA G 159 -17.44 13.56 -31.80
CA ALA G 159 -17.34 14.27 -30.52
C ALA G 159 -17.41 13.29 -29.36
N LYS G 160 -16.80 13.69 -28.24
CA LYS G 160 -16.64 12.80 -27.09
C LYS G 160 -18.00 12.53 -26.45
N LYS G 161 -18.37 11.25 -26.37
CA LYS G 161 -19.70 10.84 -25.92
C LYS G 161 -20.05 11.42 -24.55
N GLU G 162 -19.05 11.53 -23.66
CA GLU G 162 -19.32 12.05 -22.32
C GLU G 162 -19.57 13.56 -22.35
N GLN G 163 -18.79 14.28 -23.16
CA GLN G 163 -18.97 15.72 -23.27
C GLN G 163 -20.33 16.08 -23.87
N VAL G 164 -20.73 15.37 -24.92
CA VAL G 164 -22.02 15.64 -25.56
C VAL G 164 -23.16 15.39 -24.57
N GLU G 165 -23.08 14.29 -23.82
CA GLU G 165 -24.14 13.97 -22.87
C GLU G 165 -24.28 15.04 -21.79
N LYS G 166 -23.17 15.63 -21.36
CA LYS G 166 -23.24 16.66 -20.34
C LYS G 166 -23.88 17.93 -20.90
N THR G 167 -23.46 18.36 -22.09
CA THR G 167 -24.12 19.50 -22.72
C THR G 167 -25.60 19.20 -22.95
N PHE G 168 -25.92 17.99 -23.42
CA PHE G 168 -27.30 17.66 -23.75
C PHE G 168 -28.17 17.61 -22.50
N ASN G 169 -27.71 16.95 -21.44
CA ASN G 169 -28.56 16.71 -20.28
C ASN G 169 -28.46 17.79 -19.22
N ASN G 170 -27.33 18.49 -19.16
CA ASN G 170 -27.00 19.41 -18.08
C ASN G 170 -26.28 20.63 -18.64
N GLN G 171 -26.90 21.32 -19.60
CA GLN G 171 -26.19 22.36 -20.35
C GLN G 171 -25.66 23.46 -19.42
N SER G 172 -26.42 23.81 -18.40
CA SER G 172 -26.01 24.91 -17.52
C SER G 172 -24.73 24.59 -16.76
N GLU G 173 -24.37 23.30 -16.64
CA GLU G 173 -23.08 22.90 -16.06
C GLU G 173 -21.92 23.21 -16.99
N VAL G 174 -22.21 23.47 -18.27
CA VAL G 174 -21.20 23.65 -19.29
C VAL G 174 -21.09 25.10 -19.74
N MET G 175 -22.21 25.81 -19.80
CA MET G 175 -22.29 27.11 -20.43
C MET G 175 -23.59 27.78 -19.98
N ASN G 176 -23.74 29.04 -20.39
CA ASN G 176 -25.02 29.70 -20.27
C ASN G 176 -26.04 28.99 -21.14
N ILE G 177 -27.27 28.90 -20.64
CA ILE G 177 -28.39 28.41 -21.43
C ILE G 177 -29.00 29.64 -22.12
N LEU G 178 -28.78 29.75 -23.44
CA LEU G 178 -29.12 30.96 -24.18
C LEU G 178 -30.15 30.62 -25.24
N SER G 179 -31.33 31.20 -25.15
CA SER G 179 -32.18 31.07 -26.32
C SER G 179 -31.87 32.17 -27.32
N PRO G 180 -32.06 31.93 -28.61
CA PRO G 180 -31.84 33.00 -29.58
C PRO G 180 -32.73 34.20 -29.31
N GLU G 181 -33.94 33.96 -28.78
CA GLU G 181 -34.86 35.07 -28.52
C GLU G 181 -34.33 35.96 -27.41
N TYR G 182 -33.83 35.37 -26.32
CA TYR G 182 -33.34 36.20 -25.24
C TYR G 182 -32.06 36.92 -25.65
N VAL G 183 -31.26 36.33 -26.52
CA VAL G 183 -30.03 37.01 -26.94
C VAL G 183 -30.36 38.22 -27.80
N GLU G 184 -31.35 38.11 -28.68
CA GLU G 184 -31.81 39.29 -29.39
C GLU G 184 -32.32 40.35 -28.42
N GLY G 185 -32.98 39.92 -27.33
CA GLY G 185 -33.43 40.89 -26.33
C GLY G 185 -32.28 41.55 -25.59
N LEU G 186 -31.22 40.78 -25.31
CA LEU G 186 -30.02 41.35 -24.71
C LEU G 186 -29.37 42.37 -25.64
N LEU G 187 -29.33 42.07 -26.94
CA LEU G 187 -28.77 43.03 -27.89
C LEU G 187 -29.61 44.30 -27.93
N LYS G 188 -30.93 44.17 -28.04
CA LYS G 188 -31.79 45.34 -28.05
C LYS G 188 -31.63 46.17 -26.78
N GLU G 189 -31.62 45.50 -25.61
CA GLU G 189 -31.46 46.20 -24.34
C GLU G 189 -30.12 46.94 -24.27
N SER G 190 -29.09 46.42 -24.93
CA SER G 190 -27.78 47.07 -24.95
C SER G 190 -27.77 48.35 -25.78
N GLY G 191 -28.73 48.52 -26.68
CA GLY G 191 -28.86 49.73 -27.48
C GLY G 191 -28.78 49.53 -28.98
N PHE G 192 -28.50 48.33 -29.48
CA PHE G 192 -28.24 48.17 -30.90
C PHE G 192 -29.50 48.43 -31.73
N SER G 193 -29.35 49.20 -32.80
CA SER G 193 -30.47 49.67 -33.59
C SER G 193 -30.92 48.69 -34.66
N LYS G 194 -30.05 47.78 -35.07
CA LYS G 194 -30.30 46.93 -36.23
C LYS G 194 -29.71 45.56 -35.93
N ILE G 195 -30.55 44.53 -35.94
CA ILE G 195 -30.15 43.17 -35.61
C ILE G 195 -30.70 42.25 -36.69
N GLU G 196 -29.81 41.49 -37.35
CA GLU G 196 -30.22 40.61 -38.44
C GLU G 196 -29.58 39.23 -38.29
N ARG G 197 -30.40 38.21 -38.12
CA ARG G 197 -29.86 36.85 -38.06
C ARG G 197 -29.53 36.38 -39.47
N ILE G 198 -28.30 35.89 -39.66
CA ILE G 198 -27.89 35.38 -40.96
C ILE G 198 -27.71 33.87 -40.99
N CYS G 199 -27.61 33.22 -39.84
CA CYS G 199 -27.35 31.78 -39.76
C CYS G 199 -28.08 31.25 -38.53
N GLU G 200 -28.90 30.22 -38.70
CA GLU G 200 -29.33 29.39 -37.56
C GLU G 200 -29.32 27.94 -38.03
N VAL G 201 -28.50 27.10 -37.40
CA VAL G 201 -28.34 25.70 -37.78
C VAL G 201 -28.37 24.90 -36.49
N LEU G 202 -29.48 24.19 -36.25
CA LEU G 202 -29.71 23.51 -34.97
C LEU G 202 -29.42 24.49 -33.83
N SER G 203 -28.45 24.15 -32.98
CA SER G 203 -28.18 24.91 -31.77
C SER G 203 -27.19 26.05 -31.96
N THR G 204 -27.00 26.55 -33.18
CA THR G 204 -26.11 27.69 -33.40
C THR G 204 -26.85 28.83 -34.08
N ASP G 205 -26.43 30.05 -33.76
CA ASP G 205 -26.97 31.27 -34.36
C ASP G 205 -25.86 32.28 -34.62
N MET G 206 -26.02 33.08 -35.67
CA MET G 206 -25.10 34.18 -35.91
C MET G 206 -25.87 35.40 -36.39
N TRP G 207 -25.56 36.58 -35.85
CA TRP G 207 -26.22 37.82 -36.22
C TRP G 207 -25.21 38.84 -36.71
N VAL G 208 -25.67 39.69 -37.62
CA VAL G 208 -24.98 40.93 -37.97
C VAL G 208 -25.71 42.07 -37.29
N VAL G 209 -24.98 42.90 -36.57
CA VAL G 209 -25.59 43.86 -35.66
C VAL G 209 -24.95 45.22 -35.86
N ARG G 210 -25.76 46.28 -35.88
CA ARG G 210 -25.28 47.64 -36.07
C ARG G 210 -25.69 48.52 -34.89
N LYS G 211 -24.78 49.39 -34.47
CA LYS G 211 -24.99 50.20 -33.27
C LYS G 211 -26.09 51.24 -33.47
N ILE H 13 -23.31 23.25 -57.82
CA ILE H 13 -24.49 23.44 -57.00
C ILE H 13 -24.08 23.74 -55.55
N ARG H 14 -23.00 23.10 -55.10
CA ARG H 14 -22.44 23.45 -53.80
C ARG H 14 -21.82 24.84 -53.82
N LYS H 15 -21.48 25.37 -55.00
CA LYS H 15 -20.98 26.74 -55.10
C LYS H 15 -22.09 27.77 -54.94
N LYS H 16 -23.36 27.35 -55.09
CA LYS H 16 -24.50 28.27 -55.08
C LYS H 16 -25.40 28.13 -53.86
N VAL H 17 -25.37 27.01 -53.17
CA VAL H 17 -26.28 26.76 -52.05
C VAL H 17 -25.45 26.67 -50.78
N PRO H 18 -25.49 27.67 -49.90
CA PRO H 18 -24.81 27.52 -48.61
C PRO H 18 -25.42 26.37 -47.84
N ALA H 19 -24.58 25.70 -47.05
CA ALA H 19 -24.96 24.55 -46.24
C ALA H 19 -25.48 23.36 -47.07
N TYR H 20 -25.20 23.31 -48.37
CA TYR H 20 -25.64 22.17 -49.18
C TYR H 20 -25.19 20.85 -48.56
N ASP H 21 -23.87 20.68 -48.36
CA ASP H 21 -23.40 19.45 -47.75
C ASP H 21 -23.88 19.34 -46.31
N LEU H 22 -23.91 20.48 -45.61
CA LEU H 22 -24.30 20.50 -44.20
C LEU H 22 -25.73 19.99 -44.01
N MET H 23 -26.66 20.46 -44.84
CA MET H 23 -28.05 20.00 -44.72
C MET H 23 -28.14 18.48 -44.91
N LEU H 24 -27.41 17.95 -45.89
CA LEU H 24 -27.45 16.51 -46.12
C LEU H 24 -26.88 15.74 -44.93
N GLU H 25 -25.76 16.22 -44.39
CA GLU H 25 -25.14 15.57 -43.24
C GLU H 25 -26.09 15.56 -42.04
N ILE H 26 -26.83 16.66 -41.83
CA ILE H 26 -27.75 16.71 -40.70
C ILE H 26 -28.92 15.74 -40.91
N ILE H 27 -29.43 15.62 -42.14
CA ILE H 27 -30.50 14.67 -42.40
C ILE H 27 -30.06 13.26 -42.06
N PHE H 28 -28.95 12.83 -42.62
CA PHE H 28 -28.59 11.42 -42.55
C PHE H 28 -27.85 11.06 -41.28
N ASN H 29 -27.21 12.01 -40.61
CA ASN H 29 -26.50 11.71 -39.37
C ASN H 29 -27.30 12.04 -38.11
N SER H 30 -28.41 12.77 -38.24
CA SER H 30 -29.17 13.18 -37.06
C SER H 30 -30.68 13.01 -37.21
N ILE H 31 -31.29 13.71 -38.16
CA ILE H 31 -32.75 13.84 -38.14
C ILE H 31 -33.42 12.49 -38.31
N LEU H 32 -32.99 11.73 -39.32
CA LEU H 32 -33.65 10.45 -39.58
C LEU H 32 -33.40 9.46 -38.44
N LYS H 33 -32.24 9.54 -37.79
CA LYS H 33 -31.99 8.72 -36.61
C LYS H 33 -33.01 8.99 -35.52
N ILE H 34 -33.30 10.26 -35.25
CA ILE H 34 -34.20 10.62 -34.16
C ILE H 34 -35.66 10.41 -34.55
N GLU H 35 -36.03 10.71 -35.80
CA GLU H 35 -37.43 10.80 -36.19
C GLU H 35 -37.99 9.56 -36.86
N THR H 36 -37.16 8.56 -37.12
CA THR H 36 -37.66 7.36 -37.76
C THR H 36 -37.06 6.09 -37.19
N ASP H 37 -37.79 5.00 -37.37
CA ASP H 37 -37.37 3.68 -36.94
C ASP H 37 -37.32 2.85 -38.20
N ILE H 38 -36.15 2.34 -38.53
CA ILE H 38 -35.96 1.56 -39.74
C ILE H 38 -37.05 0.50 -39.96
N SER H 39 -37.47 -0.15 -38.89
CA SER H 39 -38.48 -1.19 -38.98
C SER H 39 -39.83 -0.69 -39.47
N GLN H 40 -40.17 0.55 -39.16
CA GLN H 40 -41.45 1.10 -39.56
C GLN H 40 -41.46 1.78 -40.93
N ILE H 41 -40.29 2.00 -41.50
CA ILE H 41 -40.21 2.64 -42.81
C ILE H 41 -40.25 1.62 -43.93
N LYS H 42 -41.41 1.52 -44.58
CA LYS H 42 -41.58 0.58 -45.68
C LYS H 42 -41.42 1.25 -47.04
N ASN H 43 -42.09 2.38 -47.23
CA ASN H 43 -42.02 3.12 -48.48
C ASN H 43 -41.45 4.52 -48.32
N ILE H 44 -40.48 4.86 -49.16
CA ILE H 44 -39.86 6.18 -49.13
C ILE H 44 -40.04 6.88 -50.46
N LEU H 45 -40.50 8.12 -50.43
CA LEU H 45 -40.73 8.91 -51.63
C LEU H 45 -39.61 9.93 -51.75
N SER H 46 -38.84 9.83 -52.83
CA SER H 46 -37.75 10.78 -53.08
C SER H 46 -38.17 11.60 -54.32
N ILE H 47 -38.35 12.90 -54.12
CA ILE H 47 -38.81 13.81 -55.17
C ILE H 47 -37.65 14.69 -55.58
N GLY H 48 -37.24 14.61 -56.84
CA GLY H 48 -36.19 15.47 -57.33
C GLY H 48 -34.82 15.18 -56.73
N GLY H 49 -34.65 14.00 -56.17
CA GLY H 49 -33.42 13.70 -55.45
C GLY H 49 -32.22 13.56 -56.36
N GLN H 50 -31.05 13.85 -55.80
CA GLN H 50 -29.79 13.57 -56.45
C GLN H 50 -29.28 12.21 -56.00
N SER H 51 -28.28 11.70 -56.72
CA SER H 51 -27.81 10.33 -56.48
C SER H 51 -27.28 10.14 -55.06
N PHE H 52 -26.53 11.11 -54.53
CA PHE H 52 -26.04 10.98 -53.15
C PHE H 52 -27.20 10.79 -52.18
N GLU H 53 -28.29 11.52 -52.39
CA GLU H 53 -29.46 11.42 -51.55
C GLU H 53 -30.09 10.03 -51.64
N VAL H 54 -30.28 9.52 -52.86
CA VAL H 54 -30.87 8.20 -53.05
C VAL H 54 -29.96 7.13 -52.46
N LYS H 55 -28.65 7.27 -52.68
CA LYS H 55 -27.70 6.28 -52.16
C LYS H 55 -27.77 6.18 -50.65
N ASN H 56 -27.79 7.32 -49.96
CA ASN H 56 -27.80 7.27 -48.50
C ASN H 56 -29.13 6.72 -47.98
N LEU H 57 -30.26 7.09 -48.60
CA LEU H 57 -31.53 6.48 -48.24
C LEU H 57 -31.48 4.96 -48.42
N SER H 58 -30.86 4.51 -49.52
CA SER H 58 -30.80 3.07 -49.78
C SER H 58 -29.95 2.35 -48.74
N LYS H 59 -28.87 2.98 -48.28
CA LYS H 59 -28.01 2.34 -47.28
C LYS H 59 -28.73 2.22 -45.95
N ILE H 60 -29.38 3.31 -45.52
CA ILE H 60 -29.99 3.35 -44.19
C ILE H 60 -31.23 2.46 -44.13
N TYR H 61 -32.03 2.48 -45.19
CA TYR H 61 -33.27 1.72 -45.23
C TYR H 61 -33.21 0.58 -46.24
N ASN H 62 -32.35 -0.39 -45.95
CA ASN H 62 -32.15 -1.55 -46.80
C ASN H 62 -33.41 -2.31 -47.19
N ASN H 63 -34.32 -2.50 -46.24
CA ASN H 63 -35.54 -3.24 -46.49
C ASN H 63 -36.69 -2.39 -47.00
N SER H 64 -36.42 -1.13 -47.30
CA SER H 64 -37.46 -0.24 -47.80
C SER H 64 -37.38 -0.08 -49.30
N LYS H 65 -38.52 0.28 -49.89
CA LYS H 65 -38.58 0.52 -51.31
C LYS H 65 -38.53 2.03 -51.47
N ILE H 66 -37.62 2.51 -52.29
CA ILE H 66 -37.49 3.94 -52.52
C ILE H 66 -38.08 4.31 -53.88
N THR H 67 -39.12 5.13 -53.88
CA THR H 67 -39.76 5.57 -55.12
C THR H 67 -39.06 6.85 -55.56
N ILE H 68 -38.57 6.85 -56.79
CA ILE H 68 -37.80 7.97 -57.33
C ILE H 68 -38.65 8.68 -58.38
N ILE H 69 -38.91 9.97 -58.17
CA ILE H 69 -39.63 10.78 -59.15
C ILE H 69 -38.81 12.03 -59.45
N GLU H 70 -38.55 12.26 -60.73
CA GLU H 70 -37.76 13.39 -61.19
C GLU H 70 -38.61 14.28 -62.10
N PRO H 71 -38.28 15.57 -62.21
CA PRO H 71 -39.12 16.48 -63.00
C PRO H 71 -38.99 16.29 -64.49
N SER H 72 -38.06 15.46 -64.96
CA SER H 72 -37.94 15.19 -66.39
C SER H 72 -37.32 13.82 -66.61
N GLU H 73 -37.56 13.27 -67.80
CA GLU H 73 -36.93 12.00 -68.15
C GLU H 73 -35.41 12.12 -68.18
N ILE H 74 -34.89 13.27 -68.63
CA ILE H 74 -33.44 13.43 -68.69
C ILE H 74 -32.84 13.32 -67.29
N MET H 75 -33.44 14.01 -66.31
CA MET H 75 -32.91 13.93 -64.96
C MET H 75 -33.09 12.54 -64.38
N LEU H 76 -34.22 11.89 -64.69
CA LEU H 76 -34.43 10.52 -64.24
C LEU H 76 -33.32 9.61 -64.73
N ASN H 77 -32.92 9.76 -65.99
CA ASN H 77 -31.90 8.87 -66.54
C ASN H 77 -30.55 9.11 -65.86
N ILE H 78 -30.22 10.37 -65.57
CA ILE H 78 -28.95 10.66 -64.89
C ILE H 78 -28.90 9.93 -63.55
N VAL H 79 -29.96 10.04 -62.76
CA VAL H 79 -29.98 9.40 -61.43
C VAL H 79 -29.95 7.89 -61.56
N LYS H 80 -30.69 7.35 -62.54
CA LYS H 80 -30.73 5.91 -62.78
C LYS H 80 -29.34 5.35 -63.03
N ASN H 81 -28.56 6.01 -63.89
CA ASN H 81 -27.22 5.53 -64.19
C ASN H 81 -26.35 5.54 -62.95
N GLU H 82 -26.43 6.62 -62.17
CA GLU H 82 -25.62 6.74 -60.97
C GLU H 82 -26.02 5.76 -59.86
N CYS H 83 -27.17 5.08 -59.97
CA CYS H 83 -27.65 4.18 -58.91
C CYS H 83 -27.99 2.79 -59.46
N LYS H 84 -27.14 2.24 -60.35
CA LYS H 84 -27.51 0.98 -60.98
C LYS H 84 -27.29 -0.24 -60.08
N ASN H 85 -26.34 -0.19 -59.15
CA ASN H 85 -26.13 -1.31 -58.25
C ASN H 85 -27.26 -1.45 -57.24
N LEU H 86 -27.97 -0.36 -56.94
CA LEU H 86 -28.95 -0.38 -55.87
C LEU H 86 -30.15 -1.24 -56.25
N LYS H 87 -30.68 -1.98 -55.28
CA LYS H 87 -31.68 -2.99 -55.56
C LYS H 87 -33.06 -2.67 -55.01
N ASN H 88 -33.23 -1.59 -54.26
CA ASN H 88 -34.52 -1.29 -53.65
C ASN H 88 -35.15 -0.02 -54.23
N LEU H 89 -34.84 0.30 -55.49
CA LEU H 89 -35.33 1.52 -56.13
C LEU H 89 -36.46 1.22 -57.09
N GLU H 90 -37.44 2.09 -57.09
CA GLU H 90 -38.54 2.07 -58.03
C GLU H 90 -38.52 3.42 -58.74
N TYR H 91 -38.47 3.41 -60.07
CA TYR H 91 -38.49 4.63 -60.85
C TYR H 91 -39.87 4.87 -61.45
N ILE H 92 -40.38 6.09 -61.29
CA ILE H 92 -41.62 6.52 -61.92
C ILE H 92 -41.25 7.27 -63.19
N TYR H 93 -41.81 6.86 -64.33
CA TYR H 93 -41.48 7.51 -65.60
C TYR H 93 -42.53 8.56 -65.97
N ASP H 94 -42.65 9.54 -65.08
CA ASP H 94 -43.53 10.69 -65.25
C ASP H 94 -43.13 11.68 -64.15
N LYS H 95 -43.65 12.91 -64.25
CA LYS H 95 -43.39 13.88 -63.19
C LYS H 95 -44.40 13.72 -62.05
N PHE H 96 -44.04 14.33 -60.91
CA PHE H 96 -44.83 14.14 -59.68
C PHE H 96 -46.25 14.64 -59.84
N GLU H 97 -46.44 15.70 -60.63
CA GLU H 97 -47.78 16.26 -60.85
C GLU H 97 -48.74 15.23 -61.43
N ASN H 98 -48.22 14.24 -62.15
CA ASN H 98 -49.04 13.22 -62.82
C ASN H 98 -49.04 11.87 -62.11
N TYR H 99 -48.28 11.73 -61.02
CA TYR H 99 -48.15 10.48 -60.30
C TYR H 99 -49.40 10.23 -59.46
N LYS H 100 -50.18 9.19 -59.81
CA LYS H 100 -51.47 8.91 -59.20
C LYS H 100 -51.46 7.45 -58.75
N ASP H 101 -50.88 7.24 -57.57
CA ASP H 101 -50.75 5.92 -56.98
C ASP H 101 -51.03 6.09 -55.50
N ASN H 102 -51.97 5.31 -54.96
CA ASN H 102 -52.39 5.52 -53.58
C ASN H 102 -51.48 4.80 -52.58
N LYS H 103 -50.28 4.41 -53.00
CA LYS H 103 -49.25 3.96 -52.07
C LYS H 103 -49.04 5.03 -51.00
N ASN H 104 -48.98 4.60 -49.75
CA ASN H 104 -48.73 5.51 -48.65
C ASN H 104 -47.27 5.40 -48.23
N PHE H 105 -46.65 6.54 -47.99
CA PHE H 105 -45.23 6.62 -47.66
C PHE H 105 -45.06 7.04 -46.21
N GLU H 106 -44.06 6.50 -45.55
CA GLU H 106 -43.75 6.92 -44.18
C GLU H 106 -42.73 8.05 -44.16
N LEU H 107 -42.01 8.27 -45.25
CA LEU H 107 -40.95 9.26 -45.34
C LEU H 107 -40.92 9.85 -46.73
N CYS H 108 -40.71 11.16 -46.81
CA CYS H 108 -40.56 11.85 -48.09
C CYS H 108 -39.45 12.89 -47.95
N LEU H 109 -38.56 12.92 -48.94
CA LEU H 109 -37.46 13.88 -49.02
C LEU H 109 -37.64 14.72 -50.27
N CYS H 110 -37.64 16.03 -50.09
CA CYS H 110 -37.91 16.95 -51.19
C CYS H 110 -36.96 18.15 -51.01
N LEU H 111 -35.73 17.99 -51.50
CA LEU H 111 -34.63 18.90 -51.18
C LEU H 111 -34.35 19.82 -52.36
N LEU H 112 -34.55 21.13 -52.14
CA LEU H 112 -34.20 22.17 -53.12
C LEU H 112 -34.98 21.97 -54.43
N VAL H 113 -36.25 21.63 -54.29
CA VAL H 113 -37.12 21.34 -55.43
C VAL H 113 -38.21 22.40 -55.59
N LEU H 114 -38.79 22.87 -54.48
CA LEU H 114 -40.00 23.69 -54.52
C LEU H 114 -39.82 24.98 -55.28
N GLN H 115 -38.61 25.54 -55.29
CA GLN H 115 -38.42 26.79 -56.03
C GLN H 115 -38.48 26.57 -57.53
N PHE H 116 -38.53 25.33 -57.99
CA PHE H 116 -38.66 25.02 -59.41
C PHE H 116 -40.03 24.43 -59.78
N ILE H 117 -40.97 24.40 -58.84
CA ILE H 117 -42.27 23.75 -59.05
C ILE H 117 -43.28 24.78 -59.56
N GLU H 118 -44.01 24.41 -60.62
CA GLU H 118 -44.95 25.35 -61.23
C GLU H 118 -46.05 25.76 -60.26
N GLU H 119 -46.62 24.78 -59.54
CA GLU H 119 -47.77 25.00 -58.67
C GLU H 119 -47.47 24.46 -57.28
N PRO H 120 -46.71 25.21 -56.48
CA PRO H 120 -46.23 24.66 -55.21
C PRO H 120 -47.32 24.24 -54.25
N GLN H 121 -48.51 24.86 -54.31
CA GLN H 121 -49.54 24.53 -53.33
C GLN H 121 -50.09 23.13 -53.54
N SER H 122 -50.49 22.80 -54.78
CA SER H 122 -51.01 21.46 -55.02
C SER H 122 -49.91 20.41 -54.95
N PHE H 123 -48.66 20.80 -55.23
CA PHE H 123 -47.51 19.91 -55.06
C PHE H 123 -47.41 19.43 -53.61
N LEU H 124 -47.48 20.37 -52.65
CA LEU H 124 -47.35 20.00 -51.25
C LEU H 124 -48.57 19.24 -50.75
N GLU H 125 -49.77 19.60 -51.23
CA GLU H 125 -50.95 18.82 -50.86
C GLU H 125 -50.84 17.39 -51.33
N LYS H 126 -50.26 17.18 -52.51
CA LYS H 126 -50.05 15.81 -52.99
C LYS H 126 -49.08 15.06 -52.10
N ILE H 127 -48.01 15.72 -51.66
CA ILE H 127 -47.11 15.08 -50.70
C ILE H 127 -47.87 14.72 -49.43
N TYR H 128 -48.63 15.68 -48.89
CA TYR H 128 -49.43 15.43 -47.69
C TYR H 128 -50.32 14.21 -47.87
N ASN H 129 -51.02 14.12 -49.00
CA ASN H 129 -51.92 12.98 -49.24
C ASN H 129 -51.16 11.68 -49.46
N SER H 130 -49.94 11.75 -49.97
CA SER H 130 -49.14 10.55 -50.17
C SER H 130 -48.56 10.00 -48.88
N LEU H 131 -48.47 10.80 -47.83
CA LEU H 131 -47.86 10.36 -46.59
C LEU H 131 -48.86 9.60 -45.72
N ASP H 132 -48.32 8.68 -44.93
CA ASP H 132 -49.08 7.99 -43.89
C ASP H 132 -49.40 8.96 -42.75
N SER H 133 -50.27 8.51 -41.84
CA SER H 133 -50.80 9.38 -40.79
C SER H 133 -49.72 10.12 -40.02
N ASN H 134 -48.65 9.41 -39.63
CA ASN H 134 -47.54 10.04 -38.91
C ASN H 134 -46.30 10.19 -39.79
N GLY H 135 -46.49 10.33 -41.10
CA GLY H 135 -45.36 10.37 -42.01
C GLY H 135 -44.54 11.62 -41.86
N LEU H 136 -43.26 11.49 -42.24
CA LEU H 136 -42.25 12.53 -42.11
C LEU H 136 -41.85 13.08 -43.48
N LEU H 137 -41.85 14.41 -43.60
CA LEU H 137 -41.35 15.12 -44.77
C LEU H 137 -40.17 15.99 -44.36
N ILE H 138 -39.06 15.87 -45.07
CA ILE H 138 -37.96 16.80 -44.94
C ILE H 138 -37.90 17.62 -46.22
N ILE H 139 -37.99 18.94 -46.07
CA ILE H 139 -38.08 19.81 -47.23
C ILE H 139 -37.16 21.01 -47.07
N SER H 140 -36.50 21.41 -48.16
CA SER H 140 -35.60 22.55 -48.15
C SER H 140 -35.81 23.37 -49.40
N ILE H 141 -35.48 24.67 -49.31
CA ILE H 141 -35.69 25.59 -50.41
C ILE H 141 -34.51 26.54 -50.54
N PHE H 142 -34.35 27.07 -51.74
CA PHE H 142 -33.63 28.31 -51.96
C PHE H 142 -34.66 29.44 -51.94
N SER H 143 -34.46 30.42 -51.05
CA SER H 143 -35.45 31.45 -50.77
C SER H 143 -35.07 32.76 -51.45
N ASN H 144 -35.83 33.83 -51.15
CA ASN H 144 -35.52 35.17 -51.62
C ASN H 144 -34.86 36.03 -50.53
N LYS H 145 -34.40 35.41 -49.45
CA LYS H 145 -33.89 36.17 -48.31
C LYS H 145 -32.38 36.36 -48.38
N GLN H 146 -31.93 37.59 -48.10
CA GLN H 146 -30.49 37.88 -47.96
C GLN H 146 -29.72 37.52 -49.24
N LEU H 147 -30.28 37.90 -50.38
CA LEU H 147 -29.60 37.58 -51.64
C LEU H 147 -28.36 38.44 -51.83
N THR H 148 -28.27 39.60 -51.17
CA THR H 148 -27.06 40.41 -51.28
C THR H 148 -25.86 39.67 -50.67
N TYR H 149 -26.02 39.15 -49.45
CA TYR H 149 -24.98 38.32 -48.86
C TYR H 149 -24.77 37.03 -49.65
N TRP H 150 -25.87 36.41 -50.11
CA TRP H 150 -25.74 35.18 -50.89
C TRP H 150 -24.89 35.42 -52.13
N LYS H 151 -25.09 36.56 -52.78
CA LYS H 151 -24.38 36.84 -54.04
C LYS H 151 -22.87 36.81 -53.82
N GLU H 152 -22.39 37.52 -52.78
CA GLU H 152 -20.95 37.49 -52.51
C GLU H 152 -20.48 36.10 -52.12
N PHE H 153 -21.27 35.39 -51.30
CA PHE H 153 -20.92 34.02 -50.94
C PHE H 153 -20.72 33.17 -52.19
N ALA H 154 -21.67 33.23 -53.13
CA ALA H 154 -21.59 32.37 -54.31
C ALA H 154 -20.43 32.77 -55.22
N LEU H 155 -20.24 34.07 -55.46
CA LEU H 155 -19.12 34.52 -56.30
C LEU H 155 -17.78 34.05 -55.74
N SER H 156 -17.64 34.01 -54.42
CA SER H 156 -16.33 33.67 -53.87
C SER H 156 -16.07 32.17 -53.87
N ARG H 157 -17.11 31.36 -54.06
CA ARG H 157 -16.96 29.92 -54.24
C ARG H 157 -16.74 29.52 -55.69
N GLY H 158 -16.73 30.47 -56.61
CA GLY H 158 -16.50 30.18 -58.02
C GLY H 158 -17.74 30.06 -58.89
N ALA H 159 -18.90 30.56 -58.45
CA ALA H 159 -20.08 30.48 -59.29
C ALA H 159 -20.01 31.51 -60.42
N LYS H 160 -20.60 31.14 -61.56
CA LYS H 160 -20.56 31.99 -62.74
C LYS H 160 -21.23 33.33 -62.47
N LYS H 161 -20.47 34.42 -62.70
CA LYS H 161 -20.94 35.75 -62.32
C LYS H 161 -22.22 36.14 -63.05
N GLU H 162 -22.45 35.59 -64.24
CA GLU H 162 -23.67 35.90 -64.97
C GLU H 162 -24.87 35.20 -64.35
N GLN H 163 -24.71 33.93 -63.95
CA GLN H 163 -25.81 33.20 -63.33
C GLN H 163 -26.15 33.80 -61.97
N VAL H 164 -25.13 34.15 -61.18
CA VAL H 164 -25.38 34.78 -59.88
C VAL H 164 -26.14 36.07 -60.06
N GLU H 165 -25.71 36.91 -61.03
CA GLU H 165 -26.35 38.20 -61.25
C GLU H 165 -27.80 38.06 -61.69
N LYS H 166 -28.12 37.00 -62.44
CA LYS H 166 -29.50 36.82 -62.88
C LYS H 166 -30.39 36.42 -61.70
N THR H 167 -29.92 35.47 -60.89
CA THR H 167 -30.64 35.13 -59.67
C THR H 167 -30.77 36.34 -58.76
N PHE H 168 -29.69 37.10 -58.59
CA PHE H 168 -29.70 38.24 -57.69
C PHE H 168 -30.67 39.32 -58.17
N ASN H 169 -30.60 39.69 -59.45
CA ASN H 169 -31.34 40.85 -59.92
C ASN H 169 -32.72 40.49 -60.47
N ASN H 170 -32.90 39.27 -60.93
CA ASN H 170 -34.12 38.86 -61.64
C ASN H 170 -34.49 37.43 -61.24
N GLN H 171 -34.64 37.20 -59.93
CA GLN H 171 -34.79 35.84 -59.43
C GLN H 171 -35.97 35.13 -60.08
N SER H 172 -37.06 35.86 -60.36
CA SER H 172 -38.25 35.26 -60.94
C SER H 172 -37.99 34.65 -62.32
N GLU H 173 -36.97 35.13 -63.04
CA GLU H 173 -36.59 34.52 -64.31
C GLU H 173 -35.90 33.17 -64.14
N VAL H 174 -35.51 32.82 -62.92
CA VAL H 174 -34.76 31.61 -62.65
C VAL H 174 -35.56 30.59 -61.85
N MET H 175 -36.46 31.04 -60.97
CA MET H 175 -37.11 30.17 -60.00
C MET H 175 -38.29 30.92 -59.41
N ASN H 176 -39.09 30.20 -58.62
CA ASN H 176 -40.09 30.85 -57.78
C ASN H 176 -39.40 31.74 -56.76
N ILE H 177 -39.98 32.90 -56.52
CA ILE H 177 -39.56 33.77 -55.43
C ILE H 177 -40.29 33.31 -54.18
N LEU H 178 -39.56 32.65 -53.27
CA LEU H 178 -40.16 31.99 -52.12
C LEU H 178 -39.62 32.61 -50.84
N SER H 179 -40.50 33.23 -50.05
CA SER H 179 -40.10 33.57 -48.69
C SER H 179 -40.30 32.39 -47.75
N PRO H 180 -39.46 32.24 -46.72
CA PRO H 180 -39.69 31.17 -45.74
C PRO H 180 -41.05 31.25 -45.10
N GLU H 181 -41.55 32.46 -44.86
CA GLU H 181 -42.86 32.63 -44.21
C GLU H 181 -43.98 32.10 -45.10
N TYR H 182 -43.95 32.43 -46.40
CA TYR H 182 -44.99 31.93 -47.28
C TYR H 182 -44.88 30.41 -47.45
N VAL H 183 -43.67 29.87 -47.40
CA VAL H 183 -43.55 28.43 -47.56
C VAL H 183 -44.12 27.73 -46.34
N GLU H 184 -43.89 28.28 -45.15
CA GLU H 184 -44.53 27.72 -43.97
C GLU H 184 -46.04 27.80 -44.08
N GLY H 185 -46.56 28.90 -44.66
CA GLY H 185 -48.00 29.00 -44.88
C GLY H 185 -48.53 27.99 -45.87
N LEU H 186 -47.80 27.76 -46.97
CA LEU H 186 -48.14 26.70 -47.91
C LEU H 186 -48.18 25.33 -47.22
N LEU H 187 -47.22 25.06 -46.33
CA LEU H 187 -47.24 23.79 -45.62
C LEU H 187 -48.46 23.68 -44.73
N LYS H 188 -48.75 24.73 -43.94
CA LYS H 188 -49.91 24.66 -43.04
C LYS H 188 -51.21 24.49 -43.83
N GLU H 189 -51.35 25.22 -44.93
CA GLU H 189 -52.54 25.08 -45.78
C GLU H 189 -52.65 23.68 -46.37
N SER H 190 -51.52 23.00 -46.56
CA SER H 190 -51.56 21.63 -47.06
C SER H 190 -52.05 20.63 -46.02
N GLY H 191 -52.03 21.01 -44.74
CA GLY H 191 -52.55 20.18 -43.67
C GLY H 191 -51.54 19.75 -42.61
N PHE H 192 -50.25 20.04 -42.76
CA PHE H 192 -49.25 19.43 -41.88
C PHE H 192 -49.38 19.92 -40.44
N SER H 193 -49.28 18.98 -39.49
CA SER H 193 -49.48 19.28 -38.07
C SER H 193 -48.30 20.03 -37.48
N LYS H 194 -47.09 19.50 -37.67
CA LYS H 194 -45.89 20.02 -37.04
C LYS H 194 -44.91 20.45 -38.11
N ILE H 195 -44.42 21.68 -38.00
CA ILE H 195 -43.47 22.28 -38.92
C ILE H 195 -42.33 22.85 -38.08
N GLU H 196 -41.12 22.31 -38.24
CA GLU H 196 -39.97 22.77 -37.46
C GLU H 196 -38.82 23.15 -38.39
N ARG H 197 -38.42 24.41 -38.38
CA ARG H 197 -37.26 24.82 -39.15
C ARG H 197 -35.98 24.38 -38.43
N ILE H 198 -35.09 23.68 -39.14
CA ILE H 198 -33.85 23.21 -38.54
C ILE H 198 -32.61 23.91 -39.10
N CYS H 199 -32.71 24.60 -40.23
CA CYS H 199 -31.56 25.23 -40.88
C CYS H 199 -32.08 26.48 -41.59
N GLU H 200 -31.47 27.63 -41.35
CA GLU H 200 -31.64 28.78 -42.23
C GLU H 200 -30.29 29.45 -42.34
N VAL H 201 -29.70 29.45 -43.53
CA VAL H 201 -28.38 30.01 -43.79
C VAL H 201 -28.51 30.90 -45.01
N LEU H 202 -28.47 32.22 -44.80
CA LEU H 202 -28.72 33.18 -45.86
C LEU H 202 -29.99 32.80 -46.61
N SER H 203 -29.87 32.53 -47.91
CA SER H 203 -30.98 32.23 -48.80
C SER H 203 -31.49 30.78 -48.74
N THR H 204 -31.08 29.96 -47.79
CA THR H 204 -31.56 28.58 -47.75
C THR H 204 -32.30 28.30 -46.46
N ASP H 205 -33.29 27.41 -46.54
CA ASP H 205 -34.06 26.93 -45.39
C ASP H 205 -34.30 25.43 -45.50
N MET H 206 -34.40 24.76 -44.35
CA MET H 206 -34.78 23.36 -44.32
C MET H 206 -35.69 23.10 -43.12
N TRP H 207 -36.79 22.39 -43.34
CA TRP H 207 -37.75 22.07 -42.29
C TRP H 207 -37.93 20.57 -42.15
N VAL H 208 -38.23 20.16 -40.93
CA VAL H 208 -38.76 18.84 -40.63
C VAL H 208 -40.26 18.98 -40.41
N VAL H 209 -41.04 18.17 -41.10
CA VAL H 209 -42.49 18.37 -41.18
C VAL H 209 -43.19 17.04 -40.93
N ARG H 210 -44.25 17.05 -40.13
CA ARG H 210 -44.99 15.84 -39.80
C ARG H 210 -46.46 16.01 -40.17
N LYS H 211 -47.05 14.94 -40.71
CA LYS H 211 -48.42 14.99 -41.21
C LYS H 211 -49.41 15.10 -40.08
#